data_4GIO
# 
_entry.id   4GIO 
# 
_audit_conform.dict_name       mmcif_pdbx.dic 
_audit_conform.dict_version    5.387 
_audit_conform.dict_location   http://mmcif.pdb.org/dictionaries/ascii/mmcif_pdbx.dic 
# 
loop_
_database_2.database_id 
_database_2.database_code 
_database_2.pdbx_database_accession 
_database_2.pdbx_DOI 
PDB   4GIO         pdb_00004gio 10.2210/pdb4gio/pdb 
RCSB  RCSB074231   ?            ?                   
WWPDB D_1000074231 ?            ?                   
# 
loop_
_pdbx_audit_revision_history.ordinal 
_pdbx_audit_revision_history.data_content_type 
_pdbx_audit_revision_history.major_revision 
_pdbx_audit_revision_history.minor_revision 
_pdbx_audit_revision_history.revision_date 
1 'Structure model' 1 0 2012-09-26 
2 'Structure model' 1 1 2012-11-14 
3 'Structure model' 1 2 2024-02-28 
# 
_pdbx_audit_revision_details.ordinal             1 
_pdbx_audit_revision_details.revision_ordinal    1 
_pdbx_audit_revision_details.data_content_type   'Structure model' 
_pdbx_audit_revision_details.provider            repository 
_pdbx_audit_revision_details.type                'Initial release' 
_pdbx_audit_revision_details.description         ? 
_pdbx_audit_revision_details.details             ? 
# 
loop_
_pdbx_audit_revision_group.ordinal 
_pdbx_audit_revision_group.revision_ordinal 
_pdbx_audit_revision_group.data_content_type 
_pdbx_audit_revision_group.group 
1 2 'Structure model' 'Database references'  
2 3 'Structure model' 'Data collection'      
3 3 'Structure model' 'Database references'  
4 3 'Structure model' 'Derived calculations' 
# 
loop_
_pdbx_audit_revision_category.ordinal 
_pdbx_audit_revision_category.revision_ordinal 
_pdbx_audit_revision_category.data_content_type 
_pdbx_audit_revision_category.category 
1 3 'Structure model' chem_comp_atom 
2 3 'Structure model' chem_comp_bond 
3 3 'Structure model' database_2     
4 3 'Structure model' struct_site    
# 
loop_
_pdbx_audit_revision_item.ordinal 
_pdbx_audit_revision_item.revision_ordinal 
_pdbx_audit_revision_item.data_content_type 
_pdbx_audit_revision_item.item 
1 3 'Structure model' '_database_2.pdbx_DOI'                
2 3 'Structure model' '_database_2.pdbx_database_accession' 
3 3 'Structure model' '_struct_site.pdbx_auth_asym_id'      
4 3 'Structure model' '_struct_site.pdbx_auth_comp_id'      
5 3 'Structure model' '_struct_site.pdbx_auth_seq_id'       
# 
_pdbx_database_status.status_code                     REL 
_pdbx_database_status.entry_id                        4GIO 
_pdbx_database_status.recvd_initial_deposition_date   2012-08-08 
_pdbx_database_status.deposit_site                    RCSB 
_pdbx_database_status.process_site                    RCSB 
_pdbx_database_status.status_code_sf                  REL 
_pdbx_database_status.status_code_mr                  ? 
_pdbx_database_status.SG_entry                        ? 
_pdbx_database_status.status_code_cs                  ? 
_pdbx_database_status.methods_development_category    ? 
_pdbx_database_status.pdb_format_compatible           Y 
_pdbx_database_status.status_code_nmr_data            ? 
# 
loop_
_audit_author.name 
_audit_author.pdbx_ordinal 
'Kawai, F.' 1 
'Yeo, H.J.' 2 
# 
_citation.id                        primary 
_citation.title                     
;Crystal structure of the Campylobacter jejuni Cj0090 protein reveals a novel variant of the immunoglobulin fold among bacterial lipoproteins.
;
_citation.journal_abbrev            Proteins 
_citation.journal_volume            80 
_citation.page_first                2804 
_citation.page_last                 2809 
_citation.year                      2012 
_citation.journal_id_ASTM           PSFGEY 
_citation.country                   US 
_citation.journal_id_ISSN           0887-3585 
_citation.journal_id_CSD            0867 
_citation.book_publisher            ? 
_citation.pdbx_database_id_PubMed   22987763 
_citation.pdbx_database_id_DOI      10.1002/prot.24182 
# 
loop_
_citation_author.citation_id 
_citation_author.name 
_citation_author.ordinal 
_citation_author.identifier_ORCID 
primary 'Paek, S.'   1 ? 
primary 'Kawai, F.'  2 ? 
primary 'Choi, K.J.' 3 ? 
primary 'Yeo, H.J.'  4 ? 
# 
loop_
_entity.id 
_entity.type 
_entity.src_method 
_entity.pdbx_description 
_entity.formula_weight 
_entity.pdbx_number_of_molecules 
_entity.pdbx_ec 
_entity.pdbx_mutation 
_entity.pdbx_fragment 
_entity.details 
1 polymer     man 'Putative lipoprotein' 12307.028 2   ? ? 'UNP RESIDUES 16-122' ? 
2 non-polymer syn 'BROMIDE ION'          79.904    3   ? ? ?                     ? 
3 water       nat water                  18.015    133 ? ? ?                     ? 
# 
_entity_poly.entity_id                      1 
_entity_poly.type                           'polypeptide(L)' 
_entity_poly.nstd_linkage                   no 
_entity_poly.nstd_monomer                   no 
_entity_poly.pdbx_seq_one_letter_code       
;CAPSYQINSNQNTVILGSNLPKSLVKQFQKRINSNGYLEFEVILRSTFAKDVIYKVDWLDKDGFVLRDVLNEDYQALRIP
AGQEVILRKLASDTRANDFRLEIKAKN
;
_entity_poly.pdbx_seq_one_letter_code_can   
;CAPSYQINSNQNTVILGSNLPKSLVKQFQKRINSNGYLEFEVILRSTFAKDVIYKVDWLDKDGFVLRDVLNEDYQALRIP
AGQEVILRKLASDTRANDFRLEIKAKN
;
_entity_poly.pdbx_strand_id                 A,B 
_entity_poly.pdbx_target_identifier         ? 
# 
loop_
_pdbx_entity_nonpoly.entity_id 
_pdbx_entity_nonpoly.name 
_pdbx_entity_nonpoly.comp_id 
2 'BROMIDE ION' BR  
3 water         HOH 
# 
loop_
_entity_poly_seq.entity_id 
_entity_poly_seq.num 
_entity_poly_seq.mon_id 
_entity_poly_seq.hetero 
1 1   CYS n 
1 2   ALA n 
1 3   PRO n 
1 4   SER n 
1 5   TYR n 
1 6   GLN n 
1 7   ILE n 
1 8   ASN n 
1 9   SER n 
1 10  ASN n 
1 11  GLN n 
1 12  ASN n 
1 13  THR n 
1 14  VAL n 
1 15  ILE n 
1 16  LEU n 
1 17  GLY n 
1 18  SER n 
1 19  ASN n 
1 20  LEU n 
1 21  PRO n 
1 22  LYS n 
1 23  SER n 
1 24  LEU n 
1 25  VAL n 
1 26  LYS n 
1 27  GLN n 
1 28  PHE n 
1 29  GLN n 
1 30  LYS n 
1 31  ARG n 
1 32  ILE n 
1 33  ASN n 
1 34  SER n 
1 35  ASN n 
1 36  GLY n 
1 37  TYR n 
1 38  LEU n 
1 39  GLU n 
1 40  PHE n 
1 41  GLU n 
1 42  VAL n 
1 43  ILE n 
1 44  LEU n 
1 45  ARG n 
1 46  SER n 
1 47  THR n 
1 48  PHE n 
1 49  ALA n 
1 50  LYS n 
1 51  ASP n 
1 52  VAL n 
1 53  ILE n 
1 54  TYR n 
1 55  LYS n 
1 56  VAL n 
1 57  ASP n 
1 58  TRP n 
1 59  LEU n 
1 60  ASP n 
1 61  LYS n 
1 62  ASP n 
1 63  GLY n 
1 64  PHE n 
1 65  VAL n 
1 66  LEU n 
1 67  ARG n 
1 68  ASP n 
1 69  VAL n 
1 70  LEU n 
1 71  ASN n 
1 72  GLU n 
1 73  ASP n 
1 74  TYR n 
1 75  GLN n 
1 76  ALA n 
1 77  LEU n 
1 78  ARG n 
1 79  ILE n 
1 80  PRO n 
1 81  ALA n 
1 82  GLY n 
1 83  GLN n 
1 84  GLU n 
1 85  VAL n 
1 86  ILE n 
1 87  LEU n 
1 88  ARG n 
1 89  LYS n 
1 90  LEU n 
1 91  ALA n 
1 92  SER n 
1 93  ASP n 
1 94  THR n 
1 95  ARG n 
1 96  ALA n 
1 97  ASN n 
1 98  ASP n 
1 99  PHE n 
1 100 ARG n 
1 101 LEU n 
1 102 GLU n 
1 103 ILE n 
1 104 LYS n 
1 105 ALA n 
1 106 LYS n 
1 107 ASN n 
# 
_entity_src_gen.entity_id                          1 
_entity_src_gen.pdbx_src_id                        1 
_entity_src_gen.pdbx_alt_source_flag               sample 
_entity_src_gen.pdbx_seq_type                      ? 
_entity_src_gen.pdbx_beg_seq_num                   ? 
_entity_src_gen.pdbx_end_seq_num                   ? 
_entity_src_gen.gene_src_common_name               ? 
_entity_src_gen.gene_src_genus                     ? 
_entity_src_gen.pdbx_gene_src_gene                 Cj0090 
_entity_src_gen.gene_src_species                   ? 
_entity_src_gen.gene_src_strain                    'NCTC 11168' 
_entity_src_gen.gene_src_tissue                    ? 
_entity_src_gen.gene_src_tissue_fraction           ? 
_entity_src_gen.gene_src_details                   ? 
_entity_src_gen.pdbx_gene_src_fragment             ? 
_entity_src_gen.pdbx_gene_src_scientific_name      'Campylobacter jejuni subsp. jejuni' 
_entity_src_gen.pdbx_gene_src_ncbi_taxonomy_id     192222 
_entity_src_gen.pdbx_gene_src_variant              ? 
_entity_src_gen.pdbx_gene_src_cell_line            ? 
_entity_src_gen.pdbx_gene_src_atcc                 700819 
_entity_src_gen.pdbx_gene_src_organ                ? 
_entity_src_gen.pdbx_gene_src_organelle            ? 
_entity_src_gen.pdbx_gene_src_cell                 ? 
_entity_src_gen.pdbx_gene_src_cellular_location    ? 
_entity_src_gen.host_org_common_name               ? 
_entity_src_gen.pdbx_host_org_scientific_name      'Escherichia coli' 
_entity_src_gen.pdbx_host_org_ncbi_taxonomy_id     469008 
_entity_src_gen.host_org_genus                     ? 
_entity_src_gen.pdbx_host_org_gene                 ? 
_entity_src_gen.pdbx_host_org_organ                ? 
_entity_src_gen.host_org_species                   ? 
_entity_src_gen.pdbx_host_org_tissue               ? 
_entity_src_gen.pdbx_host_org_tissue_fraction      ? 
_entity_src_gen.pdbx_host_org_strain               'BL21(DE3)' 
_entity_src_gen.pdbx_host_org_variant              ? 
_entity_src_gen.pdbx_host_org_cell_line            ? 
_entity_src_gen.pdbx_host_org_atcc                 ? 
_entity_src_gen.pdbx_host_org_culture_collection   ? 
_entity_src_gen.pdbx_host_org_cell                 ? 
_entity_src_gen.pdbx_host_org_organelle            ? 
_entity_src_gen.pdbx_host_org_cellular_location    ? 
_entity_src_gen.pdbx_host_org_vector_type          PLASMID 
_entity_src_gen.pdbx_host_org_vector               ? 
_entity_src_gen.host_org_details                   ? 
_entity_src_gen.expression_system_id               ? 
_entity_src_gen.plasmid_name                       PET45B 
_entity_src_gen.plasmid_details                    ? 
_entity_src_gen.pdbx_description                   ? 
# 
loop_
_chem_comp.id 
_chem_comp.type 
_chem_comp.mon_nstd_flag 
_chem_comp.name 
_chem_comp.pdbx_synonyms 
_chem_comp.formula 
_chem_comp.formula_weight 
ALA 'L-peptide linking' y ALANINE         ? 'C3 H7 N O2'     89.093  
ARG 'L-peptide linking' y ARGININE        ? 'C6 H15 N4 O2 1' 175.209 
ASN 'L-peptide linking' y ASPARAGINE      ? 'C4 H8 N2 O3'    132.118 
ASP 'L-peptide linking' y 'ASPARTIC ACID' ? 'C4 H7 N O4'     133.103 
BR  non-polymer         . 'BROMIDE ION'   ? 'Br -1'          79.904  
CYS 'L-peptide linking' y CYSTEINE        ? 'C3 H7 N O2 S'   121.158 
GLN 'L-peptide linking' y GLUTAMINE       ? 'C5 H10 N2 O3'   146.144 
GLU 'L-peptide linking' y 'GLUTAMIC ACID' ? 'C5 H9 N O4'     147.129 
GLY 'peptide linking'   y GLYCINE         ? 'C2 H5 N O2'     75.067  
HOH non-polymer         . WATER           ? 'H2 O'           18.015  
ILE 'L-peptide linking' y ISOLEUCINE      ? 'C6 H13 N O2'    131.173 
LEU 'L-peptide linking' y LEUCINE         ? 'C6 H13 N O2'    131.173 
LYS 'L-peptide linking' y LYSINE          ? 'C6 H15 N2 O2 1' 147.195 
PHE 'L-peptide linking' y PHENYLALANINE   ? 'C9 H11 N O2'    165.189 
PRO 'L-peptide linking' y PROLINE         ? 'C5 H9 N O2'     115.130 
SER 'L-peptide linking' y SERINE          ? 'C3 H7 N O3'     105.093 
THR 'L-peptide linking' y THREONINE       ? 'C4 H9 N O3'     119.119 
TRP 'L-peptide linking' y TRYPTOPHAN      ? 'C11 H12 N2 O2'  204.225 
TYR 'L-peptide linking' y TYROSINE        ? 'C9 H11 N O3'    181.189 
VAL 'L-peptide linking' y VALINE          ? 'C5 H11 N O2'    117.146 
# 
loop_
_pdbx_poly_seq_scheme.asym_id 
_pdbx_poly_seq_scheme.entity_id 
_pdbx_poly_seq_scheme.seq_id 
_pdbx_poly_seq_scheme.mon_id 
_pdbx_poly_seq_scheme.ndb_seq_num 
_pdbx_poly_seq_scheme.pdb_seq_num 
_pdbx_poly_seq_scheme.auth_seq_num 
_pdbx_poly_seq_scheme.pdb_mon_id 
_pdbx_poly_seq_scheme.auth_mon_id 
_pdbx_poly_seq_scheme.pdb_strand_id 
_pdbx_poly_seq_scheme.pdb_ins_code 
_pdbx_poly_seq_scheme.hetero 
A 1 1   CYS 1   16  ?   ?   ?   A . n 
A 1 2   ALA 2   17  ?   ?   ?   A . n 
A 1 3   PRO 3   18  ?   ?   ?   A . n 
A 1 4   SER 4   19  ?   ?   ?   A . n 
A 1 5   TYR 5   20  ?   ?   ?   A . n 
A 1 6   GLN 6   21  ?   ?   ?   A . n 
A 1 7   ILE 7   22  ?   ?   ?   A . n 
A 1 8   ASN 8   23  ?   ?   ?   A . n 
A 1 9   SER 9   24  ?   ?   ?   A . n 
A 1 10  ASN 10  25  ?   ?   ?   A . n 
A 1 11  GLN 11  26  26  GLN GLN A . n 
A 1 12  ASN 12  27  27  ASN ASN A . n 
A 1 13  THR 13  28  28  THR THR A . n 
A 1 14  VAL 14  29  29  VAL VAL A . n 
A 1 15  ILE 15  30  30  ILE ILE A . n 
A 1 16  LEU 16  31  31  LEU LEU A . n 
A 1 17  GLY 17  32  32  GLY GLY A . n 
A 1 18  SER 18  33  33  SER SER A . n 
A 1 19  ASN 19  34  34  ASN ASN A . n 
A 1 20  LEU 20  35  35  LEU LEU A . n 
A 1 21  PRO 21  36  36  PRO PRO A . n 
A 1 22  LYS 22  37  37  LYS LYS A . n 
A 1 23  SER 23  38  38  SER SER A . n 
A 1 24  LEU 24  39  39  LEU LEU A . n 
A 1 25  VAL 25  40  40  VAL VAL A . n 
A 1 26  LYS 26  41  41  LYS LYS A . n 
A 1 27  GLN 27  42  42  GLN GLN A . n 
A 1 28  PHE 28  43  43  PHE PHE A . n 
A 1 29  GLN 29  44  44  GLN GLN A . n 
A 1 30  LYS 30  45  45  LYS LYS A . n 
A 1 31  ARG 31  46  46  ARG ARG A . n 
A 1 32  ILE 32  47  47  ILE ILE A . n 
A 1 33  ASN 33  48  48  ASN ASN A . n 
A 1 34  SER 34  49  49  SER SER A . n 
A 1 35  ASN 35  50  50  ASN ASN A . n 
A 1 36  GLY 36  51  51  GLY GLY A . n 
A 1 37  TYR 37  52  52  TYR TYR A . n 
A 1 38  LEU 38  53  53  LEU LEU A . n 
A 1 39  GLU 39  54  54  GLU GLU A . n 
A 1 40  PHE 40  55  55  PHE PHE A . n 
A 1 41  GLU 41  56  56  GLU GLU A . n 
A 1 42  VAL 42  57  57  VAL VAL A . n 
A 1 43  ILE 43  58  58  ILE ILE A . n 
A 1 44  LEU 44  59  59  LEU LEU A . n 
A 1 45  ARG 45  60  60  ARG ARG A . n 
A 1 46  SER 46  61  61  SER SER A . n 
A 1 47  THR 47  62  62  THR THR A . n 
A 1 48  PHE 48  63  63  PHE PHE A . n 
A 1 49  ALA 49  64  64  ALA ALA A . n 
A 1 50  LYS 50  65  65  LYS LYS A . n 
A 1 51  ASP 51  66  66  ASP ASP A . n 
A 1 52  VAL 52  67  67  VAL VAL A . n 
A 1 53  ILE 53  68  68  ILE ILE A . n 
A 1 54  TYR 54  69  69  TYR TYR A . n 
A 1 55  LYS 55  70  70  LYS LYS A . n 
A 1 56  VAL 56  71  71  VAL VAL A . n 
A 1 57  ASP 57  72  72  ASP ASP A . n 
A 1 58  TRP 58  73  73  TRP TRP A . n 
A 1 59  LEU 59  74  74  LEU LEU A . n 
A 1 60  ASP 60  75  75  ASP ASP A . n 
A 1 61  LYS 61  76  76  LYS LYS A . n 
A 1 62  ASP 62  77  77  ASP ASP A . n 
A 1 63  GLY 63  78  78  GLY GLY A . n 
A 1 64  PHE 64  79  79  PHE PHE A . n 
A 1 65  VAL 65  80  80  VAL VAL A . n 
A 1 66  LEU 66  81  81  LEU LEU A . n 
A 1 67  ARG 67  82  82  ARG ARG A . n 
A 1 68  ASP 68  83  83  ASP ASP A . n 
A 1 69  VAL 69  84  84  VAL VAL A . n 
A 1 70  LEU 70  85  85  LEU LEU A . n 
A 1 71  ASN 71  86  86  ASN ASN A . n 
A 1 72  GLU 72  87  87  GLU GLU A . n 
A 1 73  ASP 73  88  88  ASP ASP A . n 
A 1 74  TYR 74  89  89  TYR TYR A . n 
A 1 75  GLN 75  90  90  GLN GLN A . n 
A 1 76  ALA 76  91  91  ALA ALA A . n 
A 1 77  LEU 77  92  92  LEU LEU A . n 
A 1 78  ARG 78  93  93  ARG ARG A . n 
A 1 79  ILE 79  94  94  ILE ILE A . n 
A 1 80  PRO 80  95  95  PRO PRO A . n 
A 1 81  ALA 81  96  96  ALA ALA A . n 
A 1 82  GLY 82  97  97  GLY GLY A . n 
A 1 83  GLN 83  98  98  GLN GLN A . n 
A 1 84  GLU 84  99  99  GLU GLU A . n 
A 1 85  VAL 85  100 100 VAL VAL A . n 
A 1 86  ILE 86  101 101 ILE ILE A . n 
A 1 87  LEU 87  102 102 LEU LEU A . n 
A 1 88  ARG 88  103 103 ARG ARG A . n 
A 1 89  LYS 89  104 104 LYS LYS A . n 
A 1 90  LEU 90  105 105 LEU LEU A . n 
A 1 91  ALA 91  106 106 ALA ALA A . n 
A 1 92  SER 92  107 107 SER SER A . n 
A 1 93  ASP 93  108 108 ASP ASP A . n 
A 1 94  THR 94  109 109 THR THR A . n 
A 1 95  ARG 95  110 110 ARG ARG A . n 
A 1 96  ALA 96  111 111 ALA ALA A . n 
A 1 97  ASN 97  112 112 ASN ASN A . n 
A 1 98  ASP 98  113 113 ASP ASP A . n 
A 1 99  PHE 99  114 114 PHE PHE A . n 
A 1 100 ARG 100 115 115 ARG ARG A . n 
A 1 101 LEU 101 116 116 LEU LEU A . n 
A 1 102 GLU 102 117 117 GLU GLU A . n 
A 1 103 ILE 103 118 118 ILE ILE A . n 
A 1 104 LYS 104 119 119 LYS LYS A . n 
A 1 105 ALA 105 120 120 ALA ALA A . n 
A 1 106 LYS 106 121 121 LYS LYS A . n 
A 1 107 ASN 107 122 ?   ?   ?   A . n 
B 1 1   CYS 1   16  ?   ?   ?   B . n 
B 1 2   ALA 2   17  ?   ?   ?   B . n 
B 1 3   PRO 3   18  ?   ?   ?   B . n 
B 1 4   SER 4   19  ?   ?   ?   B . n 
B 1 5   TYR 5   20  ?   ?   ?   B . n 
B 1 6   GLN 6   21  ?   ?   ?   B . n 
B 1 7   ILE 7   22  ?   ?   ?   B . n 
B 1 8   ASN 8   23  ?   ?   ?   B . n 
B 1 9   SER 9   24  ?   ?   ?   B . n 
B 1 10  ASN 10  25  ?   ?   ?   B . n 
B 1 11  GLN 11  26  26  GLN GLN B . n 
B 1 12  ASN 12  27  27  ASN ASN B . n 
B 1 13  THR 13  28  28  THR THR B . n 
B 1 14  VAL 14  29  29  VAL VAL B . n 
B 1 15  ILE 15  30  30  ILE ILE B . n 
B 1 16  LEU 16  31  31  LEU LEU B . n 
B 1 17  GLY 17  32  32  GLY GLY B . n 
B 1 18  SER 18  33  33  SER SER B . n 
B 1 19  ASN 19  34  34  ASN ASN B . n 
B 1 20  LEU 20  35  35  LEU LEU B . n 
B 1 21  PRO 21  36  36  PRO PRO B . n 
B 1 22  LYS 22  37  37  LYS LYS B . n 
B 1 23  SER 23  38  38  SER SER B . n 
B 1 24  LEU 24  39  39  LEU LEU B . n 
B 1 25  VAL 25  40  40  VAL VAL B . n 
B 1 26  LYS 26  41  41  LYS LYS B . n 
B 1 27  GLN 27  42  42  GLN GLN B . n 
B 1 28  PHE 28  43  43  PHE PHE B . n 
B 1 29  GLN 29  44  44  GLN GLN B . n 
B 1 30  LYS 30  45  45  LYS LYS B . n 
B 1 31  ARG 31  46  46  ARG ARG B . n 
B 1 32  ILE 32  47  47  ILE ILE B . n 
B 1 33  ASN 33  48  48  ASN ASN B . n 
B 1 34  SER 34  49  49  SER SER B . n 
B 1 35  ASN 35  50  50  ASN ASN B . n 
B 1 36  GLY 36  51  51  GLY GLY B . n 
B 1 37  TYR 37  52  52  TYR TYR B . n 
B 1 38  LEU 38  53  53  LEU LEU B . n 
B 1 39  GLU 39  54  54  GLU GLU B . n 
B 1 40  PHE 40  55  55  PHE PHE B . n 
B 1 41  GLU 41  56  56  GLU GLU B . n 
B 1 42  VAL 42  57  57  VAL VAL B . n 
B 1 43  ILE 43  58  58  ILE ILE B . n 
B 1 44  LEU 44  59  59  LEU LEU B . n 
B 1 45  ARG 45  60  60  ARG ARG B . n 
B 1 46  SER 46  61  61  SER SER B . n 
B 1 47  THR 47  62  62  THR THR B . n 
B 1 48  PHE 48  63  63  PHE PHE B . n 
B 1 49  ALA 49  64  64  ALA ALA B . n 
B 1 50  LYS 50  65  65  LYS LYS B . n 
B 1 51  ASP 51  66  66  ASP ASP B . n 
B 1 52  VAL 52  67  67  VAL VAL B . n 
B 1 53  ILE 53  68  68  ILE ILE B . n 
B 1 54  TYR 54  69  69  TYR TYR B . n 
B 1 55  LYS 55  70  70  LYS LYS B . n 
B 1 56  VAL 56  71  71  VAL VAL B . n 
B 1 57  ASP 57  72  72  ASP ASP B . n 
B 1 58  TRP 58  73  73  TRP TRP B . n 
B 1 59  LEU 59  74  74  LEU LEU B . n 
B 1 60  ASP 60  75  75  ASP ASP B . n 
B 1 61  LYS 61  76  76  LYS LYS B . n 
B 1 62  ASP 62  77  77  ASP ASP B . n 
B 1 63  GLY 63  78  78  GLY GLY B . n 
B 1 64  PHE 64  79  79  PHE PHE B . n 
B 1 65  VAL 65  80  80  VAL VAL B . n 
B 1 66  LEU 66  81  81  LEU LEU B . n 
B 1 67  ARG 67  82  82  ARG ARG B . n 
B 1 68  ASP 68  83  83  ASP ASP B . n 
B 1 69  VAL 69  84  84  VAL VAL B . n 
B 1 70  LEU 70  85  85  LEU LEU B . n 
B 1 71  ASN 71  86  86  ASN ASN B . n 
B 1 72  GLU 72  87  87  GLU GLU B . n 
B 1 73  ASP 73  88  88  ASP ASP B . n 
B 1 74  TYR 74  89  89  TYR TYR B . n 
B 1 75  GLN 75  90  90  GLN GLN B . n 
B 1 76  ALA 76  91  91  ALA ALA B . n 
B 1 77  LEU 77  92  92  LEU LEU B . n 
B 1 78  ARG 78  93  93  ARG ARG B . n 
B 1 79  ILE 79  94  94  ILE ILE B . n 
B 1 80  PRO 80  95  95  PRO PRO B . n 
B 1 81  ALA 81  96  96  ALA ALA B . n 
B 1 82  GLY 82  97  97  GLY GLY B . n 
B 1 83  GLN 83  98  98  GLN GLN B . n 
B 1 84  GLU 84  99  99  GLU GLU B . n 
B 1 85  VAL 85  100 100 VAL VAL B . n 
B 1 86  ILE 86  101 101 ILE ILE B . n 
B 1 87  LEU 87  102 102 LEU LEU B . n 
B 1 88  ARG 88  103 103 ARG ARG B . n 
B 1 89  LYS 89  104 104 LYS LYS B . n 
B 1 90  LEU 90  105 105 LEU LEU B . n 
B 1 91  ALA 91  106 106 ALA ALA B . n 
B 1 92  SER 92  107 107 SER SER B . n 
B 1 93  ASP 93  108 108 ASP ASP B . n 
B 1 94  THR 94  109 109 THR THR B . n 
B 1 95  ARG 95  110 110 ARG ARG B . n 
B 1 96  ALA 96  111 111 ALA ALA B . n 
B 1 97  ASN 97  112 112 ASN ASN B . n 
B 1 98  ASP 98  113 113 ASP ASP B . n 
B 1 99  PHE 99  114 114 PHE PHE B . n 
B 1 100 ARG 100 115 115 ARG ARG B . n 
B 1 101 LEU 101 116 116 LEU LEU B . n 
B 1 102 GLU 102 117 117 GLU GLU B . n 
B 1 103 ILE 103 118 118 ILE ILE B . n 
B 1 104 LYS 104 119 119 LYS LYS B . n 
B 1 105 ALA 105 120 120 ALA ALA B . n 
B 1 106 LYS 106 121 121 LYS LYS B . n 
B 1 107 ASN 107 122 ?   ?   ?   B . n 
# 
loop_
_pdbx_nonpoly_scheme.asym_id 
_pdbx_nonpoly_scheme.entity_id 
_pdbx_nonpoly_scheme.mon_id 
_pdbx_nonpoly_scheme.ndb_seq_num 
_pdbx_nonpoly_scheme.pdb_seq_num 
_pdbx_nonpoly_scheme.auth_seq_num 
_pdbx_nonpoly_scheme.pdb_mon_id 
_pdbx_nonpoly_scheme.auth_mon_id 
_pdbx_nonpoly_scheme.pdb_strand_id 
_pdbx_nonpoly_scheme.pdb_ins_code 
C 2 BR  1  201 2   BR  BR  A . 
D 2 BR  1  201 1   BR  BR  B . 
E 2 BR  1  202 3   BR  BR  B . 
F 3 HOH 1  301 4   HOH HOH A . 
F 3 HOH 2  302 5   HOH HOH A . 
F 3 HOH 3  303 6   HOH HOH A . 
F 3 HOH 4  304 7   HOH HOH A . 
F 3 HOH 5  305 9   HOH HOH A . 
F 3 HOH 6  306 10  HOH HOH A . 
F 3 HOH 7  307 11  HOH HOH A . 
F 3 HOH 8  308 12  HOH HOH A . 
F 3 HOH 9  309 13  HOH HOH A . 
F 3 HOH 10 310 14  HOH HOH A . 
F 3 HOH 11 311 15  HOH HOH A . 
F 3 HOH 12 312 123 HOH HOH A . 
F 3 HOH 13 313 124 HOH HOH A . 
F 3 HOH 14 314 125 HOH HOH A . 
F 3 HOH 15 315 126 HOH HOH A . 
F 3 HOH 16 316 127 HOH HOH A . 
F 3 HOH 17 317 128 HOH HOH A . 
F 3 HOH 18 318 129 HOH HOH A . 
F 3 HOH 19 319 130 HOH HOH A . 
F 3 HOH 20 320 131 HOH HOH A . 
F 3 HOH 21 321 132 HOH HOH A . 
F 3 HOH 22 322 133 HOH HOH A . 
F 3 HOH 23 323 134 HOH HOH A . 
F 3 HOH 24 324 135 HOH HOH A . 
F 3 HOH 25 325 136 HOH HOH A . 
F 3 HOH 26 326 137 HOH HOH A . 
F 3 HOH 27 327 138 HOH HOH A . 
F 3 HOH 28 328 139 HOH HOH A . 
F 3 HOH 29 329 140 HOH HOH A . 
F 3 HOH 30 330 141 HOH HOH A . 
F 3 HOH 31 331 142 HOH HOH A . 
F 3 HOH 32 332 143 HOH HOH A . 
F 3 HOH 33 333 144 HOH HOH A . 
F 3 HOH 34 334 145 HOH HOH A . 
F 3 HOH 35 335 146 HOH HOH A . 
F 3 HOH 36 336 147 HOH HOH A . 
F 3 HOH 37 337 148 HOH HOH A . 
F 3 HOH 38 338 149 HOH HOH A . 
F 3 HOH 39 339 150 HOH HOH A . 
F 3 HOH 40 340 151 HOH HOH A . 
F 3 HOH 41 341 152 HOH HOH A . 
F 3 HOH 42 342 153 HOH HOH A . 
F 3 HOH 43 343 154 HOH HOH A . 
F 3 HOH 44 344 155 HOH HOH A . 
F 3 HOH 45 345 156 HOH HOH A . 
F 3 HOH 46 346 157 HOH HOH A . 
F 3 HOH 47 347 158 HOH HOH A . 
F 3 HOH 48 348 159 HOH HOH A . 
F 3 HOH 49 349 160 HOH HOH A . 
F 3 HOH 50 350 161 HOH HOH A . 
F 3 HOH 51 351 162 HOH HOH A . 
F 3 HOH 52 352 163 HOH HOH A . 
F 3 HOH 53 353 164 HOH HOH A . 
F 3 HOH 54 354 165 HOH HOH A . 
F 3 HOH 55 355 166 HOH HOH A . 
F 3 HOH 56 356 167 HOH HOH A . 
F 3 HOH 57 357 168 HOH HOH A . 
F 3 HOH 58 358 169 HOH HOH A . 
F 3 HOH 59 359 170 HOH HOH A . 
F 3 HOH 60 360 171 HOH HOH A . 
F 3 HOH 61 361 172 HOH HOH A . 
F 3 HOH 62 362 173 HOH HOH A . 
F 3 HOH 63 363 174 HOH HOH A . 
F 3 HOH 64 364 175 HOH HOH A . 
F 3 HOH 65 365 176 HOH HOH A . 
F 3 HOH 66 366 177 HOH HOH A . 
F 3 HOH 67 367 178 HOH HOH A . 
F 3 HOH 68 368 179 HOH HOH A . 
F 3 HOH 69 369 180 HOH HOH A . 
F 3 HOH 70 370 181 HOH HOH A . 
F 3 HOH 71 371 182 HOH HOH A . 
G 3 HOH 1  301 8   HOH HOH B . 
G 3 HOH 2  302 123 HOH HOH B . 
G 3 HOH 3  303 124 HOH HOH B . 
G 3 HOH 4  304 125 HOH HOH B . 
G 3 HOH 5  305 126 HOH HOH B . 
G 3 HOH 6  306 127 HOH HOH B . 
G 3 HOH 7  307 128 HOH HOH B . 
G 3 HOH 8  308 129 HOH HOH B . 
G 3 HOH 9  309 130 HOH HOH B . 
G 3 HOH 10 310 131 HOH HOH B . 
G 3 HOH 11 311 132 HOH HOH B . 
G 3 HOH 12 312 133 HOH HOH B . 
G 3 HOH 13 313 134 HOH HOH B . 
G 3 HOH 14 314 135 HOH HOH B . 
G 3 HOH 15 315 136 HOH HOH B . 
G 3 HOH 16 316 137 HOH HOH B . 
G 3 HOH 17 317 138 HOH HOH B . 
G 3 HOH 18 318 139 HOH HOH B . 
G 3 HOH 19 319 140 HOH HOH B . 
G 3 HOH 20 320 141 HOH HOH B . 
G 3 HOH 21 321 142 HOH HOH B . 
G 3 HOH 22 322 143 HOH HOH B . 
G 3 HOH 23 323 144 HOH HOH B . 
G 3 HOH 24 324 145 HOH HOH B . 
G 3 HOH 25 325 146 HOH HOH B . 
G 3 HOH 26 326 147 HOH HOH B . 
G 3 HOH 27 327 148 HOH HOH B . 
G 3 HOH 28 328 149 HOH HOH B . 
G 3 HOH 29 329 150 HOH HOH B . 
G 3 HOH 30 330 151 HOH HOH B . 
G 3 HOH 31 331 152 HOH HOH B . 
G 3 HOH 32 332 153 HOH HOH B . 
G 3 HOH 33 333 154 HOH HOH B . 
G 3 HOH 34 334 155 HOH HOH B . 
G 3 HOH 35 335 156 HOH HOH B . 
G 3 HOH 36 336 157 HOH HOH B . 
G 3 HOH 37 337 158 HOH HOH B . 
G 3 HOH 38 338 159 HOH HOH B . 
G 3 HOH 39 339 160 HOH HOH B . 
G 3 HOH 40 340 161 HOH HOH B . 
G 3 HOH 41 341 162 HOH HOH B . 
G 3 HOH 42 342 163 HOH HOH B . 
G 3 HOH 43 343 164 HOH HOH B . 
G 3 HOH 44 344 165 HOH HOH B . 
G 3 HOH 45 345 166 HOH HOH B . 
G 3 HOH 46 346 167 HOH HOH B . 
G 3 HOH 47 347 168 HOH HOH B . 
G 3 HOH 48 348 169 HOH HOH B . 
G 3 HOH 49 349 170 HOH HOH B . 
G 3 HOH 50 350 171 HOH HOH B . 
G 3 HOH 51 351 172 HOH HOH B . 
G 3 HOH 52 352 173 HOH HOH B . 
G 3 HOH 53 353 174 HOH HOH B . 
G 3 HOH 54 354 175 HOH HOH B . 
G 3 HOH 55 355 176 HOH HOH B . 
G 3 HOH 56 356 177 HOH HOH B . 
G 3 HOH 57 357 178 HOH HOH B . 
G 3 HOH 58 358 179 HOH HOH B . 
G 3 HOH 59 359 180 HOH HOH B . 
G 3 HOH 60 360 181 HOH HOH B . 
G 3 HOH 61 361 182 HOH HOH B . 
G 3 HOH 62 362 183 HOH HOH B . 
# 
loop_
_software.name 
_software.classification 
_software.version 
_software.citation_id 
_software.pdbx_ordinal 
HKL-3000  'data collection' .        ? 1 
SHELX     'model building'  .        ? 2 
REFMAC    refinement        5.5.0109 ? 3 
HKL-3000  'data reduction'  .        ? 4 
SCALEPACK 'data scaling'    .        ? 5 
SHELX     phasing           .        ? 6 
# 
_cell.entry_id           4GIO 
_cell.length_a           51.151 
_cell.length_b           51.151 
_cell.length_c           186.786 
_cell.angle_alpha        90.00 
_cell.angle_beta         90.00 
_cell.angle_gamma        90.00 
_cell.Z_PDB              16 
_cell.pdbx_unique_axis   ? 
_cell.length_a_esd       ? 
_cell.length_b_esd       ? 
_cell.length_c_esd       ? 
_cell.angle_alpha_esd    ? 
_cell.angle_beta_esd     ? 
_cell.angle_gamma_esd    ? 
# 
_symmetry.entry_id                         4GIO 
_symmetry.space_group_name_H-M             'P 41 21 2' 
_symmetry.pdbx_full_space_group_name_H-M   ? 
_symmetry.cell_setting                     ? 
_symmetry.Int_Tables_number                92 
_symmetry.space_group_name_Hall            ? 
# 
_exptl.entry_id          4GIO 
_exptl.method            'X-RAY DIFFRACTION' 
_exptl.crystals_number   1 
# 
_exptl_crystal.id                    1 
_exptl_crystal.density_meas          ? 
_exptl_crystal.density_Matthews      2.48 
_exptl_crystal.density_percent_sol   50.44 
_exptl_crystal.description           ? 
_exptl_crystal.F_000                 ? 
_exptl_crystal.preparation           ? 
# 
_exptl_crystal_grow.crystal_id      1 
_exptl_crystal_grow.method          'VAPOR DIFFUSION, HANGING DROP' 
_exptl_crystal_grow.temp            288 
_exptl_crystal_grow.temp_details    ? 
_exptl_crystal_grow.pH              7.0 
_exptl_crystal_grow.pdbx_details    '0.1M HEPES, PH 7.0, 0.8M NACL, VAPOR DIFFUSION, HANGING DROP, TEMPERATURE 288K' 
_exptl_crystal_grow.pdbx_pH_range   ? 
# 
_diffrn.id                     1 
_diffrn.ambient_temp           100 
_diffrn.ambient_temp_details   ? 
_diffrn.crystal_id             1 
# 
_diffrn_detector.diffrn_id              1 
_diffrn_detector.detector               CCD 
_diffrn_detector.type                   'ADSC QUANTUM 315r' 
_diffrn_detector.pdbx_collection_date   2010-08-08 
_diffrn_detector.details                ? 
# 
_diffrn_radiation.diffrn_id                        1 
_diffrn_radiation.wavelength_id                    1 
_diffrn_radiation.pdbx_monochromatic_or_laue_m_l   M 
_diffrn_radiation.monochromator                    'SI 111' 
_diffrn_radiation.pdbx_diffrn_protocol             'SINGLE WAVELENGTH' 
_diffrn_radiation.pdbx_scattering_type             x-ray 
# 
_diffrn_radiation_wavelength.id           1 
_diffrn_radiation_wavelength.wavelength   0.97921 
_diffrn_radiation_wavelength.wt           1.0 
# 
_diffrn_source.diffrn_id                   1 
_diffrn_source.source                      SYNCHROTRON 
_diffrn_source.type                        'APS BEAMLINE 19-ID' 
_diffrn_source.pdbx_synchrotron_site       APS 
_diffrn_source.pdbx_synchrotron_beamline   19-ID 
_diffrn_source.pdbx_wavelength             0.97921 
_diffrn_source.pdbx_wavelength_list        0.97921 
# 
_reflns.entry_id                     4GIO 
_reflns.observed_criterion_sigma_I   ? 
_reflns.observed_criterion_sigma_F   ? 
_reflns.d_resolution_low             20.000 
_reflns.d_resolution_high            1.900 
_reflns.number_obs                   19705 
_reflns.number_all                   ? 
_reflns.percent_possible_obs         95.5 
_reflns.pdbx_Rmerge_I_obs            0.07100 
_reflns.pdbx_Rsym_value              ? 
_reflns.pdbx_netI_over_sigmaI        ? 
_reflns.B_iso_Wilson_estimate        ? 
_reflns.pdbx_redundancy              8.100 
_reflns.R_free_details               ? 
_reflns.limit_h_max                  ? 
_reflns.limit_h_min                  ? 
_reflns.limit_k_max                  ? 
_reflns.limit_k_min                  ? 
_reflns.limit_l_max                  ? 
_reflns.limit_l_min                  ? 
_reflns.observed_criterion_F_max     ? 
_reflns.observed_criterion_F_min     ? 
_reflns.pdbx_chi_squared             ? 
_reflns.pdbx_scaling_rejects         ? 
_reflns.pdbx_ordinal                 1 
_reflns.pdbx_diffrn_id               1 
# 
_reflns_shell.d_res_high             1.90 
_reflns_shell.d_res_low              1.97 
_reflns_shell.percent_possible_all   88.8 
_reflns_shell.Rmerge_I_obs           0.31300 
_reflns_shell.pdbx_Rsym_value        ? 
_reflns_shell.meanI_over_sigI_obs    ? 
_reflns_shell.pdbx_redundancy        4.00 
_reflns_shell.percent_possible_obs   ? 
_reflns_shell.number_unique_all      ? 
_reflns_shell.number_measured_all    ? 
_reflns_shell.number_measured_obs    ? 
_reflns_shell.number_unique_obs      ? 
_reflns_shell.pdbx_chi_squared       ? 
_reflns_shell.pdbx_ordinal           1 
_reflns_shell.pdbx_diffrn_id         1 
# 
_refine.entry_id                                 4GIO 
_refine.ls_number_reflns_obs                     19699 
_refine.ls_number_reflns_all                     ? 
_refine.pdbx_ls_sigma_I                          ? 
_refine.pdbx_ls_sigma_F                          ? 
_refine.pdbx_data_cutoff_high_absF               ? 
_refine.pdbx_data_cutoff_low_absF                ? 
_refine.pdbx_data_cutoff_high_rms_absF           ? 
_refine.ls_d_res_low                             19.76 
_refine.ls_d_res_high                            1.90 
_refine.ls_percent_reflns_obs                    100.0 
_refine.ls_R_factor_obs                          0.198 
_refine.ls_R_factor_all                          ? 
_refine.ls_R_factor_R_work                       0.196 
_refine.ls_R_factor_R_free                       0.244 
_refine.ls_R_factor_R_free_error                 ? 
_refine.ls_R_factor_R_free_error_details         ? 
_refine.ls_percent_reflns_R_free                 5.100 
_refine.ls_number_reflns_R_free                  1006 
_refine.ls_number_parameters                     ? 
_refine.ls_number_restraints                     ? 
_refine.occupancy_min                            ? 
_refine.occupancy_max                            ? 
_refine.correlation_coeff_Fo_to_Fc               0.952 
_refine.correlation_coeff_Fo_to_Fc_free          0.930 
_refine.B_iso_mean                               25.68 
_refine.aniso_B[1][1]                            0.46000 
_refine.aniso_B[2][2]                            0.46000 
_refine.aniso_B[3][3]                            -0.93000 
_refine.aniso_B[1][2]                            -0.00000 
_refine.aniso_B[1][3]                            -0.00000 
_refine.aniso_B[2][3]                            0.00000 
_refine.solvent_model_details                    MASK 
_refine.solvent_model_param_ksol                 ? 
_refine.solvent_model_param_bsol                 ? 
_refine.pdbx_solvent_vdw_probe_radii             1.40 
_refine.pdbx_solvent_ion_probe_radii             0.80 
_refine.pdbx_solvent_shrinkage_radii             0.80 
_refine.pdbx_ls_cross_valid_method               THROUGHOUT 
_refine.details                                  'HYDROGENS HAVE BEEN ADDED IN THE RIDING POSITIONS' 
_refine.pdbx_starting_model                      ? 
_refine.pdbx_method_to_determine_struct          SAD 
_refine.pdbx_isotropic_thermal_model             ? 
_refine.pdbx_stereochemistry_target_values       'MAXIMUM LIKELIHOOD' 
_refine.pdbx_stereochem_target_val_spec_case     ? 
_refine.pdbx_R_Free_selection_details            RANDOM 
_refine.pdbx_overall_ESU_R                       ? 
_refine.pdbx_overall_ESU_R_Free                  0.142 
_refine.overall_SU_ML                            0.106 
_refine.pdbx_overall_phase_error                 ? 
_refine.overall_SU_B                             3.601 
_refine.overall_SU_R_Cruickshank_DPI             ? 
_refine.ls_redundancy_reflns_obs                 ? 
_refine.B_iso_min                                ? 
_refine.B_iso_max                                ? 
_refine.overall_SU_R_free                        ? 
_refine.ls_wR_factor_R_free                      ? 
_refine.ls_wR_factor_R_work                      ? 
_refine.overall_FOM_free_R_set                   ? 
_refine.overall_FOM_work_R_set                   ? 
_refine.pdbx_diffrn_id                           1 
_refine.pdbx_refine_id                           'X-RAY DIFFRACTION' 
_refine.pdbx_TLS_residual_ADP_flag               ? 
_refine.pdbx_overall_SU_R_free_Cruickshank_DPI   ? 
_refine.pdbx_overall_SU_R_Blow_DPI               ? 
_refine.pdbx_overall_SU_R_free_Blow_DPI          ? 
# 
_refine_hist.pdbx_refine_id                   'X-RAY DIFFRACTION' 
_refine_hist.cycle_id                         LAST 
_refine_hist.pdbx_number_atoms_protein        1568 
_refine_hist.pdbx_number_atoms_nucleic_acid   0 
_refine_hist.pdbx_number_atoms_ligand         3 
_refine_hist.number_atoms_solvent             133 
_refine_hist.number_atoms_total               1704 
_refine_hist.d_res_high                       1.90 
_refine_hist.d_res_low                        19.76 
# 
loop_
_refine_ls_restr.type 
_refine_ls_restr.dev_ideal 
_refine_ls_restr.dev_ideal_target 
_refine_ls_restr.weight 
_refine_ls_restr.number 
_refine_ls_restr.pdbx_restraint_function 
_refine_ls_restr.pdbx_refine_id 
r_bond_refined_d             0.023  0.022  ? 1590 ? 'X-RAY DIFFRACTION' 
r_bond_other_d               ?      ?      ? ?    ? 'X-RAY DIFFRACTION' 
r_angle_refined_deg          1.847  1.971  ? 2140 ? 'X-RAY DIFFRACTION' 
r_angle_other_deg            ?      ?      ? ?    ? 'X-RAY DIFFRACTION' 
r_dihedral_angle_1_deg       6.084  5.000  ? 190  ? 'X-RAY DIFFRACTION' 
r_dihedral_angle_2_deg       36.435 24.250 ? 80   ? 'X-RAY DIFFRACTION' 
r_dihedral_angle_3_deg       17.086 15.000 ? 308  ? 'X-RAY DIFFRACTION' 
r_dihedral_angle_4_deg       20.644 15.000 ? 14   ? 'X-RAY DIFFRACTION' 
r_chiral_restr               0.155  0.200  ? 244  ? 'X-RAY DIFFRACTION' 
r_gen_planes_refined         0.009  0.020  ? 1176 ? 'X-RAY DIFFRACTION' 
r_gen_planes_other           ?      ?      ? ?    ? 'X-RAY DIFFRACTION' 
r_nbd_refined                ?      ?      ? ?    ? 'X-RAY DIFFRACTION' 
r_nbd_other                  ?      ?      ? ?    ? 'X-RAY DIFFRACTION' 
r_nbtor_refined              ?      ?      ? ?    ? 'X-RAY DIFFRACTION' 
r_nbtor_other                ?      ?      ? ?    ? 'X-RAY DIFFRACTION' 
r_xyhbond_nbd_refined        ?      ?      ? ?    ? 'X-RAY DIFFRACTION' 
r_xyhbond_nbd_other          ?      ?      ? ?    ? 'X-RAY DIFFRACTION' 
r_metal_ion_refined          ?      ?      ? ?    ? 'X-RAY DIFFRACTION' 
r_metal_ion_other            ?      ?      ? ?    ? 'X-RAY DIFFRACTION' 
r_symmetry_vdw_refined       ?      ?      ? ?    ? 'X-RAY DIFFRACTION' 
r_symmetry_vdw_other         ?      ?      ? ?    ? 'X-RAY DIFFRACTION' 
r_symmetry_hbond_refined     ?      ?      ? ?    ? 'X-RAY DIFFRACTION' 
r_symmetry_hbond_other       ?      ?      ? ?    ? 'X-RAY DIFFRACTION' 
r_symmetry_metal_ion_refined ?      ?      ? ?    ? 'X-RAY DIFFRACTION' 
r_symmetry_metal_ion_other   ?      ?      ? ?    ? 'X-RAY DIFFRACTION' 
r_mcbond_it                  1.315  1.500  ? 954  ? 'X-RAY DIFFRACTION' 
r_mcbond_other               ?      ?      ? ?    ? 'X-RAY DIFFRACTION' 
r_mcangle_it                 2.374  2.000  ? 1542 ? 'X-RAY DIFFRACTION' 
r_scbond_it                  3.696  3.000  ? 636  ? 'X-RAY DIFFRACTION' 
r_scangle_it                 6.208  4.500  ? 598  ? 'X-RAY DIFFRACTION' 
r_rigid_bond_restr           ?      ?      ? ?    ? 'X-RAY DIFFRACTION' 
r_sphericity_free            ?      ?      ? ?    ? 'X-RAY DIFFRACTION' 
r_sphericity_bonded          ?      ?      ? ?    ? 'X-RAY DIFFRACTION' 
# 
_refine_ls_shell.pdbx_total_number_of_bins_used   20 
_refine_ls_shell.d_res_high                       1.90 
_refine_ls_shell.d_res_low                        1.95 
_refine_ls_shell.number_reflns_R_work             1208 
_refine_ls_shell.R_factor_R_work                  0.2640 
_refine_ls_shell.percent_reflns_obs               100.00 
_refine_ls_shell.R_factor_R_free                  0.3090 
_refine_ls_shell.R_factor_R_free_error            ? 
_refine_ls_shell.percent_reflns_R_free            ? 
_refine_ls_shell.number_reflns_R_free             64 
_refine_ls_shell.number_reflns_all                ? 
_refine_ls_shell.R_factor_all                     ? 
_refine_ls_shell.number_reflns_obs                ? 
_refine_ls_shell.redundancy_reflns_obs            ? 
_refine_ls_shell.pdbx_refine_id                   'X-RAY DIFFRACTION' 
# 
_struct.entry_id                  4GIO 
_struct.title                     'Crystal structure of Campylobacter jejuni cj0090' 
_struct.pdbx_model_details        ? 
_struct.pdbx_CASP_flag            ? 
_struct.pdbx_model_type_details   ? 
# 
_struct_keywords.entry_id        4GIO 
_struct_keywords.pdbx_keywords   'UNKNOWN FUNCTION' 
_struct_keywords.text            'LIPOPROTEIN, UNKNOWN FUNCTION' 
# 
loop_
_struct_asym.id 
_struct_asym.pdbx_blank_PDB_chainid_flag 
_struct_asym.pdbx_modified 
_struct_asym.entity_id 
_struct_asym.details 
A N N 1 ? 
B N N 1 ? 
C N N 2 ? 
D N N 2 ? 
E N N 2 ? 
F N N 3 ? 
G N N 3 ? 
# 
_struct_ref.id                         1 
_struct_ref.db_name                    UNP 
_struct_ref.db_code                    Q0PC47_CAMJE 
_struct_ref.pdbx_db_accession          Q0PC47 
_struct_ref.entity_id                  1 
_struct_ref.pdbx_seq_one_letter_code   
;CAPSYQINSNQNTVILGSNLPKSLVKQFQKRINSNGYLEFEVILRSTFAKDVIYKVDWLDKDGFVLRDVLNEDYQALRIP
AGQEVILRKLASDTRANDFRLEIKAKN
;
_struct_ref.pdbx_align_begin           16 
_struct_ref.pdbx_db_isoform            ? 
# 
loop_
_struct_ref_seq.align_id 
_struct_ref_seq.ref_id 
_struct_ref_seq.pdbx_PDB_id_code 
_struct_ref_seq.pdbx_strand_id 
_struct_ref_seq.seq_align_beg 
_struct_ref_seq.pdbx_seq_align_beg_ins_code 
_struct_ref_seq.seq_align_end 
_struct_ref_seq.pdbx_seq_align_end_ins_code 
_struct_ref_seq.pdbx_db_accession 
_struct_ref_seq.db_align_beg 
_struct_ref_seq.pdbx_db_align_beg_ins_code 
_struct_ref_seq.db_align_end 
_struct_ref_seq.pdbx_db_align_end_ins_code 
_struct_ref_seq.pdbx_auth_seq_align_beg 
_struct_ref_seq.pdbx_auth_seq_align_end 
1 1 4GIO A 1 ? 107 ? Q0PC47 16 ? 122 ? 16 122 
2 1 4GIO B 1 ? 107 ? Q0PC47 16 ? 122 ? 16 122 
# 
loop_
_pdbx_struct_assembly.id 
_pdbx_struct_assembly.details 
_pdbx_struct_assembly.method_details 
_pdbx_struct_assembly.oligomeric_details 
_pdbx_struct_assembly.oligomeric_count 
1 author_and_software_defined_assembly PISA monomeric 1 
2 author_and_software_defined_assembly PISA monomeric 1 
# 
loop_
_pdbx_struct_assembly_gen.assembly_id 
_pdbx_struct_assembly_gen.oper_expression 
_pdbx_struct_assembly_gen.asym_id_list 
1 1 A,C,F   
2 1 B,D,E,G 
# 
_pdbx_struct_oper_list.id                   1 
_pdbx_struct_oper_list.type                 'identity operation' 
_pdbx_struct_oper_list.name                 1_555 
_pdbx_struct_oper_list.symmetry_operation   x,y,z 
_pdbx_struct_oper_list.matrix[1][1]         1.0000000000 
_pdbx_struct_oper_list.matrix[1][2]         0.0000000000 
_pdbx_struct_oper_list.matrix[1][3]         0.0000000000 
_pdbx_struct_oper_list.vector[1]            0.0000000000 
_pdbx_struct_oper_list.matrix[2][1]         0.0000000000 
_pdbx_struct_oper_list.matrix[2][2]         1.0000000000 
_pdbx_struct_oper_list.matrix[2][3]         0.0000000000 
_pdbx_struct_oper_list.vector[2]            0.0000000000 
_pdbx_struct_oper_list.matrix[3][1]         0.0000000000 
_pdbx_struct_oper_list.matrix[3][2]         0.0000000000 
_pdbx_struct_oper_list.matrix[3][3]         1.0000000000 
_pdbx_struct_oper_list.vector[3]            0.0000000000 
# 
_struct_biol.id        1 
_struct_biol.details   ? 
# 
_struct_conf.conf_type_id            HELX_P 
_struct_conf.id                      HELX_P1 
_struct_conf.pdbx_PDB_helix_id       1 
_struct_conf.beg_label_comp_id       PRO 
_struct_conf.beg_label_asym_id       B 
_struct_conf.beg_label_seq_id        21 
_struct_conf.pdbx_beg_PDB_ins_code   ? 
_struct_conf.end_label_comp_id       SER 
_struct_conf.end_label_asym_id       B 
_struct_conf.end_label_seq_id        23 
_struct_conf.pdbx_end_PDB_ins_code   ? 
_struct_conf.beg_auth_comp_id        PRO 
_struct_conf.beg_auth_asym_id        B 
_struct_conf.beg_auth_seq_id         36 
_struct_conf.end_auth_comp_id        SER 
_struct_conf.end_auth_asym_id        B 
_struct_conf.end_auth_seq_id         38 
_struct_conf.pdbx_PDB_helix_class    5 
_struct_conf.details                 ? 
_struct_conf.pdbx_PDB_helix_length   3 
# 
_struct_conf_type.id          HELX_P 
_struct_conf_type.criteria    ? 
_struct_conf_type.reference   ? 
# 
loop_
_struct_sheet.id 
_struct_sheet.type 
_struct_sheet.number_strands 
_struct_sheet.details 
A ? 4 ? 
B ? 3 ? 
C ? 4 ? 
D ? 3 ? 
# 
loop_
_struct_sheet_order.sheet_id 
_struct_sheet_order.range_id_1 
_struct_sheet_order.range_id_2 
_struct_sheet_order.offset 
_struct_sheet_order.sense 
A 1 2 ? parallel      
A 2 3 ? anti-parallel 
A 3 4 ? anti-parallel 
B 1 2 ? anti-parallel 
B 2 3 ? anti-parallel 
C 1 2 ? parallel      
C 2 3 ? anti-parallel 
C 3 4 ? anti-parallel 
D 1 2 ? anti-parallel 
D 2 3 ? anti-parallel 
# 
loop_
_struct_sheet_range.sheet_id 
_struct_sheet_range.id 
_struct_sheet_range.beg_label_comp_id 
_struct_sheet_range.beg_label_asym_id 
_struct_sheet_range.beg_label_seq_id 
_struct_sheet_range.pdbx_beg_PDB_ins_code 
_struct_sheet_range.end_label_comp_id 
_struct_sheet_range.end_label_asym_id 
_struct_sheet_range.end_label_seq_id 
_struct_sheet_range.pdbx_end_PDB_ins_code 
_struct_sheet_range.beg_auth_comp_id 
_struct_sheet_range.beg_auth_asym_id 
_struct_sheet_range.beg_auth_seq_id 
_struct_sheet_range.end_auth_comp_id 
_struct_sheet_range.end_auth_asym_id 
_struct_sheet_range.end_auth_seq_id 
A 1 VAL A 14 ? LEU A 16  ? VAL A 29  LEU A 31  
A 2 ASP A 98 ? ALA A 105 ? ASP A 113 ALA A 120 
A 3 LYS A 50 ? LEU A 59  ? LYS A 65  LEU A 74  
A 4 GLN A 75 ? ILE A 79  ? GLN A 90  ILE A 94  
B 1 VAL A 25 ? ILE A 32  ? VAL A 40  ILE A 47  
B 2 LEU A 38 ? LEU A 44  ? LEU A 53  LEU A 59  
B 3 VAL A 85 ? LEU A 90  ? VAL A 100 LEU A 105 
C 1 VAL B 14 ? LEU B 16  ? VAL B 29  LEU B 31  
C 2 ASP B 98 ? ALA B 105 ? ASP B 113 ALA B 120 
C 3 LYS B 50 ? LEU B 59  ? LYS B 65  LEU B 74  
C 4 GLN B 75 ? ILE B 79  ? GLN B 90  ILE B 94  
D 1 VAL B 25 ? ILE B 32  ? VAL B 40  ILE B 47  
D 2 LEU B 38 ? LEU B 44  ? LEU B 53  LEU B 59  
D 3 VAL B 85 ? LEU B 90  ? VAL B 100 LEU B 105 
# 
loop_
_pdbx_struct_sheet_hbond.sheet_id 
_pdbx_struct_sheet_hbond.range_id_1 
_pdbx_struct_sheet_hbond.range_id_2 
_pdbx_struct_sheet_hbond.range_1_label_atom_id 
_pdbx_struct_sheet_hbond.range_1_label_comp_id 
_pdbx_struct_sheet_hbond.range_1_label_asym_id 
_pdbx_struct_sheet_hbond.range_1_label_seq_id 
_pdbx_struct_sheet_hbond.range_1_PDB_ins_code 
_pdbx_struct_sheet_hbond.range_1_auth_atom_id 
_pdbx_struct_sheet_hbond.range_1_auth_comp_id 
_pdbx_struct_sheet_hbond.range_1_auth_asym_id 
_pdbx_struct_sheet_hbond.range_1_auth_seq_id 
_pdbx_struct_sheet_hbond.range_2_label_atom_id 
_pdbx_struct_sheet_hbond.range_2_label_comp_id 
_pdbx_struct_sheet_hbond.range_2_label_asym_id 
_pdbx_struct_sheet_hbond.range_2_label_seq_id 
_pdbx_struct_sheet_hbond.range_2_PDB_ins_code 
_pdbx_struct_sheet_hbond.range_2_auth_atom_id 
_pdbx_struct_sheet_hbond.range_2_auth_comp_id 
_pdbx_struct_sheet_hbond.range_2_auth_asym_id 
_pdbx_struct_sheet_hbond.range_2_auth_seq_id 
A 1 2 N ILE A 15  ? N ILE A 30  O LEU A 101 ? O LEU A 116 
A 2 3 O LYS A 104 ? O LYS A 119 N ILE A 53  ? N ILE A 68  
A 3 4 N LYS A 50  ? N LYS A 65  O ILE A 79  ? O ILE A 94  
B 1 2 N ARG A 31  ? N ARG A 46  O GLU A 39  ? O GLU A 54  
B 2 3 N VAL A 42  ? N VAL A 57  O LEU A 87  ? O LEU A 102 
C 1 2 N ILE B 15  ? N ILE B 30  O LEU B 101 ? O LEU B 116 
C 2 3 O GLU B 102 ? O GLU B 117 N LYS B 55  ? N LYS B 70  
C 3 4 N LYS B 50  ? N LYS B 65  O ILE B 79  ? O ILE B 94  
D 1 2 N LYS B 26  ? N LYS B 41  O ILE B 43  ? O ILE B 58  
D 2 3 N LEU B 44  ? N LEU B 59  O VAL B 85  ? O VAL B 100 
# 
loop_
_struct_site.id 
_struct_site.pdbx_evidence_code 
_struct_site.pdbx_auth_asym_id 
_struct_site.pdbx_auth_comp_id 
_struct_site.pdbx_auth_seq_id 
_struct_site.pdbx_auth_ins_code 
_struct_site.pdbx_num_residues 
_struct_site.details 
AC1 Software A BR 201 ? 3 'BINDING SITE FOR RESIDUE BR A 201' 
AC2 Software B BR 201 ? 5 'BINDING SITE FOR RESIDUE BR B 201' 
AC3 Software B BR 202 ? 3 'BINDING SITE FOR RESIDUE BR B 202' 
# 
loop_
_struct_site_gen.id 
_struct_site_gen.site_id 
_struct_site_gen.pdbx_num_res 
_struct_site_gen.label_comp_id 
_struct_site_gen.label_asym_id 
_struct_site_gen.label_seq_id 
_struct_site_gen.pdbx_auth_ins_code 
_struct_site_gen.auth_comp_id 
_struct_site_gen.auth_asym_id 
_struct_site_gen.auth_seq_id 
_struct_site_gen.label_atom_id 
_struct_site_gen.label_alt_id 
_struct_site_gen.symmetry 
_struct_site_gen.details 
1  AC1 3 GLY A 17  ? GLY A 32  . ? 1_555 ? 
2  AC1 3 ASN A 19  ? ASN A 34  . ? 1_555 ? 
3  AC1 3 ALA A 105 ? ALA A 120 . ? 1_555 ? 
4  AC2 5 ASN A 33  ? ASN A 48  . ? 3_545 ? 
5  AC2 5 ASN A 35  ? ASN A 50  . ? 3_545 ? 
6  AC2 5 TYR A 37  ? TYR A 52  . ? 3_545 ? 
7  AC2 5 ASN B 33  ? ASN B 48  . ? 1_555 ? 
8  AC2 5 ASN B 35  ? ASN B 50  . ? 1_555 ? 
9  AC3 3 GLY B 17  ? GLY B 32  . ? 1_555 ? 
10 AC3 3 ASN B 19  ? ASN B 34  . ? 1_555 ? 
11 AC3 3 ALA B 105 ? ALA B 120 . ? 1_555 ? 
# 
_pdbx_validate_rmsd_bond.id                        1 
_pdbx_validate_rmsd_bond.PDB_model_num             1 
_pdbx_validate_rmsd_bond.auth_atom_id_1            CG 
_pdbx_validate_rmsd_bond.auth_asym_id_1            B 
_pdbx_validate_rmsd_bond.auth_comp_id_1            GLU 
_pdbx_validate_rmsd_bond.auth_seq_id_1             54 
_pdbx_validate_rmsd_bond.PDB_ins_code_1            ? 
_pdbx_validate_rmsd_bond.label_alt_id_1            ? 
_pdbx_validate_rmsd_bond.auth_atom_id_2            CD 
_pdbx_validate_rmsd_bond.auth_asym_id_2            B 
_pdbx_validate_rmsd_bond.auth_comp_id_2            GLU 
_pdbx_validate_rmsd_bond.auth_seq_id_2             54 
_pdbx_validate_rmsd_bond.PDB_ins_code_2            ? 
_pdbx_validate_rmsd_bond.label_alt_id_2            ? 
_pdbx_validate_rmsd_bond.bond_value                1.627 
_pdbx_validate_rmsd_bond.bond_target_value         1.515 
_pdbx_validate_rmsd_bond.bond_deviation            0.112 
_pdbx_validate_rmsd_bond.bond_standard_deviation   0.015 
_pdbx_validate_rmsd_bond.linker_flag               N 
# 
loop_
_pdbx_validate_rmsd_angle.id 
_pdbx_validate_rmsd_angle.PDB_model_num 
_pdbx_validate_rmsd_angle.auth_atom_id_1 
_pdbx_validate_rmsd_angle.auth_asym_id_1 
_pdbx_validate_rmsd_angle.auth_comp_id_1 
_pdbx_validate_rmsd_angle.auth_seq_id_1 
_pdbx_validate_rmsd_angle.PDB_ins_code_1 
_pdbx_validate_rmsd_angle.label_alt_id_1 
_pdbx_validate_rmsd_angle.auth_atom_id_2 
_pdbx_validate_rmsd_angle.auth_asym_id_2 
_pdbx_validate_rmsd_angle.auth_comp_id_2 
_pdbx_validate_rmsd_angle.auth_seq_id_2 
_pdbx_validate_rmsd_angle.PDB_ins_code_2 
_pdbx_validate_rmsd_angle.label_alt_id_2 
_pdbx_validate_rmsd_angle.auth_atom_id_3 
_pdbx_validate_rmsd_angle.auth_asym_id_3 
_pdbx_validate_rmsd_angle.auth_comp_id_3 
_pdbx_validate_rmsd_angle.auth_seq_id_3 
_pdbx_validate_rmsd_angle.PDB_ins_code_3 
_pdbx_validate_rmsd_angle.label_alt_id_3 
_pdbx_validate_rmsd_angle.angle_value 
_pdbx_validate_rmsd_angle.angle_target_value 
_pdbx_validate_rmsd_angle.angle_deviation 
_pdbx_validate_rmsd_angle.angle_standard_deviation 
_pdbx_validate_rmsd_angle.linker_flag 
1 1 CB B ASP 75  ? ? CG B ASP 75  ? ? OD1 B ASP 75  ? ? 124.00 118.30 5.70 0.90 N 
2 1 CB B ASP 113 ? ? CG B ASP 113 ? ? OD1 B ASP 113 ? ? 123.95 118.30 5.65 0.90 N 
# 
_pdbx_validate_peptide_omega.id               1 
_pdbx_validate_peptide_omega.PDB_model_num    1 
_pdbx_validate_peptide_omega.auth_comp_id_1   GLN 
_pdbx_validate_peptide_omega.auth_asym_id_1   A 
_pdbx_validate_peptide_omega.auth_seq_id_1    26 
_pdbx_validate_peptide_omega.PDB_ins_code_1   ? 
_pdbx_validate_peptide_omega.label_alt_id_1   ? 
_pdbx_validate_peptide_omega.auth_comp_id_2   ASN 
_pdbx_validate_peptide_omega.auth_asym_id_2   A 
_pdbx_validate_peptide_omega.auth_seq_id_2    27 
_pdbx_validate_peptide_omega.PDB_ins_code_2   ? 
_pdbx_validate_peptide_omega.label_alt_id_2   ? 
_pdbx_validate_peptide_omega.omega            148.67 
# 
loop_
_pdbx_unobs_or_zero_occ_residues.id 
_pdbx_unobs_or_zero_occ_residues.PDB_model_num 
_pdbx_unobs_or_zero_occ_residues.polymer_flag 
_pdbx_unobs_or_zero_occ_residues.occupancy_flag 
_pdbx_unobs_or_zero_occ_residues.auth_asym_id 
_pdbx_unobs_or_zero_occ_residues.auth_comp_id 
_pdbx_unobs_or_zero_occ_residues.auth_seq_id 
_pdbx_unobs_or_zero_occ_residues.PDB_ins_code 
_pdbx_unobs_or_zero_occ_residues.label_asym_id 
_pdbx_unobs_or_zero_occ_residues.label_comp_id 
_pdbx_unobs_or_zero_occ_residues.label_seq_id 
1  1 Y 1 A CYS 16  ? A CYS 1   
2  1 Y 1 A ALA 17  ? A ALA 2   
3  1 Y 1 A PRO 18  ? A PRO 3   
4  1 Y 1 A SER 19  ? A SER 4   
5  1 Y 1 A TYR 20  ? A TYR 5   
6  1 Y 1 A GLN 21  ? A GLN 6   
7  1 Y 1 A ILE 22  ? A ILE 7   
8  1 Y 1 A ASN 23  ? A ASN 8   
9  1 Y 1 A SER 24  ? A SER 9   
10 1 Y 1 A ASN 25  ? A ASN 10  
11 1 Y 1 A ASN 122 ? A ASN 107 
12 1 Y 1 B CYS 16  ? B CYS 1   
13 1 Y 1 B ALA 17  ? B ALA 2   
14 1 Y 1 B PRO 18  ? B PRO 3   
15 1 Y 1 B SER 19  ? B SER 4   
16 1 Y 1 B TYR 20  ? B TYR 5   
17 1 Y 1 B GLN 21  ? B GLN 6   
18 1 Y 1 B ILE 22  ? B ILE 7   
19 1 Y 1 B ASN 23  ? B ASN 8   
20 1 Y 1 B SER 24  ? B SER 9   
21 1 Y 1 B ASN 25  ? B ASN 10  
22 1 Y 1 B ASN 122 ? B ASN 107 
# 
loop_
_chem_comp_atom.comp_id 
_chem_comp_atom.atom_id 
_chem_comp_atom.type_symbol 
_chem_comp_atom.pdbx_aromatic_flag 
_chem_comp_atom.pdbx_stereo_config 
_chem_comp_atom.pdbx_ordinal 
ALA N    N  N N 1   
ALA CA   C  N S 2   
ALA C    C  N N 3   
ALA O    O  N N 4   
ALA CB   C  N N 5   
ALA OXT  O  N N 6   
ALA H    H  N N 7   
ALA H2   H  N N 8   
ALA HA   H  N N 9   
ALA HB1  H  N N 10  
ALA HB2  H  N N 11  
ALA HB3  H  N N 12  
ALA HXT  H  N N 13  
ARG N    N  N N 14  
ARG CA   C  N S 15  
ARG C    C  N N 16  
ARG O    O  N N 17  
ARG CB   C  N N 18  
ARG CG   C  N N 19  
ARG CD   C  N N 20  
ARG NE   N  N N 21  
ARG CZ   C  N N 22  
ARG NH1  N  N N 23  
ARG NH2  N  N N 24  
ARG OXT  O  N N 25  
ARG H    H  N N 26  
ARG H2   H  N N 27  
ARG HA   H  N N 28  
ARG HB2  H  N N 29  
ARG HB3  H  N N 30  
ARG HG2  H  N N 31  
ARG HG3  H  N N 32  
ARG HD2  H  N N 33  
ARG HD3  H  N N 34  
ARG HE   H  N N 35  
ARG HH11 H  N N 36  
ARG HH12 H  N N 37  
ARG HH21 H  N N 38  
ARG HH22 H  N N 39  
ARG HXT  H  N N 40  
ASN N    N  N N 41  
ASN CA   C  N S 42  
ASN C    C  N N 43  
ASN O    O  N N 44  
ASN CB   C  N N 45  
ASN CG   C  N N 46  
ASN OD1  O  N N 47  
ASN ND2  N  N N 48  
ASN OXT  O  N N 49  
ASN H    H  N N 50  
ASN H2   H  N N 51  
ASN HA   H  N N 52  
ASN HB2  H  N N 53  
ASN HB3  H  N N 54  
ASN HD21 H  N N 55  
ASN HD22 H  N N 56  
ASN HXT  H  N N 57  
ASP N    N  N N 58  
ASP CA   C  N S 59  
ASP C    C  N N 60  
ASP O    O  N N 61  
ASP CB   C  N N 62  
ASP CG   C  N N 63  
ASP OD1  O  N N 64  
ASP OD2  O  N N 65  
ASP OXT  O  N N 66  
ASP H    H  N N 67  
ASP H2   H  N N 68  
ASP HA   H  N N 69  
ASP HB2  H  N N 70  
ASP HB3  H  N N 71  
ASP HD2  H  N N 72  
ASP HXT  H  N N 73  
BR  BR   BR N N 74  
CYS N    N  N N 75  
CYS CA   C  N R 76  
CYS C    C  N N 77  
CYS O    O  N N 78  
CYS CB   C  N N 79  
CYS SG   S  N N 80  
CYS OXT  O  N N 81  
CYS H    H  N N 82  
CYS H2   H  N N 83  
CYS HA   H  N N 84  
CYS HB2  H  N N 85  
CYS HB3  H  N N 86  
CYS HG   H  N N 87  
CYS HXT  H  N N 88  
GLN N    N  N N 89  
GLN CA   C  N S 90  
GLN C    C  N N 91  
GLN O    O  N N 92  
GLN CB   C  N N 93  
GLN CG   C  N N 94  
GLN CD   C  N N 95  
GLN OE1  O  N N 96  
GLN NE2  N  N N 97  
GLN OXT  O  N N 98  
GLN H    H  N N 99  
GLN H2   H  N N 100 
GLN HA   H  N N 101 
GLN HB2  H  N N 102 
GLN HB3  H  N N 103 
GLN HG2  H  N N 104 
GLN HG3  H  N N 105 
GLN HE21 H  N N 106 
GLN HE22 H  N N 107 
GLN HXT  H  N N 108 
GLU N    N  N N 109 
GLU CA   C  N S 110 
GLU C    C  N N 111 
GLU O    O  N N 112 
GLU CB   C  N N 113 
GLU CG   C  N N 114 
GLU CD   C  N N 115 
GLU OE1  O  N N 116 
GLU OE2  O  N N 117 
GLU OXT  O  N N 118 
GLU H    H  N N 119 
GLU H2   H  N N 120 
GLU HA   H  N N 121 
GLU HB2  H  N N 122 
GLU HB3  H  N N 123 
GLU HG2  H  N N 124 
GLU HG3  H  N N 125 
GLU HE2  H  N N 126 
GLU HXT  H  N N 127 
GLY N    N  N N 128 
GLY CA   C  N N 129 
GLY C    C  N N 130 
GLY O    O  N N 131 
GLY OXT  O  N N 132 
GLY H    H  N N 133 
GLY H2   H  N N 134 
GLY HA2  H  N N 135 
GLY HA3  H  N N 136 
GLY HXT  H  N N 137 
HOH O    O  N N 138 
HOH H1   H  N N 139 
HOH H2   H  N N 140 
ILE N    N  N N 141 
ILE CA   C  N S 142 
ILE C    C  N N 143 
ILE O    O  N N 144 
ILE CB   C  N S 145 
ILE CG1  C  N N 146 
ILE CG2  C  N N 147 
ILE CD1  C  N N 148 
ILE OXT  O  N N 149 
ILE H    H  N N 150 
ILE H2   H  N N 151 
ILE HA   H  N N 152 
ILE HB   H  N N 153 
ILE HG12 H  N N 154 
ILE HG13 H  N N 155 
ILE HG21 H  N N 156 
ILE HG22 H  N N 157 
ILE HG23 H  N N 158 
ILE HD11 H  N N 159 
ILE HD12 H  N N 160 
ILE HD13 H  N N 161 
ILE HXT  H  N N 162 
LEU N    N  N N 163 
LEU CA   C  N S 164 
LEU C    C  N N 165 
LEU O    O  N N 166 
LEU CB   C  N N 167 
LEU CG   C  N N 168 
LEU CD1  C  N N 169 
LEU CD2  C  N N 170 
LEU OXT  O  N N 171 
LEU H    H  N N 172 
LEU H2   H  N N 173 
LEU HA   H  N N 174 
LEU HB2  H  N N 175 
LEU HB3  H  N N 176 
LEU HG   H  N N 177 
LEU HD11 H  N N 178 
LEU HD12 H  N N 179 
LEU HD13 H  N N 180 
LEU HD21 H  N N 181 
LEU HD22 H  N N 182 
LEU HD23 H  N N 183 
LEU HXT  H  N N 184 
LYS N    N  N N 185 
LYS CA   C  N S 186 
LYS C    C  N N 187 
LYS O    O  N N 188 
LYS CB   C  N N 189 
LYS CG   C  N N 190 
LYS CD   C  N N 191 
LYS CE   C  N N 192 
LYS NZ   N  N N 193 
LYS OXT  O  N N 194 
LYS H    H  N N 195 
LYS H2   H  N N 196 
LYS HA   H  N N 197 
LYS HB2  H  N N 198 
LYS HB3  H  N N 199 
LYS HG2  H  N N 200 
LYS HG3  H  N N 201 
LYS HD2  H  N N 202 
LYS HD3  H  N N 203 
LYS HE2  H  N N 204 
LYS HE3  H  N N 205 
LYS HZ1  H  N N 206 
LYS HZ2  H  N N 207 
LYS HZ3  H  N N 208 
LYS HXT  H  N N 209 
PHE N    N  N N 210 
PHE CA   C  N S 211 
PHE C    C  N N 212 
PHE O    O  N N 213 
PHE CB   C  N N 214 
PHE CG   C  Y N 215 
PHE CD1  C  Y N 216 
PHE CD2  C  Y N 217 
PHE CE1  C  Y N 218 
PHE CE2  C  Y N 219 
PHE CZ   C  Y N 220 
PHE OXT  O  N N 221 
PHE H    H  N N 222 
PHE H2   H  N N 223 
PHE HA   H  N N 224 
PHE HB2  H  N N 225 
PHE HB3  H  N N 226 
PHE HD1  H  N N 227 
PHE HD2  H  N N 228 
PHE HE1  H  N N 229 
PHE HE2  H  N N 230 
PHE HZ   H  N N 231 
PHE HXT  H  N N 232 
PRO N    N  N N 233 
PRO CA   C  N S 234 
PRO C    C  N N 235 
PRO O    O  N N 236 
PRO CB   C  N N 237 
PRO CG   C  N N 238 
PRO CD   C  N N 239 
PRO OXT  O  N N 240 
PRO H    H  N N 241 
PRO HA   H  N N 242 
PRO HB2  H  N N 243 
PRO HB3  H  N N 244 
PRO HG2  H  N N 245 
PRO HG3  H  N N 246 
PRO HD2  H  N N 247 
PRO HD3  H  N N 248 
PRO HXT  H  N N 249 
SER N    N  N N 250 
SER CA   C  N S 251 
SER C    C  N N 252 
SER O    O  N N 253 
SER CB   C  N N 254 
SER OG   O  N N 255 
SER OXT  O  N N 256 
SER H    H  N N 257 
SER H2   H  N N 258 
SER HA   H  N N 259 
SER HB2  H  N N 260 
SER HB3  H  N N 261 
SER HG   H  N N 262 
SER HXT  H  N N 263 
THR N    N  N N 264 
THR CA   C  N S 265 
THR C    C  N N 266 
THR O    O  N N 267 
THR CB   C  N R 268 
THR OG1  O  N N 269 
THR CG2  C  N N 270 
THR OXT  O  N N 271 
THR H    H  N N 272 
THR H2   H  N N 273 
THR HA   H  N N 274 
THR HB   H  N N 275 
THR HG1  H  N N 276 
THR HG21 H  N N 277 
THR HG22 H  N N 278 
THR HG23 H  N N 279 
THR HXT  H  N N 280 
TRP N    N  N N 281 
TRP CA   C  N S 282 
TRP C    C  N N 283 
TRP O    O  N N 284 
TRP CB   C  N N 285 
TRP CG   C  Y N 286 
TRP CD1  C  Y N 287 
TRP CD2  C  Y N 288 
TRP NE1  N  Y N 289 
TRP CE2  C  Y N 290 
TRP CE3  C  Y N 291 
TRP CZ2  C  Y N 292 
TRP CZ3  C  Y N 293 
TRP CH2  C  Y N 294 
TRP OXT  O  N N 295 
TRP H    H  N N 296 
TRP H2   H  N N 297 
TRP HA   H  N N 298 
TRP HB2  H  N N 299 
TRP HB3  H  N N 300 
TRP HD1  H  N N 301 
TRP HE1  H  N N 302 
TRP HE3  H  N N 303 
TRP HZ2  H  N N 304 
TRP HZ3  H  N N 305 
TRP HH2  H  N N 306 
TRP HXT  H  N N 307 
TYR N    N  N N 308 
TYR CA   C  N S 309 
TYR C    C  N N 310 
TYR O    O  N N 311 
TYR CB   C  N N 312 
TYR CG   C  Y N 313 
TYR CD1  C  Y N 314 
TYR CD2  C  Y N 315 
TYR CE1  C  Y N 316 
TYR CE2  C  Y N 317 
TYR CZ   C  Y N 318 
TYR OH   O  N N 319 
TYR OXT  O  N N 320 
TYR H    H  N N 321 
TYR H2   H  N N 322 
TYR HA   H  N N 323 
TYR HB2  H  N N 324 
TYR HB3  H  N N 325 
TYR HD1  H  N N 326 
TYR HD2  H  N N 327 
TYR HE1  H  N N 328 
TYR HE2  H  N N 329 
TYR HH   H  N N 330 
TYR HXT  H  N N 331 
VAL N    N  N N 332 
VAL CA   C  N S 333 
VAL C    C  N N 334 
VAL O    O  N N 335 
VAL CB   C  N N 336 
VAL CG1  C  N N 337 
VAL CG2  C  N N 338 
VAL OXT  O  N N 339 
VAL H    H  N N 340 
VAL H2   H  N N 341 
VAL HA   H  N N 342 
VAL HB   H  N N 343 
VAL HG11 H  N N 344 
VAL HG12 H  N N 345 
VAL HG13 H  N N 346 
VAL HG21 H  N N 347 
VAL HG22 H  N N 348 
VAL HG23 H  N N 349 
VAL HXT  H  N N 350 
# 
loop_
_chem_comp_bond.comp_id 
_chem_comp_bond.atom_id_1 
_chem_comp_bond.atom_id_2 
_chem_comp_bond.value_order 
_chem_comp_bond.pdbx_aromatic_flag 
_chem_comp_bond.pdbx_stereo_config 
_chem_comp_bond.pdbx_ordinal 
ALA N   CA   sing N N 1   
ALA N   H    sing N N 2   
ALA N   H2   sing N N 3   
ALA CA  C    sing N N 4   
ALA CA  CB   sing N N 5   
ALA CA  HA   sing N N 6   
ALA C   O    doub N N 7   
ALA C   OXT  sing N N 8   
ALA CB  HB1  sing N N 9   
ALA CB  HB2  sing N N 10  
ALA CB  HB3  sing N N 11  
ALA OXT HXT  sing N N 12  
ARG N   CA   sing N N 13  
ARG N   H    sing N N 14  
ARG N   H2   sing N N 15  
ARG CA  C    sing N N 16  
ARG CA  CB   sing N N 17  
ARG CA  HA   sing N N 18  
ARG C   O    doub N N 19  
ARG C   OXT  sing N N 20  
ARG CB  CG   sing N N 21  
ARG CB  HB2  sing N N 22  
ARG CB  HB3  sing N N 23  
ARG CG  CD   sing N N 24  
ARG CG  HG2  sing N N 25  
ARG CG  HG3  sing N N 26  
ARG CD  NE   sing N N 27  
ARG CD  HD2  sing N N 28  
ARG CD  HD3  sing N N 29  
ARG NE  CZ   sing N N 30  
ARG NE  HE   sing N N 31  
ARG CZ  NH1  sing N N 32  
ARG CZ  NH2  doub N N 33  
ARG NH1 HH11 sing N N 34  
ARG NH1 HH12 sing N N 35  
ARG NH2 HH21 sing N N 36  
ARG NH2 HH22 sing N N 37  
ARG OXT HXT  sing N N 38  
ASN N   CA   sing N N 39  
ASN N   H    sing N N 40  
ASN N   H2   sing N N 41  
ASN CA  C    sing N N 42  
ASN CA  CB   sing N N 43  
ASN CA  HA   sing N N 44  
ASN C   O    doub N N 45  
ASN C   OXT  sing N N 46  
ASN CB  CG   sing N N 47  
ASN CB  HB2  sing N N 48  
ASN CB  HB3  sing N N 49  
ASN CG  OD1  doub N N 50  
ASN CG  ND2  sing N N 51  
ASN ND2 HD21 sing N N 52  
ASN ND2 HD22 sing N N 53  
ASN OXT HXT  sing N N 54  
ASP N   CA   sing N N 55  
ASP N   H    sing N N 56  
ASP N   H2   sing N N 57  
ASP CA  C    sing N N 58  
ASP CA  CB   sing N N 59  
ASP CA  HA   sing N N 60  
ASP C   O    doub N N 61  
ASP C   OXT  sing N N 62  
ASP CB  CG   sing N N 63  
ASP CB  HB2  sing N N 64  
ASP CB  HB3  sing N N 65  
ASP CG  OD1  doub N N 66  
ASP CG  OD2  sing N N 67  
ASP OD2 HD2  sing N N 68  
ASP OXT HXT  sing N N 69  
CYS N   CA   sing N N 70  
CYS N   H    sing N N 71  
CYS N   H2   sing N N 72  
CYS CA  C    sing N N 73  
CYS CA  CB   sing N N 74  
CYS CA  HA   sing N N 75  
CYS C   O    doub N N 76  
CYS C   OXT  sing N N 77  
CYS CB  SG   sing N N 78  
CYS CB  HB2  sing N N 79  
CYS CB  HB3  sing N N 80  
CYS SG  HG   sing N N 81  
CYS OXT HXT  sing N N 82  
GLN N   CA   sing N N 83  
GLN N   H    sing N N 84  
GLN N   H2   sing N N 85  
GLN CA  C    sing N N 86  
GLN CA  CB   sing N N 87  
GLN CA  HA   sing N N 88  
GLN C   O    doub N N 89  
GLN C   OXT  sing N N 90  
GLN CB  CG   sing N N 91  
GLN CB  HB2  sing N N 92  
GLN CB  HB3  sing N N 93  
GLN CG  CD   sing N N 94  
GLN CG  HG2  sing N N 95  
GLN CG  HG3  sing N N 96  
GLN CD  OE1  doub N N 97  
GLN CD  NE2  sing N N 98  
GLN NE2 HE21 sing N N 99  
GLN NE2 HE22 sing N N 100 
GLN OXT HXT  sing N N 101 
GLU N   CA   sing N N 102 
GLU N   H    sing N N 103 
GLU N   H2   sing N N 104 
GLU CA  C    sing N N 105 
GLU CA  CB   sing N N 106 
GLU CA  HA   sing N N 107 
GLU C   O    doub N N 108 
GLU C   OXT  sing N N 109 
GLU CB  CG   sing N N 110 
GLU CB  HB2  sing N N 111 
GLU CB  HB3  sing N N 112 
GLU CG  CD   sing N N 113 
GLU CG  HG2  sing N N 114 
GLU CG  HG3  sing N N 115 
GLU CD  OE1  doub N N 116 
GLU CD  OE2  sing N N 117 
GLU OE2 HE2  sing N N 118 
GLU OXT HXT  sing N N 119 
GLY N   CA   sing N N 120 
GLY N   H    sing N N 121 
GLY N   H2   sing N N 122 
GLY CA  C    sing N N 123 
GLY CA  HA2  sing N N 124 
GLY CA  HA3  sing N N 125 
GLY C   O    doub N N 126 
GLY C   OXT  sing N N 127 
GLY OXT HXT  sing N N 128 
HOH O   H1   sing N N 129 
HOH O   H2   sing N N 130 
ILE N   CA   sing N N 131 
ILE N   H    sing N N 132 
ILE N   H2   sing N N 133 
ILE CA  C    sing N N 134 
ILE CA  CB   sing N N 135 
ILE CA  HA   sing N N 136 
ILE C   O    doub N N 137 
ILE C   OXT  sing N N 138 
ILE CB  CG1  sing N N 139 
ILE CB  CG2  sing N N 140 
ILE CB  HB   sing N N 141 
ILE CG1 CD1  sing N N 142 
ILE CG1 HG12 sing N N 143 
ILE CG1 HG13 sing N N 144 
ILE CG2 HG21 sing N N 145 
ILE CG2 HG22 sing N N 146 
ILE CG2 HG23 sing N N 147 
ILE CD1 HD11 sing N N 148 
ILE CD1 HD12 sing N N 149 
ILE CD1 HD13 sing N N 150 
ILE OXT HXT  sing N N 151 
LEU N   CA   sing N N 152 
LEU N   H    sing N N 153 
LEU N   H2   sing N N 154 
LEU CA  C    sing N N 155 
LEU CA  CB   sing N N 156 
LEU CA  HA   sing N N 157 
LEU C   O    doub N N 158 
LEU C   OXT  sing N N 159 
LEU CB  CG   sing N N 160 
LEU CB  HB2  sing N N 161 
LEU CB  HB3  sing N N 162 
LEU CG  CD1  sing N N 163 
LEU CG  CD2  sing N N 164 
LEU CG  HG   sing N N 165 
LEU CD1 HD11 sing N N 166 
LEU CD1 HD12 sing N N 167 
LEU CD1 HD13 sing N N 168 
LEU CD2 HD21 sing N N 169 
LEU CD2 HD22 sing N N 170 
LEU CD2 HD23 sing N N 171 
LEU OXT HXT  sing N N 172 
LYS N   CA   sing N N 173 
LYS N   H    sing N N 174 
LYS N   H2   sing N N 175 
LYS CA  C    sing N N 176 
LYS CA  CB   sing N N 177 
LYS CA  HA   sing N N 178 
LYS C   O    doub N N 179 
LYS C   OXT  sing N N 180 
LYS CB  CG   sing N N 181 
LYS CB  HB2  sing N N 182 
LYS CB  HB3  sing N N 183 
LYS CG  CD   sing N N 184 
LYS CG  HG2  sing N N 185 
LYS CG  HG3  sing N N 186 
LYS CD  CE   sing N N 187 
LYS CD  HD2  sing N N 188 
LYS CD  HD3  sing N N 189 
LYS CE  NZ   sing N N 190 
LYS CE  HE2  sing N N 191 
LYS CE  HE3  sing N N 192 
LYS NZ  HZ1  sing N N 193 
LYS NZ  HZ2  sing N N 194 
LYS NZ  HZ3  sing N N 195 
LYS OXT HXT  sing N N 196 
PHE N   CA   sing N N 197 
PHE N   H    sing N N 198 
PHE N   H2   sing N N 199 
PHE CA  C    sing N N 200 
PHE CA  CB   sing N N 201 
PHE CA  HA   sing N N 202 
PHE C   O    doub N N 203 
PHE C   OXT  sing N N 204 
PHE CB  CG   sing N N 205 
PHE CB  HB2  sing N N 206 
PHE CB  HB3  sing N N 207 
PHE CG  CD1  doub Y N 208 
PHE CG  CD2  sing Y N 209 
PHE CD1 CE1  sing Y N 210 
PHE CD1 HD1  sing N N 211 
PHE CD2 CE2  doub Y N 212 
PHE CD2 HD2  sing N N 213 
PHE CE1 CZ   doub Y N 214 
PHE CE1 HE1  sing N N 215 
PHE CE2 CZ   sing Y N 216 
PHE CE2 HE2  sing N N 217 
PHE CZ  HZ   sing N N 218 
PHE OXT HXT  sing N N 219 
PRO N   CA   sing N N 220 
PRO N   CD   sing N N 221 
PRO N   H    sing N N 222 
PRO CA  C    sing N N 223 
PRO CA  CB   sing N N 224 
PRO CA  HA   sing N N 225 
PRO C   O    doub N N 226 
PRO C   OXT  sing N N 227 
PRO CB  CG   sing N N 228 
PRO CB  HB2  sing N N 229 
PRO CB  HB3  sing N N 230 
PRO CG  CD   sing N N 231 
PRO CG  HG2  sing N N 232 
PRO CG  HG3  sing N N 233 
PRO CD  HD2  sing N N 234 
PRO CD  HD3  sing N N 235 
PRO OXT HXT  sing N N 236 
SER N   CA   sing N N 237 
SER N   H    sing N N 238 
SER N   H2   sing N N 239 
SER CA  C    sing N N 240 
SER CA  CB   sing N N 241 
SER CA  HA   sing N N 242 
SER C   O    doub N N 243 
SER C   OXT  sing N N 244 
SER CB  OG   sing N N 245 
SER CB  HB2  sing N N 246 
SER CB  HB3  sing N N 247 
SER OG  HG   sing N N 248 
SER OXT HXT  sing N N 249 
THR N   CA   sing N N 250 
THR N   H    sing N N 251 
THR N   H2   sing N N 252 
THR CA  C    sing N N 253 
THR CA  CB   sing N N 254 
THR CA  HA   sing N N 255 
THR C   O    doub N N 256 
THR C   OXT  sing N N 257 
THR CB  OG1  sing N N 258 
THR CB  CG2  sing N N 259 
THR CB  HB   sing N N 260 
THR OG1 HG1  sing N N 261 
THR CG2 HG21 sing N N 262 
THR CG2 HG22 sing N N 263 
THR CG2 HG23 sing N N 264 
THR OXT HXT  sing N N 265 
TRP N   CA   sing N N 266 
TRP N   H    sing N N 267 
TRP N   H2   sing N N 268 
TRP CA  C    sing N N 269 
TRP CA  CB   sing N N 270 
TRP CA  HA   sing N N 271 
TRP C   O    doub N N 272 
TRP C   OXT  sing N N 273 
TRP CB  CG   sing N N 274 
TRP CB  HB2  sing N N 275 
TRP CB  HB3  sing N N 276 
TRP CG  CD1  doub Y N 277 
TRP CG  CD2  sing Y N 278 
TRP CD1 NE1  sing Y N 279 
TRP CD1 HD1  sing N N 280 
TRP CD2 CE2  doub Y N 281 
TRP CD2 CE3  sing Y N 282 
TRP NE1 CE2  sing Y N 283 
TRP NE1 HE1  sing N N 284 
TRP CE2 CZ2  sing Y N 285 
TRP CE3 CZ3  doub Y N 286 
TRP CE3 HE3  sing N N 287 
TRP CZ2 CH2  doub Y N 288 
TRP CZ2 HZ2  sing N N 289 
TRP CZ3 CH2  sing Y N 290 
TRP CZ3 HZ3  sing N N 291 
TRP CH2 HH2  sing N N 292 
TRP OXT HXT  sing N N 293 
TYR N   CA   sing N N 294 
TYR N   H    sing N N 295 
TYR N   H2   sing N N 296 
TYR CA  C    sing N N 297 
TYR CA  CB   sing N N 298 
TYR CA  HA   sing N N 299 
TYR C   O    doub N N 300 
TYR C   OXT  sing N N 301 
TYR CB  CG   sing N N 302 
TYR CB  HB2  sing N N 303 
TYR CB  HB3  sing N N 304 
TYR CG  CD1  doub Y N 305 
TYR CG  CD2  sing Y N 306 
TYR CD1 CE1  sing Y N 307 
TYR CD1 HD1  sing N N 308 
TYR CD2 CE2  doub Y N 309 
TYR CD2 HD2  sing N N 310 
TYR CE1 CZ   doub Y N 311 
TYR CE1 HE1  sing N N 312 
TYR CE2 CZ   sing Y N 313 
TYR CE2 HE2  sing N N 314 
TYR CZ  OH   sing N N 315 
TYR OH  HH   sing N N 316 
TYR OXT HXT  sing N N 317 
VAL N   CA   sing N N 318 
VAL N   H    sing N N 319 
VAL N   H2   sing N N 320 
VAL CA  C    sing N N 321 
VAL CA  CB   sing N N 322 
VAL CA  HA   sing N N 323 
VAL C   O    doub N N 324 
VAL C   OXT  sing N N 325 
VAL CB  CG1  sing N N 326 
VAL CB  CG2  sing N N 327 
VAL CB  HB   sing N N 328 
VAL CG1 HG11 sing N N 329 
VAL CG1 HG12 sing N N 330 
VAL CG1 HG13 sing N N 331 
VAL CG2 HG21 sing N N 332 
VAL CG2 HG22 sing N N 333 
VAL CG2 HG23 sing N N 334 
VAL OXT HXT  sing N N 335 
# 
_atom_sites.entry_id                    4GIO 
_atom_sites.fract_transf_matrix[1][1]   -0.00308606 
_atom_sites.fract_transf_matrix[1][2]   -0.01717889 
_atom_sites.fract_transf_matrix[1][3]   0.00880706 
_atom_sites.fract_transf_matrix[2][1]   -0.00536613 
_atom_sites.fract_transf_matrix[2][2]   -0.00780404 
_atom_sites.fract_transf_matrix[2][3]   -0.01710275 
_atom_sites.fract_transf_matrix[3][1]   0.00507852 
_atom_sites.fract_transf_matrix[3][2]   -0.00140139 
_atom_sites.fract_transf_matrix[3][3]   -0.00095397 
_atom_sites.fract_transf_vector[1]      0.536825 
_atom_sites.fract_transf_vector[2]      -0.144986 
_atom_sites.fract_transf_vector[3]      0.132825 
# 
loop_
_atom_type.symbol 
BR 
C  
N  
O  
# 
loop_
_atom_site.group_PDB 
_atom_site.id 
_atom_site.type_symbol 
_atom_site.label_atom_id 
_atom_site.label_alt_id 
_atom_site.label_comp_id 
_atom_site.label_asym_id 
_atom_site.label_entity_id 
_atom_site.label_seq_id 
_atom_site.pdbx_PDB_ins_code 
_atom_site.Cartn_x 
_atom_site.Cartn_y 
_atom_site.Cartn_z 
_atom_site.occupancy 
_atom_site.B_iso_or_equiv 
_atom_site.pdbx_formal_charge 
_atom_site.auth_seq_id 
_atom_site.auth_comp_id 
_atom_site.auth_asym_id 
_atom_site.auth_atom_id 
_atom_site.pdbx_PDB_model_num 
ATOM   1    N  N   . GLN A 1 11  ? -0.279  9.944   6.075   1.00 36.99 ? 26  GLN A N   1 
ATOM   2    C  CA  . GLN A 1 11  ? 1.047   9.480   6.649   1.00 42.52 ? 26  GLN A CA  1 
ATOM   3    C  C   . GLN A 1 11  ? 1.715   8.318   5.889   1.00 42.48 ? 26  GLN A C   1 
ATOM   4    O  O   . GLN A 1 11  ? 2.544   8.548   4.993   1.00 45.36 ? 26  GLN A O   1 
ATOM   5    C  CB  . GLN A 1 11  ? 0.987   9.172   8.189   1.00 42.68 ? 26  GLN A CB  1 
ATOM   6    C  CG  . GLN A 1 11  ? 0.521   7.735   8.606   1.00 46.61 ? 26  GLN A CG  1 
ATOM   7    C  CD  . GLN A 1 11  ? -0.977  7.658   9.027   1.00 52.73 ? 26  GLN A CD  1 
ATOM   8    O  OE1 . GLN A 1 11  ? -1.545  8.625   9.578   1.00 54.70 ? 26  GLN A OE1 1 
ATOM   9    N  NE2 . GLN A 1 11  ? -1.604  6.487   8.792   1.00 51.87 ? 26  GLN A NE2 1 
ATOM   10   N  N   . ASN A 1 12  ? 1.388   7.080   6.260   1.00 41.32 ? 27  ASN A N   1 
ATOM   11   C  CA  . ASN A 1 12  ? 1.383   6.018   5.270   1.00 39.22 ? 27  ASN A CA  1 
ATOM   12   C  C   . ASN A 1 12  ? -0.006  5.947   4.542   1.00 34.30 ? 27  ASN A C   1 
ATOM   13   O  O   . ASN A 1 12  ? -0.256  5.075   3.714   1.00 33.45 ? 27  ASN A O   1 
ATOM   14   C  CB  . ASN A 1 12  ? 1.783   4.690   5.892   1.00 41.04 ? 27  ASN A CB  1 
ATOM   15   C  CG  . ASN A 1 12  ? 2.219   3.673   4.838   1.00 45.97 ? 27  ASN A CG  1 
ATOM   16   O  OD1 . ASN A 1 12  ? 1.390   3.212   4.027   1.00 52.91 ? 27  ASN A OD1 1 
ATOM   17   N  ND2 . ASN A 1 12  ? 3.529   3.330   4.820   1.00 49.64 ? 27  ASN A ND2 1 
ATOM   18   N  N   . THR A 1 13  ? -0.894  6.885   4.870   1.00 30.00 ? 28  THR A N   1 
ATOM   19   C  CA  . THR A 1 13  ? -2.202  6.976   4.222   1.00 25.21 ? 28  THR A CA  1 
ATOM   20   C  C   . THR A 1 13  ? -2.162  7.831   2.959   1.00 23.50 ? 28  THR A C   1 
ATOM   21   O  O   . THR A 1 13  ? -2.698  7.443   1.901   1.00 21.72 ? 28  THR A O   1 
ATOM   22   C  CB  . THR A 1 13  ? -3.244  7.522   5.195   1.00 26.40 ? 28  THR A CB  1 
ATOM   23   O  OG1 . THR A 1 13  ? -3.248  6.713   6.384   1.00 25.52 ? 28  THR A OG1 1 
ATOM   24   C  CG2 . THR A 1 13  ? -4.619  7.483   4.584   1.00 21.21 ? 28  THR A CG2 1 
ATOM   25   N  N   . VAL A 1 14  ? -1.517  9.003   3.048   1.00 20.63 ? 29  VAL A N   1 
ATOM   26   C  CA  . VAL A 1 14  ? -1.352  9.808   1.854   1.00 19.19 ? 29  VAL A CA  1 
ATOM   27   C  C   . VAL A 1 14  ? 0.120   9.793   1.463   1.00 19.96 ? 29  VAL A C   1 
ATOM   28   O  O   . VAL A 1 14  ? 0.970   10.095  2.277   1.00 21.29 ? 29  VAL A O   1 
ATOM   29   C  CB  . VAL A 1 14  ? -1.845  11.215  2.070   1.00 19.80 ? 29  VAL A CB  1 
ATOM   30   C  CG1 . VAL A 1 14  ? -1.906  11.992  0.667   1.00 17.31 ? 29  VAL A CG1 1 
ATOM   31   C  CG2 . VAL A 1 14  ? -3.150  11.189  2.742   1.00 18.88 ? 29  VAL A CG2 1 
ATOM   32   N  N   . ILE A 1 15  ? 0.426   9.349   0.251   1.00 18.55 ? 30  ILE A N   1 
ATOM   33   C  CA  . ILE A 1 15  ? 1.803   9.212   -0.181  1.00 19.66 ? 30  ILE A CA  1 
ATOM   34   C  C   . ILE A 1 15  ? 2.041   10.265  -1.287  1.00 20.23 ? 30  ILE A C   1 
ATOM   35   O  O   . ILE A 1 15  ? 1.452   10.172  -2.377  1.00 19.35 ? 30  ILE A O   1 
ATOM   36   C  CB  . ILE A 1 15  ? 2.019   7.840   -0.798  1.00 20.42 ? 30  ILE A CB  1 
ATOM   37   C  CG1 . ILE A 1 15  ? 1.661   6.783   0.264   1.00 21.98 ? 30  ILE A CG1 1 
ATOM   38   C  CG2 . ILE A 1 15  ? 3.506   7.687   -1.262  1.00 19.70 ? 30  ILE A CG2 1 
ATOM   39   C  CD1 . ILE A 1 15  ? 1.336   5.447   -0.358  1.00 29.48 ? 30  ILE A CD1 1 
ATOM   40   N  N   . LEU A 1 16  ? 2.908   11.224  -1.020  1.00 20.28 ? 31  LEU A N   1 
ATOM   41   C  CA  . LEU A 1 16  ? 3.213   12.326  -1.986  1.00 20.28 ? 31  LEU A CA  1 
ATOM   42   C  C   . LEU A 1 16  ? 4.496   12.095  -2.728  1.00 19.02 ? 31  LEU A C   1 
ATOM   43   O  O   . LEU A 1 16  ? 5.491   11.735  -2.127  1.00 18.28 ? 31  LEU A O   1 
ATOM   44   C  CB  . LEU A 1 16  ? 3.349   13.644  -1.209  1.00 20.47 ? 31  LEU A CB  1 
ATOM   45   C  CG  . LEU A 1 16  ? 2.234   14.081  -0.285  1.00 21.30 ? 31  LEU A CG  1 
ATOM   46   C  CD1 . LEU A 1 16  ? 2.647   15.433  0.300   1.00 28.28 ? 31  LEU A CD1 1 
ATOM   47   C  CD2 . LEU A 1 16  ? 0.949   14.249  -1.110  1.00 23.04 ? 31  LEU A CD2 1 
ATOM   48   N  N   . GLY A 1 17  ? 4.522   12.361  -4.038  1.00 18.23 ? 32  GLY A N   1 
ATOM   49   C  CA  . GLY A 1 17  ? 5.719   12.226  -4.798  1.00 18.60 ? 32  GLY A CA  1 
ATOM   50   C  C   . GLY A 1 17  ? 6.746   13.333  -4.416  1.00 18.56 ? 32  GLY A C   1 
ATOM   51   O  O   . GLY A 1 17  ? 6.388   14.359  -3.810  1.00 18.13 ? 32  GLY A O   1 
ATOM   52   N  N   . SER A 1 18  ? 7.986   13.113  -4.818  1.00 20.18 ? 33  SER A N   1 
ATOM   53   C  CA  . SER A 1 18  ? 9.107   14.036  -4.580  1.00 22.71 ? 33  SER A CA  1 
ATOM   54   C  C   . SER A 1 18  ? 8.974   15.475  -5.139  1.00 22.95 ? 33  SER A C   1 
ATOM   55   O  O   . SER A 1 18  ? 9.570   16.402  -4.599  1.00 23.40 ? 33  SER A O   1 
ATOM   56   C  CB  . SER A 1 18  ? 10.430  13.401  -5.011  1.00 23.74 ? 33  SER A CB  1 
ATOM   57   O  OG  . SER A 1 18  ? 10.504  13.166  -6.377  1.00 24.87 ? 33  SER A OG  1 
ATOM   58   N  N   . ASN A 1 19  ? 8.201   15.668  -6.191  1.00 22.96 ? 34  ASN A N   1 
ATOM   59   C  CA  . ASN A 1 19  ? 8.000   16.989  -6.739  1.00 22.76 ? 34  ASN A CA  1 
ATOM   60   C  C   . ASN A 1 19  ? 6.801   17.718  -6.155  1.00 24.27 ? 34  ASN A C   1 
ATOM   61   O  O   . ASN A 1 19  ? 6.452   18.766  -6.655  1.00 25.90 ? 34  ASN A O   1 
ATOM   62   C  CB  . ASN A 1 19  ? 7.921   16.927  -8.249  1.00 22.10 ? 34  ASN A CB  1 
ATOM   63   C  CG  . ASN A 1 19  ? 9.199   16.436  -8.867  1.00 22.45 ? 34  ASN A CG  1 
ATOM   64   O  OD1 . ASN A 1 19  ? 10.258  16.935  -8.588  1.00 21.66 ? 34  ASN A OD1 1 
ATOM   65   N  ND2 . ASN A 1 19  ? 9.098   15.455  -9.748  1.00 25.81 ? 34  ASN A ND2 1 
ATOM   66   N  N   . LEU A 1 20  ? 6.195   17.222  -5.075  1.00 22.00 ? 35  LEU A N   1 
ATOM   67   C  CA  . LEU A 1 20  ? 5.146   17.988  -4.414  1.00 21.76 ? 35  LEU A CA  1 
ATOM   68   C  C   . LEU A 1 20  ? 5.636   18.507  -3.038  1.00 23.16 ? 35  LEU A C   1 
ATOM   69   O  O   . LEU A 1 20  ? 6.352   17.801  -2.356  1.00 24.23 ? 35  LEU A O   1 
ATOM   70   C  CB  . LEU A 1 20  ? 3.928   17.061  -4.212  1.00 21.38 ? 35  LEU A CB  1 
ATOM   71   C  CG  . LEU A 1 20  ? 3.332   16.567  -5.534  1.00 18.69 ? 35  LEU A CG  1 
ATOM   72   C  CD1 . LEU A 1 20  ? 2.097   15.699  -5.246  1.00 21.92 ? 35  LEU A CD1 1 
ATOM   73   C  CD2 . LEU A 1 20  ? 2.962   17.762  -6.379  1.00 18.12 ? 35  LEU A CD2 1 
ATOM   74   N  N   . PRO A 1 21  ? 5.160   19.667  -2.596  1.00 24.98 ? 36  PRO A N   1 
ATOM   75   C  CA  . PRO A 1 21  ? 5.520   20.124  -1.266  1.00 26.64 ? 36  PRO A CA  1 
ATOM   76   C  C   . PRO A 1 21  ? 4.921   19.228  -0.173  1.00 28.02 ? 36  PRO A C   1 
ATOM   77   O  O   . PRO A 1 21  ? 3.818   18.620  -0.323  1.00 23.99 ? 36  PRO A O   1 
ATOM   78   C  CB  . PRO A 1 21  ? 4.924   21.519  -1.226  1.00 26.19 ? 36  PRO A CB  1 
ATOM   79   C  CG  . PRO A 1 21  ? 3.808   21.454  -2.112  1.00 25.73 ? 36  PRO A CG  1 
ATOM   80   C  CD  . PRO A 1 21  ? 4.256   20.621  -3.248  1.00 25.96 ? 36  PRO A CD  1 
ATOM   81   N  N   . LYS A 1 22  ? 5.656   19.131  0.922   1.00 29.69 ? 37  LYS A N   1 
ATOM   82   C  CA  . LYS A 1 22  ? 5.266   18.238  2.022   1.00 31.42 ? 37  LYS A CA  1 
ATOM   83   C  C   . LYS A 1 22  ? 4.012   18.734  2.634   1.00 30.19 ? 37  LYS A C   1 
ATOM   84   O  O   . LYS A 1 22  ? 3.277   17.938  3.197   1.00 30.62 ? 37  LYS A O   1 
ATOM   85   C  CB  . LYS A 1 22  ? 6.341   18.185  3.136   1.00 33.23 ? 37  LYS A CB  1 
ATOM   86   C  CG  . LYS A 1 22  ? 7.347   17.049  2.990   1.00 37.78 ? 37  LYS A CG  1 
ATOM   87   C  CD  . LYS A 1 22  ? 8.098   17.128  1.648   1.00 41.76 ? 37  LYS A CD  1 
ATOM   88   C  CE  . LYS A 1 22  ? 9.365   17.984  1.659   1.00 42.22 ? 37  LYS A CE  1 
ATOM   89   N  NZ  . LYS A 1 22  ? 9.796   18.434  0.214   1.00 43.11 ? 37  LYS A NZ  1 
ATOM   90   N  N   . SER A 1 23  ? 3.776   20.046  2.553   1.00 29.16 ? 38  SER A N   1 
ATOM   91   C  CA  . SER A 1 23  ? 2.646   20.651  3.238   1.00 28.75 ? 38  SER A CA  1 
ATOM   92   C  C   . SER A 1 23  ? 1.390   20.666  2.367   1.00 25.88 ? 38  SER A C   1 
ATOM   93   O  O   . SER A 1 23  ? 0.425   21.310  2.727   1.00 26.01 ? 38  SER A O   1 
ATOM   94   C  CB  . SER A 1 23  ? 2.967   22.074  3.737   1.00 28.81 ? 38  SER A CB  1 
ATOM   95   O  OG  . SER A 1 23  ? 2.959   23.018  2.642   1.00 35.77 ? 38  SER A OG  1 
ATOM   96   N  N   . LEU A 1 24  ? 1.418   19.991  1.218   1.00 23.16 ? 39  LEU A N   1 
ATOM   97   C  CA  . LEU A 1 24  ? 0.221   19.930  0.327   1.00 21.69 ? 39  LEU A CA  1 
ATOM   98   C  C   . LEU A 1 24  ? -1.031  19.460  1.028   1.00 21.01 ? 39  LEU A C   1 
ATOM   99   O  O   . LEU A 1 24  ? -2.094  20.059  0.893   1.00 17.96 ? 39  LEU A O   1 
ATOM   100  C  CB  . LEU A 1 24  ? 0.439   19.009  -0.875  1.00 22.00 ? 39  LEU A CB  1 
ATOM   101  C  CG  . LEU A 1 24  ? -0.698  19.093  -1.936  1.00 19.19 ? 39  LEU A CG  1 
ATOM   102  C  CD1 . LEU A 1 24  ? -0.732  20.469  -2.618  1.00 23.81 ? 39  LEU A CD1 1 
ATOM   103  C  CD2 . LEU A 1 24  ? -0.419  18.012  -2.959  1.00 22.94 ? 39  LEU A CD2 1 
ATOM   104  N  N   . VAL A 1 25  ? -0.895  18.387  1.803   1.00 21.67 ? 40  VAL A N   1 
ATOM   105  C  CA  . VAL A 1 25  ? -2.054  17.837  2.518   1.00 23.00 ? 40  VAL A CA  1 
ATOM   106  C  C   . VAL A 1 25  ? -2.267  18.567  3.852   1.00 22.77 ? 40  VAL A C   1 
ATOM   107  O  O   . VAL A 1 25  ? -1.404  18.511  4.713   1.00 24.41 ? 40  VAL A O   1 
ATOM   108  C  CB  . VAL A 1 25  ? -1.860  16.319  2.795   1.00 23.20 ? 40  VAL A CB  1 
ATOM   109  C  CG1 . VAL A 1 25  ? -3.039  15.782  3.597   1.00 21.64 ? 40  VAL A CG1 1 
ATOM   110  C  CG2 . VAL A 1 25  ? -1.721  15.561  1.464   1.00 25.70 ? 40  VAL A CG2 1 
ATOM   111  N  N   . LYS A 1 26  ? -3.394  19.226  3.997   1.00 22.56 ? 41  LYS A N   1 
ATOM   112  C  CA  . LYS A 1 26  ? -3.761  19.983  5.213   1.00 24.56 ? 41  LYS A CA  1 
ATOM   113  C  C   . LYS A 1 26  ? -4.272  19.070  6.321   1.00 26.19 ? 41  LYS A C   1 
ATOM   114  O  O   . LYS A 1 26  ? -3.855  19.168  7.487   1.00 25.36 ? 41  LYS A O   1 
ATOM   115  C  CB  . LYS A 1 26  ? -4.829  21.011  4.842   1.00 25.43 ? 41  LYS A CB  1 
ATOM   116  C  CG  . LYS A 1 26  ? -4.273  22.311  4.183   1.00 27.39 ? 41  LYS A CG  1 
ATOM   117  C  CD  . LYS A 1 26  ? -2.837  22.160  3.580   1.00 26.64 ? 41  LYS A CD  1 
ATOM   118  C  CE  . LYS A 1 26  ? -1.814  22.816  4.505   1.00 31.61 ? 41  LYS A CE  1 
ATOM   119  N  NZ  . LYS A 1 26  ? -0.719  23.424  3.749   1.00 33.07 ? 41  LYS A NZ  1 
ATOM   120  N  N   . GLN A 1 27  ? -5.162  18.150  5.951   1.00 25.91 ? 42  GLN A N   1 
ATOM   121  C  CA  . GLN A 1 27  ? -5.634  17.153  6.885   1.00 25.55 ? 42  GLN A CA  1 
ATOM   122  C  C   . GLN A 1 27  ? -6.436  16.131  6.076   1.00 25.27 ? 42  GLN A C   1 
ATOM   123  O  O   . GLN A 1 27  ? -6.785  16.354  4.909   1.00 23.01 ? 42  GLN A O   1 
ATOM   124  C  CB  . GLN A 1 27  ? -6.549  17.764  7.952   1.00 26.90 ? 42  GLN A CB  1 
ATOM   125  C  CG  . GLN A 1 27  ? -7.732  18.502  7.349   1.00 32.82 ? 42  GLN A CG  1 
ATOM   126  C  CD  . GLN A 1 27  ? -8.811  18.864  8.355   1.00 41.84 ? 42  GLN A CD  1 
ATOM   127  O  OE1 . GLN A 1 27  ? -8.859  19.992  8.844   1.00 43.65 ? 42  GLN A OE1 1 
ATOM   128  N  NE2 . GLN A 1 27  ? -9.720  17.912  8.632   1.00 43.86 ? 42  GLN A NE2 1 
ATOM   129  N  N   . PHE A 1 28  ? -6.728  15.012  6.721   1.00 25.66 ? 43  PHE A N   1 
ATOM   130  C  CA  . PHE A 1 28  ? -7.706  14.088  6.153   1.00 25.40 ? 43  PHE A CA  1 
ATOM   131  C  C   . PHE A 1 28  ? -8.556  13.433  7.227   1.00 25.26 ? 43  PHE A C   1 
ATOM   132  O  O   . PHE A 1 28  ? -8.220  13.411  8.393   1.00 25.09 ? 43  PHE A O   1 
ATOM   133  C  CB  . PHE A 1 28  ? -7.024  13.079  5.251   1.00 24.27 ? 43  PHE A CB  1 
ATOM   134  C  CG  . PHE A 1 28  ? -6.119  12.154  5.951   1.00 28.37 ? 43  PHE A CG  1 
ATOM   135  C  CD1 . PHE A 1 28  ? -6.604  10.986  6.508   1.00 29.00 ? 43  PHE A CD1 1 
ATOM   136  C  CD2 . PHE A 1 28  ? -4.768  12.448  6.057   1.00 33.14 ? 43  PHE A CD2 1 
ATOM   137  C  CE1 . PHE A 1 28  ? -5.758  10.123  7.140   1.00 31.70 ? 43  PHE A CE1 1 
ATOM   138  C  CE2 . PHE A 1 28  ? -3.915  11.573  6.674   1.00 36.52 ? 43  PHE A CE2 1 
ATOM   139  C  CZ  . PHE A 1 28  ? -4.428  10.403  7.233   1.00 32.65 ? 43  PHE A CZ  1 
ATOM   140  N  N   . GLN A 1 29  ? -9.685  12.914  6.821   1.00 25.38 ? 44  GLN A N   1 
ATOM   141  C  CA  . GLN A 1 29  ? -10.503 12.176  7.778   1.00 24.23 ? 44  GLN A CA  1 
ATOM   142  C  C   . GLN A 1 29  ? -11.353 11.170  7.008   1.00 22.14 ? 44  GLN A C   1 
ATOM   143  O  O   . GLN A 1 29  ? -11.466 11.239  5.785   1.00 21.99 ? 44  GLN A O   1 
ATOM   144  C  CB  . GLN A 1 29  ? -11.377 13.152  8.549   1.00 23.95 ? 44  GLN A CB  1 
ATOM   145  C  CG  . GLN A 1 29  ? -12.300 13.917  7.637   1.00 28.55 ? 44  GLN A CG  1 
ATOM   146  C  CD  . GLN A 1 29  ? -12.905 15.086  8.317   1.00 37.90 ? 44  GLN A CD  1 
ATOM   147  O  OE1 . GLN A 1 29  ? -12.566 15.387  9.456   1.00 44.35 ? 44  GLN A OE1 1 
ATOM   148  N  NE2 . GLN A 1 29  ? -13.798 15.780  7.628   1.00 41.55 ? 44  GLN A NE2 1 
ATOM   149  N  N   . LYS A 1 30  ? -11.944 10.253  7.729   1.00 21.05 ? 45  LYS A N   1 
ATOM   150  C  CA  . LYS A 1 30  ? -12.829 9.285   7.107   1.00 21.61 ? 45  LYS A CA  1 
ATOM   151  C  C   . LYS A 1 30  ? -14.006 8.980   8.014   1.00 20.66 ? 45  LYS A C   1 
ATOM   152  O  O   . LYS A 1 30  ? -13.928 9.191   9.252   1.00 20.01 ? 45  LYS A O   1 
ATOM   153  C  CB  . LYS A 1 30  ? -12.036 8.024   6.705   1.00 20.26 ? 45  LYS A CB  1 
ATOM   154  C  CG  . LYS A 1 30  ? -11.426 7.217   7.852   1.00 25.10 ? 45  LYS A CG  1 
ATOM   155  C  CD  . LYS A 1 30  ? -10.290 6.286   7.316   1.00 25.78 ? 45  LYS A CD  1 
ATOM   156  C  CE  . LYS A 1 30  ? -9.890  5.249   8.364   1.00 26.74 ? 45  LYS A CE  1 
ATOM   157  N  NZ  . LYS A 1 30  ? -9.414  5.974   9.555   1.00 34.62 ? 45  LYS A NZ  1 
ATOM   158  N  N   . ARG A 1 31  ? -15.043 8.402   7.422   1.00 19.35 ? 46  ARG A N   1 
ATOM   159  C  CA  . ARG A 1 31  ? -16.178 7.895   8.214   1.00 19.47 ? 46  ARG A CA  1 
ATOM   160  C  C   . ARG A 1 31  ? -16.986 6.868   7.408   1.00 19.04 ? 46  ARG A C   1 
ATOM   161  O  O   . ARG A 1 31  ? -16.922 6.825   6.159   1.00 17.22 ? 46  ARG A O   1 
ATOM   162  C  CB  . ARG A 1 31  ? -17.025 9.055   8.685   1.00 19.68 ? 46  ARG A CB  1 
ATOM   163  C  CG  . ARG A 1 31  ? -17.722 9.693   7.563   1.00 22.11 ? 46  ARG A CG  1 
ATOM   164  C  CD  . ARG A 1 31  ? -18.412 10.969  8.004   1.00 30.94 ? 46  ARG A CD  1 
ATOM   165  N  NE  . ARG A 1 31  ? -19.688 10.944  7.329   1.00 40.93 ? 46  ARG A NE  1 
ATOM   166  C  CZ  . ARG A 1 31  ? -19.836 11.251  6.055   1.00 41.61 ? 46  ARG A CZ  1 
ATOM   167  N  NH1 . ARG A 1 31  ? -18.775 11.654  5.382   1.00 43.24 ? 46  ARG A NH1 1 
ATOM   168  N  NH2 . ARG A 1 31  ? -21.032 11.162  5.479   1.00 44.39 ? 46  ARG A NH2 1 
ATOM   169  N  N   . ILE A 1 32  ? -17.777 6.075   8.100   1.00 18.24 ? 47  ILE A N   1 
ATOM   170  C  CA  . ILE A 1 32  ? -18.632 5.173   7.429   1.00 19.33 ? 47  ILE A CA  1 
ATOM   171  C  C   . ILE A 1 32  ? -19.978 5.888   7.325   1.00 19.57 ? 47  ILE A C   1 
ATOM   172  O  O   . ILE A 1 32  ? -20.462 6.399   8.327   1.00 20.19 ? 47  ILE A O   1 
ATOM   173  C  CB  . ILE A 1 32  ? -18.827 3.851   8.255   1.00 19.92 ? 47  ILE A CB  1 
ATOM   174  C  CG1 . ILE A 1 32  ? -17.476 3.207   8.620   1.00 20.53 ? 47  ILE A CG1 1 
ATOM   175  C  CG2 . ILE A 1 32  ? -19.778 2.865   7.549   1.00 21.17 ? 47  ILE A CG2 1 
ATOM   176  C  CD1 . ILE A 1 32  ? -16.577 2.927   7.490   1.00 22.55 ? 47  ILE A CD1 1 
ATOM   177  N  N   . ASN A 1 33  ? -20.551 5.957   6.119   1.00 17.80 ? 48  ASN A N   1 
ATOM   178  C  CA  . ASN A 1 33  ? -21.751 6.734   5.905   1.00 17.57 ? 48  ASN A CA  1 
ATOM   179  C  C   . ASN A 1 33  ? -22.968 5.897   6.360   1.00 17.55 ? 48  ASN A C   1 
ATOM   180  O  O   . ASN A 1 33  ? -22.813 4.727   6.801   1.00 17.44 ? 48  ASN A O   1 
ATOM   181  C  CB  . ASN A 1 33  ? -21.836 7.288   4.430   1.00 15.31 ? 48  ASN A CB  1 
ATOM   182  C  CG  . ASN A 1 33  ? -22.140 6.219   3.374   1.00 17.01 ? 48  ASN A CG  1 
ATOM   183  O  OD1 . ASN A 1 33  ? -22.608 5.083   3.639   1.00 16.79 ? 48  ASN A OD1 1 
ATOM   184  N  ND2 . ASN A 1 33  ? -21.908 6.606   2.123   1.00 13.23 ? 48  ASN A ND2 1 
ATOM   185  N  N   . SER A 1 34  ? -24.146 6.471   6.261   1.00 18.18 ? 49  SER A N   1 
ATOM   186  C  CA  . SER A 1 34  ? -25.334 5.809   6.820   1.00 18.80 ? 49  SER A CA  1 
ATOM   187  C  C   . SER A 1 34  ? -25.835 4.658   5.908   1.00 19.39 ? 49  SER A C   1 
ATOM   188  O  O   . SER A 1 34  ? -26.677 3.838   6.343   1.00 19.99 ? 49  SER A O   1 
ATOM   189  C  CB  . SER A 1 34  ? -26.417 6.849   7.115   1.00 17.74 ? 49  SER A CB  1 
ATOM   190  O  OG  . SER A 1 34  ? -26.839 7.440   5.883   1.00 16.96 ? 49  SER A OG  1 
ATOM   191  N  N   . ASN A 1 35  ? -25.293 4.513   4.688   1.00 17.66 ? 50  ASN A N   1 
ATOM   192  C  CA  . ASN A 1 35  ? -25.504 3.262   3.924   1.00 17.46 ? 50  ASN A CA  1 
ATOM   193  C  C   . ASN A 1 35  ? -24.440 2.175   4.223   1.00 18.85 ? 50  ASN A C   1 
ATOM   194  O  O   . ASN A 1 35  ? -24.533 1.064   3.732   1.00 19.46 ? 50  ASN A O   1 
ATOM   195  C  CB  . ASN A 1 35  ? -25.550 3.526   2.432   1.00 16.37 ? 50  ASN A CB  1 
ATOM   196  C  CG  . ASN A 1 35  ? -26.873 4.193   1.980   1.00 18.03 ? 50  ASN A CG  1 
ATOM   197  O  OD1 . ASN A 1 35  ? -27.851 4.182   2.697   1.00 15.19 ? 50  ASN A OD1 1 
ATOM   198  N  ND2 . ASN A 1 35  ? -26.851 4.830   0.809   1.00 16.88 ? 50  ASN A ND2 1 
ATOM   199  N  N   . GLY A 1 36  ? -23.430 2.499   5.018   1.00 17.89 ? 51  GLY A N   1 
ATOM   200  C  CA  . GLY A 1 36  ? -22.478 1.519   5.412   1.00 19.58 ? 51  GLY A CA  1 
ATOM   201  C  C   . GLY A 1 36  ? -21.191 1.519   4.586   1.00 18.99 ? 51  GLY A C   1 
ATOM   202  O  O   . GLY A 1 36  ? -20.379 0.597   4.689   1.00 19.56 ? 51  GLY A O   1 
ATOM   203  N  N   . TYR A 1 37  ? -20.950 2.594   3.853   1.00 17.73 ? 52  TYR A N   1 
ATOM   204  C  CA  . TYR A 1 37  ? -19.735 2.700   2.998   1.00 15.35 ? 52  TYR A CA  1 
ATOM   205  C  C   . TYR A 1 37  ? -18.770 3.773   3.532   1.00 15.58 ? 52  TYR A C   1 
ATOM   206  O  O   . TYR A 1 37  ? -19.185 4.902   3.867   1.00 16.80 ? 52  TYR A O   1 
ATOM   207  C  CB  . TYR A 1 37  ? -20.123 3.127   1.571   1.00 15.08 ? 52  TYR A CB  1 
ATOM   208  C  CG  . TYR A 1 37  ? -20.924 2.063   0.887   1.00 18.29 ? 52  TYR A CG  1 
ATOM   209  C  CD1 . TYR A 1 37  ? -22.320 2.124   0.874   1.00 20.77 ? 52  TYR A CD1 1 
ATOM   210  C  CD2 . TYR A 1 37  ? -20.294 0.962   0.330   1.00 17.34 ? 52  TYR A CD2 1 
ATOM   211  C  CE1 . TYR A 1 37  ? -23.065 1.128   0.270   1.00 24.61 ? 52  TYR A CE1 1 
ATOM   212  C  CE2 . TYR A 1 37  ? -21.014 -0.035  -0.318  1.00 19.92 ? 52  TYR A CE2 1 
ATOM   213  C  CZ  . TYR A 1 37  ? -22.397 0.049   -0.314  1.00 25.82 ? 52  TYR A CZ  1 
ATOM   214  O  OH  . TYR A 1 37  ? -23.095 -0.940  -0.885  1.00 26.47 ? 52  TYR A OH  1 
ATOM   215  N  N   . LEU A 1 38  ? -17.475 3.459   3.474   1.00 15.62 ? 53  LEU A N   1 
ATOM   216  C  CA  . LEU A 1 38  ? -16.426 4.387   3.902   1.00 16.30 ? 53  LEU A CA  1 
ATOM   217  C  C   . LEU A 1 38  ? -16.300 5.574   2.942   1.00 15.32 ? 53  LEU A C   1 
ATOM   218  O  O   . LEU A 1 38  ? -16.288 5.411   1.721   1.00 14.87 ? 53  LEU A O   1 
ATOM   219  C  CB  . LEU A 1 38  ? -15.114 3.628   3.976   1.00 15.60 ? 53  LEU A CB  1 
ATOM   220  C  CG  . LEU A 1 38  ? -13.853 4.423   4.370   1.00 17.48 ? 53  LEU A CG  1 
ATOM   221  C  CD1 . LEU A 1 38  ? -13.967 4.823   5.870   1.00 17.73 ? 53  LEU A CD1 1 
ATOM   222  C  CD2 . LEU A 1 38  ? -12.589 3.574   4.044   1.00 18.88 ? 53  LEU A CD2 1 
ATOM   223  N  N   . GLU A 1 39  ? -16.180 6.780   3.499   1.00 15.79 ? 54  GLU A N   1 
ATOM   224  C  CA  . GLU A 1 39  ? -15.919 7.951   2.678   1.00 16.74 ? 54  GLU A CA  1 
ATOM   225  C  C   . GLU A 1 39  ? -14.739 8.656   3.300   1.00 18.04 ? 54  GLU A C   1 
ATOM   226  O  O   . GLU A 1 39  ? -14.575 8.675   4.540   1.00 18.05 ? 54  GLU A O   1 
ATOM   227  C  CB  . GLU A 1 39  ? -17.164 8.865   2.693   1.00 17.65 ? 54  GLU A CB  1 
ATOM   228  C  CG  . GLU A 1 39  ? -16.939 10.207  1.959   1.00 24.88 ? 54  GLU A CG  1 
ATOM   229  C  CD  . GLU A 1 39  ? -18.004 11.246  2.308   1.00 36.58 ? 54  GLU A CD  1 
ATOM   230  O  OE1 . GLU A 1 39  ? -19.185 11.030  1.893   1.00 35.86 ? 54  GLU A OE1 1 
ATOM   231  O  OE2 . GLU A 1 39  ? -17.637 12.236  3.025   1.00 43.21 ? 54  GLU A OE2 1 
ATOM   232  N  N   . PHE A 1 40  ? -13.902 9.229   2.475   1.00 17.76 ? 55  PHE A N   1 
ATOM   233  C  CA  . PHE A 1 40  ? -12.806 10.015  3.043   1.00 17.30 ? 55  PHE A CA  1 
ATOM   234  C  C   . PHE A 1 40  ? -12.772 11.374  2.404   1.00 19.22 ? 55  PHE A C   1 
ATOM   235  O  O   . PHE A 1 40  ? -13.292 11.552  1.277   1.00 17.70 ? 55  PHE A O   1 
ATOM   236  C  CB  . PHE A 1 40  ? -11.445 9.282   3.005   1.00 17.14 ? 55  PHE A CB  1 
ATOM   237  C  CG  . PHE A 1 40  ? -10.853 9.103   1.625   1.00 18.80 ? 55  PHE A CG  1 
ATOM   238  C  CD1 . PHE A 1 40  ? -10.185 10.165  0.985   1.00 14.95 ? 55  PHE A CD1 1 
ATOM   239  C  CD2 . PHE A 1 40  ? -10.948 7.861   0.960   1.00 18.86 ? 55  PHE A CD2 1 
ATOM   240  C  CE1 . PHE A 1 40  ? -9.614  9.996   -0.279  1.00 16.11 ? 55  PHE A CE1 1 
ATOM   241  C  CE2 . PHE A 1 40  ? -10.362 7.645   -0.353  1.00 14.03 ? 55  PHE A CE2 1 
ATOM   242  C  CZ  . PHE A 1 40  ? -9.676  8.744   -0.953  1.00 16.24 ? 55  PHE A CZ  1 
ATOM   243  N  N   . GLU A 1 41  ? -12.161 12.342  3.115   1.00 20.44 ? 56  GLU A N   1 
ATOM   244  C  CA  . GLU A 1 41  ? -11.995 13.727  2.596   1.00 22.58 ? 56  GLU A CA  1 
ATOM   245  C  C   . GLU A 1 41  ? -10.583 14.140  2.850   1.00 21.66 ? 56  GLU A C   1 
ATOM   246  O  O   . GLU A 1 41  ? -10.094 13.960  3.973   1.00 22.03 ? 56  GLU A O   1 
ATOM   247  C  CB  . GLU A 1 41  ? -12.877 14.735  3.327   1.00 24.62 ? 56  GLU A CB  1 
ATOM   248  C  CG  . GLU A 1 41  ? -14.305 14.733  2.840   1.00 30.77 ? 56  GLU A CG  1 
ATOM   249  C  CD  . GLU A 1 41  ? -15.262 15.679  3.657   1.00 41.14 ? 56  GLU A CD  1 
ATOM   250  O  OE1 . GLU A 1 41  ? -16.520 15.570  3.453   1.00 42.09 ? 56  GLU A OE1 1 
ATOM   251  O  OE2 . GLU A 1 41  ? -14.762 16.519  4.471   1.00 39.59 ? 56  GLU A OE2 1 
ATOM   252  N  N   . VAL A 1 42  ? -9.901  14.609  1.819   1.00 20.06 ? 57  VAL A N   1 
ATOM   253  C  CA  . VAL A 1 42  ? -8.518  15.049  1.992   1.00 19.87 ? 57  VAL A CA  1 
ATOM   254  C  C   . VAL A 1 42  ? -8.560  16.527  1.581   1.00 20.13 ? 57  VAL A C   1 
ATOM   255  O  O   . VAL A 1 42  ? -9.109  16.858  0.537   1.00 20.05 ? 57  VAL A O   1 
ATOM   256  C  CB  . VAL A 1 42  ? -7.556  14.238  1.140   1.00 20.42 ? 57  VAL A CB  1 
ATOM   257  C  CG1 . VAL A 1 42  ? -6.065  14.768  1.234   1.00 18.46 ? 57  VAL A CG1 1 
ATOM   258  C  CG2 . VAL A 1 42  ? -7.608  12.711  1.527   1.00 20.17 ? 57  VAL A CG2 1 
ATOM   259  N  N   . ILE A 1 43  ? -7.995  17.409  2.401   1.00 19.11 ? 58  ILE A N   1 
ATOM   260  C  CA  . ILE A 1 43  ? -7.984  18.821  2.054   1.00 19.83 ? 58  ILE A CA  1 
ATOM   261  C  C   . ILE A 1 43  ? -6.552  19.133  1.574   1.00 18.78 ? 58  ILE A C   1 
ATOM   262  O  O   . ILE A 1 43  ? -5.571  18.789  2.245   1.00 17.74 ? 58  ILE A O   1 
ATOM   263  C  CB  . ILE A 1 43  ? -8.364  19.713  3.244   1.00 21.58 ? 58  ILE A CB  1 
ATOM   264  C  CG1 . ILE A 1 43  ? -9.787  19.379  3.679   1.00 24.84 ? 58  ILE A CG1 1 
ATOM   265  C  CG2 . ILE A 1 43  ? -8.249  21.249  2.825   1.00 23.85 ? 58  ILE A CG2 1 
ATOM   266  C  CD1 . ILE A 1 43  ? -10.206 20.014  4.973   1.00 30.82 ? 58  ILE A CD1 1 
ATOM   267  N  N   . LEU A 1 44  ? -6.472  19.768  0.404   1.00 17.65 ? 59  LEU A N   1 
ATOM   268  C  CA  . LEU A 1 44  ? -5.204  20.104  -0.241  1.00 18.69 ? 59  LEU A CA  1 
ATOM   269  C  C   . LEU A 1 44  ? -5.110  21.630  -0.362  1.00 18.37 ? 59  LEU A C   1 
ATOM   270  O  O   . LEU A 1 44  ? -6.141  22.295  -0.505  1.00 18.19 ? 59  LEU A O   1 
ATOM   271  C  CB  . LEU A 1 44  ? -5.124  19.474  -1.634  1.00 18.09 ? 59  LEU A CB  1 
ATOM   272  C  CG  . LEU A 1 44  ? -5.320  17.929  -1.645  1.00 21.17 ? 59  LEU A CG  1 
ATOM   273  C  CD1 . LEU A 1 44  ? -5.444  17.411  -3.026  1.00 22.41 ? 59  LEU A CD1 1 
ATOM   274  C  CD2 . LEU A 1 44  ? -4.174  17.159  -0.931  1.00 20.06 ? 59  LEU A CD2 1 
ATOM   275  N  N   . ARG A 1 45  ? -3.902  22.174  -0.242  1.00 19.37 ? 60  ARG A N   1 
ATOM   276  C  CA  . ARG A 1 45  ? -3.654  23.583  -0.655  1.00 21.77 ? 60  ARG A CA  1 
ATOM   277  C  C   . ARG A 1 45  ? -2.212  23.909  -0.997  1.00 20.52 ? 60  ARG A C   1 
ATOM   278  O  O   . ARG A 1 45  ? -1.258  23.375  -0.401  1.00 19.72 ? 60  ARG A O   1 
ATOM   279  C  CB  . ARG A 1 45  ? -4.218  24.692  0.251   1.00 22.63 ? 60  ARG A CB  1 
ATOM   280  C  CG  . ARG A 1 45  ? -4.389  24.390  1.669   1.00 30.18 ? 60  ARG A CG  1 
ATOM   281  C  CD  . ARG A 1 45  ? -4.415  25.743  2.517   1.00 36.47 ? 60  ARG A CD  1 
ATOM   282  N  NE  . ARG A 1 45  ? -5.721  26.307  2.842   1.00 42.59 ? 60  ARG A NE  1 
ATOM   283  C  CZ  . ARG A 1 45  ? -6.246  27.351  2.202   1.00 42.77 ? 60  ARG A CZ  1 
ATOM   284  N  NH1 . ARG A 1 45  ? -7.414  27.820  2.556   1.00 39.84 ? 60  ARG A NH1 1 
ATOM   285  N  NH2 . ARG A 1 45  ? -5.588  27.908  1.201   1.00 43.47 ? 60  ARG A NH2 1 
ATOM   286  N  N   . SER A 1 46  ? -2.089  24.824  -1.940  1.00 20.51 ? 61  SER A N   1 
ATOM   287  C  CA  . SER A 1 46  ? -0.816  25.118  -2.534  1.00 22.15 ? 61  SER A CA  1 
ATOM   288  C  C   . SER A 1 46  ? -0.753  26.598  -2.817  1.00 21.86 ? 61  SER A C   1 
ATOM   289  O  O   . SER A 1 46  ? -1.745  27.191  -3.227  1.00 20.33 ? 61  SER A O   1 
ATOM   290  C  CB  . SER A 1 46  ? -0.732  24.368  -3.860  1.00 21.10 ? 61  SER A CB  1 
ATOM   291  O  OG  . SER A 1 46  ? 0.519   24.675  -4.462  1.00 25.50 ? 61  SER A OG  1 
ATOM   292  N  N   . THR A 1 47  ? 0.419   27.183  -2.615  1.00 23.40 ? 62  THR A N   1 
ATOM   293  C  CA  . THR A 1 47  ? 0.555   28.584  -2.943  1.00 25.97 ? 62  THR A CA  1 
ATOM   294  C  C   . THR A 1 47  ? 0.353   28.863  -4.426  1.00 24.02 ? 62  THR A C   1 
ATOM   295  O  O   . THR A 1 47  ? -0.326  29.816  -4.804  1.00 26.29 ? 62  THR A O   1 
ATOM   296  C  CB  . THR A 1 47  ? 1.931   29.127  -2.581  1.00 27.52 ? 62  THR A CB  1 
ATOM   297  O  OG1 . THR A 1 47  ? 2.470   28.431  -1.433  1.00 33.07 ? 62  THR A OG1 1 
ATOM   298  C  CG2 . THR A 1 47  ? 1.770   30.651  -2.380  1.00 28.43 ? 62  THR A CG2 1 
ATOM   299  N  N   . PHE A 1 48  ? 0.898   27.996  -5.254  1.00 23.30 ? 63  PHE A N   1 
ATOM   300  C  CA  . PHE A 1 48  ? 0.840   28.074  -6.700  1.00 22.72 ? 63  PHE A CA  1 
ATOM   301  C  C   . PHE A 1 48  ? -0.065  27.011  -7.240  1.00 23.13 ? 63  PHE A C   1 
ATOM   302  O  O   . PHE A 1 48  ? -0.151  25.896  -6.701  1.00 24.49 ? 63  PHE A O   1 
ATOM   303  C  CB  . PHE A 1 48  ? 2.236   27.793  -7.261  1.00 22.18 ? 63  PHE A CB  1 
ATOM   304  C  CG  . PHE A 1 48  ? 3.281   28.695  -6.715  1.00 24.50 ? 63  PHE A CG  1 
ATOM   305  C  CD1 . PHE A 1 48  ? 3.072   30.100  -6.739  1.00 25.64 ? 63  PHE A CD1 1 
ATOM   306  C  CD2 . PHE A 1 48  ? 4.490   28.183  -6.245  1.00 24.43 ? 63  PHE A CD2 1 
ATOM   307  C  CE1 . PHE A 1 48  ? 4.034   30.979  -6.268  1.00 29.07 ? 63  PHE A CE1 1 
ATOM   308  C  CE2 . PHE A 1 48  ? 5.469   29.055  -5.768  1.00 26.99 ? 63  PHE A CE2 1 
ATOM   309  C  CZ  . PHE A 1 48  ? 5.238   30.454  -5.771  1.00 28.81 ? 63  PHE A CZ  1 
ATOM   310  N  N   . ALA A 1 49  ? -0.705  27.327  -8.339  1.00 23.74 ? 64  ALA A N   1 
ATOM   311  C  CA  . ALA A 1 49  ? -1.588  26.398  -9.006  1.00 24.18 ? 64  ALA A CA  1 
ATOM   312  C  C   . ALA A 1 49  ? -0.787  25.135  -9.413  1.00 24.82 ? 64  ALA A C   1 
ATOM   313  O  O   . ALA A 1 49  ? 0.330   25.226  -9.884  1.00 23.90 ? 64  ALA A O   1 
ATOM   314  C  CB  . ALA A 1 49  ? -2.197  27.073  -10.222 1.00 24.81 ? 64  ALA A CB  1 
ATOM   315  N  N   . LYS A 1 50  ? -1.337  23.956  -9.177  1.00 25.14 ? 65  LYS A N   1 
ATOM   316  C  CA  . LYS A 1 50  ? -0.615  22.726  -9.521  1.00 26.43 ? 65  LYS A CA  1 
ATOM   317  C  C   . LYS A 1 50  ? -1.586  21.751  -10.159 1.00 25.25 ? 65  LYS A C   1 
ATOM   318  O  O   . LYS A 1 50  ? -2.729  21.653  -9.694  1.00 24.18 ? 65  LYS A O   1 
ATOM   319  C  CB  . LYS A 1 50  ? -0.168  22.033  -8.240  1.00 27.52 ? 65  LYS A CB  1 
ATOM   320  C  CG  . LYS A 1 50  ? 1.287   22.102  -7.940  1.00 33.86 ? 65  LYS A CG  1 
ATOM   321  C  CD  . LYS A 1 50  ? 1.445   22.978  -6.728  1.00 40.34 ? 65  LYS A CD  1 
ATOM   322  C  CE  . LYS A 1 50  ? 2.666   22.643  -5.907  1.00 41.34 ? 65  LYS A CE  1 
ATOM   323  N  NZ  . LYS A 1 50  ? 3.888   23.041  -6.659  1.00 43.75 ? 65  LYS A NZ  1 
ATOM   324  N  N   . ASP A 1 51  ? -1.121  21.002  -11.154 1.00 23.42 ? 66  ASP A N   1 
ATOM   325  C  CA  . ASP A 1 51  ? -1.909  19.910  -11.670 1.00 23.78 ? 66  ASP A CA  1 
ATOM   326  C  C   . ASP A 1 51  ? -1.270  18.657  -11.053 1.00 20.97 ? 66  ASP A C   1 
ATOM   327  O  O   . ASP A 1 51  ? -0.057  18.450  -11.124 1.00 21.57 ? 66  ASP A O   1 
ATOM   328  C  CB  . ASP A 1 51  ? -1.910  19.821  -13.202 1.00 23.89 ? 66  ASP A CB  1 
ATOM   329  C  CG  . ASP A 1 51  ? -2.784  20.906  -13.867 1.00 30.72 ? 66  ASP A CG  1 
ATOM   330  O  OD1 . ASP A 1 51  ? -3.925  21.184  -13.405 1.00 33.19 ? 66  ASP A OD1 1 
ATOM   331  O  OD2 . ASP A 1 51  ? -2.288  21.538  -14.808 1.00 34.62 ? 66  ASP A OD2 1 
ATOM   332  N  N   . VAL A 1 52  ? -2.112  17.857  -10.434 1.00 20.63 ? 67  VAL A N   1 
ATOM   333  C  CA  . VAL A 1 52  ? -1.664  16.597  -9.893  1.00 19.01 ? 67  VAL A CA  1 
ATOM   334  C  C   . VAL A 1 52  ? -2.456  15.416  -10.376 1.00 18.68 ? 67  VAL A C   1 
ATOM   335  O  O   . VAL A 1 52  ? -3.553  15.557  -10.952 1.00 19.28 ? 67  VAL A O   1 
ATOM   336  C  CB  . VAL A 1 52  ? -1.682  16.630  -8.345  1.00 18.05 ? 67  VAL A CB  1 
ATOM   337  C  CG1 . VAL A 1 52  ? -0.871  17.806  -7.901  1.00 16.41 ? 67  VAL A CG1 1 
ATOM   338  C  CG2 . VAL A 1 52  ? -3.127  16.687  -7.829  1.00 16.89 ? 67  VAL A CG2 1 
ATOM   339  N  N   . ILE A 1 53  ? -1.880  14.232  -10.152 1.00 17.89 ? 68  ILE A N   1 
ATOM   340  C  CA  . ILE A 1 53  ? -2.547  12.993  -10.550 1.00 17.87 ? 68  ILE A CA  1 
ATOM   341  C  C   . ILE A 1 53  ? -2.636  12.128  -9.310  1.00 15.91 ? 68  ILE A C   1 
ATOM   342  O  O   . ILE A 1 53  ? -1.642  11.930  -8.656  1.00 16.68 ? 68  ILE A O   1 
ATOM   343  C  CB  . ILE A 1 53  ? -1.795  12.267  -11.700 1.00 17.51 ? 68  ILE A CB  1 
ATOM   344  C  CG1 . ILE A 1 53  ? -2.057  12.988  -13.045 1.00 21.73 ? 68  ILE A CG1 1 
ATOM   345  C  CG2 . ILE A 1 53  ? -2.214  10.771  -11.765 1.00 19.91 ? 68  ILE A CG2 1 
ATOM   346  C  CD1 . ILE A 1 53  ? -0.969  12.682  -14.087 1.00 28.86 ? 68  ILE A CD1 1 
ATOM   347  N  N   . TYR A 1 54  ? -3.833  11.665  -8.952  1.00 16.01 ? 69  TYR A N   1 
ATOM   348  C  CA  . TYR A 1 54  ? -3.984  10.821  -7.741  1.00 15.23 ? 69  TYR A CA  1 
ATOM   349  C  C   . TYR A 1 54  ? -4.506  9.386   -8.015  1.00 15.62 ? 69  TYR A C   1 
ATOM   350  O  O   . TYR A 1 54  ? -5.154  9.129   -9.063  1.00 16.23 ? 69  TYR A O   1 
ATOM   351  C  CB  . TYR A 1 54  ? -4.847  11.521  -6.723  1.00 15.52 ? 69  TYR A CB  1 
ATOM   352  C  CG  . TYR A 1 54  ? -6.281  11.643  -7.042  1.00 15.18 ? 69  TYR A CG  1 
ATOM   353  C  CD1 . TYR A 1 54  ? -7.165  10.629  -6.735  1.00 15.08 ? 69  TYR A CD1 1 
ATOM   354  C  CD2 . TYR A 1 54  ? -6.792  12.813  -7.675  1.00 18.95 ? 69  TYR A CD2 1 
ATOM   355  C  CE1 . TYR A 1 54  ? -8.548  10.770  -7.037  1.00 17.68 ? 69  TYR A CE1 1 
ATOM   356  C  CE2 . TYR A 1 54  ? -8.150  12.984  -7.935  1.00 16.75 ? 69  TYR A CE2 1 
ATOM   357  C  CZ  . TYR A 1 54  ? -9.016  11.961  -7.623  1.00 19.53 ? 69  TYR A CZ  1 
ATOM   358  O  OH  . TYR A 1 54  ? -10.318 12.056  -7.905  1.00 18.88 ? 69  TYR A OH  1 
ATOM   359  N  N   . LYS A 1 55  ? -4.223  8.479   -7.066  1.00 15.04 ? 70  LYS A N   1 
ATOM   360  C  CA  . LYS A 1 55  ? -4.687  7.110   -7.184  1.00 15.30 ? 70  LYS A CA  1 
ATOM   361  C  C   . LYS A 1 55  ? -5.152  6.610   -5.835  1.00 14.26 ? 70  LYS A C   1 
ATOM   362  O  O   . LYS A 1 55  ? -4.440  6.763   -4.869  1.00 14.72 ? 70  LYS A O   1 
ATOM   363  C  CB  . LYS A 1 55  ? -3.554  6.212   -7.676  1.00 15.81 ? 70  LYS A CB  1 
ATOM   364  C  CG  . LYS A 1 55  ? -4.052  4.747   -7.985  1.00 16.11 ? 70  LYS A CG  1 
ATOM   365  C  CD  . LYS A 1 55  ? -4.875  4.660   -9.261  1.00 20.20 ? 70  LYS A CD  1 
ATOM   366  C  CE  . LYS A 1 55  ? -5.082  3.187   -9.692  1.00 24.16 ? 70  LYS A CE  1 
ATOM   367  N  NZ  . LYS A 1 55  ? -6.203  2.585   -8.958  1.00 26.02 ? 70  LYS A NZ  1 
ATOM   368  N  N   . VAL A 1 56  ? -6.308  5.963   -5.768  1.00 15.28 ? 71  VAL A N   1 
ATOM   369  C  CA  . VAL A 1 56  ? -6.879  5.455   -4.516  1.00 15.92 ? 71  VAL A CA  1 
ATOM   370  C  C   . VAL A 1 56  ? -6.785  3.925   -4.437  1.00 15.72 ? 71  VAL A C   1 
ATOM   371  O  O   . VAL A 1 56  ? -7.117  3.251   -5.414  1.00 16.58 ? 71  VAL A O   1 
ATOM   372  C  CB  . VAL A 1 56  ? -8.354  5.827   -4.399  1.00 15.93 ? 71  VAL A CB  1 
ATOM   373  C  CG1 . VAL A 1 56  ? -8.891  5.350   -2.999  1.00 16.64 ? 71  VAL A CG1 1 
ATOM   374  C  CG2 . VAL A 1 56  ? -8.508  7.375   -4.554  1.00 16.09 ? 71  VAL A CG2 1 
ATOM   375  N  N   . ASP A 1 57  ? -6.278  3.418   -3.318  1.00 15.20 ? 72  ASP A N   1 
ATOM   376  C  CA  . ASP A 1 57  ? -6.454  1.976   -2.952  1.00 18.41 ? 72  ASP A CA  1 
ATOM   377  C  C   . ASP A 1 57  ? -7.405  1.912   -1.745  1.00 16.71 ? 72  ASP A C   1 
ATOM   378  O  O   . ASP A 1 57  ? -7.274  2.729   -0.829  1.00 17.33 ? 72  ASP A O   1 
ATOM   379  C  CB  . ASP A 1 57  ? -5.131  1.336   -2.534  1.00 19.76 ? 72  ASP A CB  1 
ATOM   380  C  CG  . ASP A 1 57  ? -4.274  0.932   -3.724  1.00 24.97 ? 72  ASP A CG  1 
ATOM   381  O  OD1 . ASP A 1 57  ? -4.841  0.356   -4.713  1.00 26.46 ? 72  ASP A OD1 1 
ATOM   382  O  OD2 . ASP A 1 57  ? -3.046  1.228   -3.673  1.00 27.61 ? 72  ASP A OD2 1 
ATOM   383  N  N   . TRP A 1 58  ? -8.385  1.016   -1.773  1.00 16.22 ? 73  TRP A N   1 
ATOM   384  C  CA  . TRP A 1 58  ? -9.240  0.789   -0.576  1.00 15.29 ? 73  TRP A CA  1 
ATOM   385  C  C   . TRP A 1 58  ? -8.676  -0.330  0.190   1.00 14.78 ? 73  TRP A C   1 
ATOM   386  O  O   . TRP A 1 58  ? -8.266  -1.282  -0.398  1.00 17.27 ? 73  TRP A O   1 
ATOM   387  C  CB  . TRP A 1 58  ? -10.652 0.408   -1.029  1.00 13.82 ? 73  TRP A CB  1 
ATOM   388  C  CG  . TRP A 1 58  ? -11.270 1.610   -1.837  1.00 15.63 ? 73  TRP A CG  1 
ATOM   389  C  CD1 . TRP A 1 58  ? -11.470 1.681   -3.182  1.00 16.93 ? 73  TRP A CD1 1 
ATOM   390  C  CD2 . TRP A 1 58  ? -11.752 2.827   -1.292  1.00 13.20 ? 73  TRP A CD2 1 
ATOM   391  N  NE1 . TRP A 1 58  ? -12.023 2.905   -3.536  1.00 15.61 ? 73  TRP A NE1 1 
ATOM   392  C  CE2 . TRP A 1 58  ? -12.255 3.615   -2.394  1.00 14.86 ? 73  TRP A CE2 1 
ATOM   393  C  CE3 . TRP A 1 58  ? -11.846 3.329   0.004   1.00 12.49 ? 73  TRP A CE3 1 
ATOM   394  C  CZ2 . TRP A 1 58  ? -12.789 4.878   -2.221  1.00 15.61 ? 73  TRP A CZ2 1 
ATOM   395  C  CZ3 . TRP A 1 58  ? -12.392 4.614   0.184   1.00 18.35 ? 73  TRP A CZ3 1 
ATOM   396  C  CH2 . TRP A 1 58  ? -12.909 5.347   -0.929  1.00 12.88 ? 73  TRP A CH2 1 
ATOM   397  N  N   . LEU A 1 59  ? -8.660  -0.208  1.509   1.00 17.71 ? 74  LEU A N   1 
ATOM   398  C  CA  . LEU A 1 59  ? -8.077  -1.210  2.411   1.00 17.64 ? 74  LEU A CA  1 
ATOM   399  C  C   . LEU A 1 59  ? -9.169  -1.871  3.278   1.00 18.17 ? 74  LEU A C   1 
ATOM   400  O  O   . LEU A 1 59  ? -10.107 -1.168  3.732   1.00 18.95 ? 74  LEU A O   1 
ATOM   401  C  CB  . LEU A 1 59  ? -7.062  -0.557  3.342   1.00 17.17 ? 74  LEU A CB  1 
ATOM   402  C  CG  . LEU A 1 59  ? -5.901  0.246   2.677   1.00 17.94 ? 74  LEU A CG  1 
ATOM   403  C  CD1 . LEU A 1 59  ? -4.952  0.766   3.750   1.00 19.17 ? 74  LEU A CD1 1 
ATOM   404  C  CD2 . LEU A 1 59  ? -5.242  -0.609  1.595   1.00 14.62 ? 74  LEU A CD2 1 
ATOM   405  N  N   . ASP A 1 60  ? -8.995  -3.183  3.587   1.00 17.82 ? 75  ASP A N   1 
ATOM   406  C  CA  . ASP A 1 60  ? -9.956  -3.849  4.398   1.00 18.77 ? 75  ASP A CA  1 
ATOM   407  C  C   . ASP A 1 60  ? -9.625  -3.657  5.889   1.00 19.52 ? 75  ASP A C   1 
ATOM   408  O  O   . ASP A 1 60  ? -8.672  -2.924  6.276   1.00 17.20 ? 75  ASP A O   1 
ATOM   409  C  CB  . ASP A 1 60  ? -10.124 -5.349  3.952   1.00 19.28 ? 75  ASP A CB  1 
ATOM   410  C  CG  . ASP A 1 60  ? -8.861  -6.217  4.250   1.00 20.61 ? 75  ASP A CG  1 
ATOM   411  O  OD1 . ASP A 1 60  ? -7.933  -5.769  4.977   1.00 23.77 ? 75  ASP A OD1 1 
ATOM   412  O  OD2 . ASP A 1 60  ? -8.837  -7.391  3.790   1.00 29.04 ? 75  ASP A OD2 1 
ATOM   413  N  N   . LYS A 1 61  ? -10.413 -4.319  6.761   1.00 20.75 ? 76  LYS A N   1 
ATOM   414  C  CA  . LYS A 1 61  ? -10.172 -4.280  8.230   1.00 20.80 ? 76  LYS A CA  1 
ATOM   415  C  C   . LYS A 1 61  ? -8.750  -4.695  8.666   1.00 20.84 ? 76  LYS A C   1 
ATOM   416  O  O   . LYS A 1 61  ? -8.288  -4.284  9.726   1.00 21.96 ? 76  LYS A O   1 
ATOM   417  C  CB  . LYS A 1 61  ? -11.232 -5.160  8.986   1.00 21.25 ? 76  LYS A CB  1 
ATOM   418  C  CG  . LYS A 1 61  ? -11.393 -6.542  8.369   1.00 26.07 ? 76  LYS A CG  1 
ATOM   419  C  CD  . LYS A 1 61  ? -12.176 -7.504  9.234   1.00 35.83 ? 76  LYS A CD  1 
ATOM   420  C  CE  . LYS A 1 61  ? -11.477 -8.875  9.211   1.00 41.25 ? 76  LYS A CE  1 
ATOM   421  N  NZ  . LYS A 1 61  ? -10.242 -8.938  10.137  1.00 44.69 ? 76  LYS A NZ  1 
ATOM   422  N  N   . ASP A 1 62  ? -8.069  -5.550  7.915   1.00 19.74 ? 77  ASP A N   1 
ATOM   423  C  CA  . ASP A 1 62  ? -6.694  -5.907  8.250   1.00 20.92 ? 77  ASP A CA  1 
ATOM   424  C  C   . ASP A 1 62  ? -5.634  -4.978  7.665   1.00 20.90 ? 77  ASP A C   1 
ATOM   425  O  O   . ASP A 1 62  ? -4.433  -5.124  7.993   1.00 21.58 ? 77  ASP A O   1 
ATOM   426  C  CB  . ASP A 1 62  ? -6.369  -7.307  7.718   1.00 22.91 ? 77  ASP A CB  1 
ATOM   427  C  CG  . ASP A 1 62  ? -7.115  -8.421  8.485   1.00 27.05 ? 77  ASP A CG  1 
ATOM   428  O  OD1 . ASP A 1 62  ? -7.271  -8.256  9.708   1.00 28.86 ? 77  ASP A OD1 1 
ATOM   429  O  OD2 . ASP A 1 62  ? -7.605  -9.375  7.801   1.00 30.82 ? 77  ASP A OD2 1 
ATOM   430  N  N   . GLY A 1 63  ? -6.050  -4.019  6.815   1.00 19.14 ? 78  GLY A N   1 
ATOM   431  C  CA  . GLY A 1 63  ? -5.085  -3.165  6.122   1.00 18.06 ? 78  GLY A CA  1 
ATOM   432  C  C   . GLY A 1 63  ? -4.629  -3.764  4.801   1.00 18.75 ? 78  GLY A C   1 
ATOM   433  O  O   . GLY A 1 63  ? -3.683  -3.235  4.201   1.00 19.79 ? 78  GLY A O   1 
ATOM   434  N  N   . PHE A 1 64  ? -5.315  -4.809  4.288   1.00 16.35 ? 79  PHE A N   1 
ATOM   435  C  CA  . PHE A 1 64  ? -4.953  -5.392  3.020   1.00 17.44 ? 79  PHE A CA  1 
ATOM   436  C  C   . PHE A 1 64  ? -5.661  -4.618  1.893   1.00 18.87 ? 79  PHE A C   1 
ATOM   437  O  O   . PHE A 1 64  ? -6.828  -4.219  2.019   1.00 16.85 ? 79  PHE A O   1 
ATOM   438  C  CB  . PHE A 1 64  ? -5.415  -6.832  2.871   1.00 18.82 ? 79  PHE A CB  1 
ATOM   439  C  CG  . PHE A 1 64  ? -4.800  -7.816  3.889   1.00 20.87 ? 79  PHE A CG  1 
ATOM   440  C  CD1 . PHE A 1 64  ? -3.479  -7.639  4.349   1.00 22.96 ? 79  PHE A CD1 1 
ATOM   441  C  CD2 . PHE A 1 64  ? -5.520  -8.941  4.318   1.00 25.37 ? 79  PHE A CD2 1 
ATOM   442  C  CE1 . PHE A 1 64  ? -2.851  -8.588  5.253   1.00 22.56 ? 79  PHE A CE1 1 
ATOM   443  C  CE2 . PHE A 1 64  ? -4.928  -9.879  5.270   1.00 25.54 ? 79  PHE A CE2 1 
ATOM   444  C  CZ  . PHE A 1 64  ? -3.588  -9.691  5.704   1.00 23.69 ? 79  PHE A CZ  1 
ATOM   445  N  N   . VAL A 1 65  ? -4.966  -4.457  0.787   1.00 16.89 ? 80  VAL A N   1 
ATOM   446  C  CA  . VAL A 1 65  ? -5.613  -3.899  -0.380  1.00 19.53 ? 80  VAL A CA  1 
ATOM   447  C  C   . VAL A 1 65  ? -6.793  -4.762  -0.841  1.00 19.93 ? 80  VAL A C   1 
ATOM   448  O  O   . VAL A 1 65  ? -6.666  -5.979  -1.032  1.00 20.24 ? 80  VAL A O   1 
ATOM   449  C  CB  . VAL A 1 65  ? -4.587  -3.691  -1.515  1.00 18.87 ? 80  VAL A CB  1 
ATOM   450  C  CG1 . VAL A 1 65  ? -5.282  -3.157  -2.755  1.00 19.52 ? 80  VAL A CG1 1 
ATOM   451  C  CG2 . VAL A 1 65  ? -3.560  -2.693  -1.047  1.00 19.63 ? 80  VAL A CG2 1 
ATOM   452  N  N   . LEU A 1 66  ? -7.952  -4.132  -0.986  1.00 20.12 ? 81  LEU A N   1 
ATOM   453  C  CA  . LEU A 1 66  ? -9.064  -4.811  -1.610  1.00 20.45 ? 81  LEU A CA  1 
ATOM   454  C  C   . LEU A 1 66  ? -8.815  -4.827  -3.128  1.00 21.42 ? 81  LEU A C   1 
ATOM   455  O  O   . LEU A 1 66  ? -8.896  -3.786  -3.810  1.00 22.77 ? 81  LEU A O   1 
ATOM   456  C  CB  . LEU A 1 66  ? -10.409 -4.122  -1.322  1.00 19.11 ? 81  LEU A CB  1 
ATOM   457  C  CG  . LEU A 1 66  ? -10.949 -4.257  0.086   1.00 20.03 ? 81  LEU A CG  1 
ATOM   458  C  CD1 . LEU A 1 66  ? -12.061 -3.253  0.251   1.00 21.08 ? 81  LEU A CD1 1 
ATOM   459  C  CD2 . LEU A 1 66  ? -11.450 -5.749  0.360   1.00 23.18 ? 81  LEU A CD2 1 
ATOM   460  N  N   . ARG A 1 67  ? -8.529  -6.008  -3.659  1.00 22.04 ? 82  ARG A N   1 
ATOM   461  C  CA  . ARG A 1 67  ? -8.112  -6.120  -5.038  1.00 22.73 ? 82  ARG A CA  1 
ATOM   462  C  C   . ARG A 1 67  ? -9.224  -6.575  -5.907  1.00 23.38 ? 82  ARG A C   1 
ATOM   463  O  O   . ARG A 1 67  ? -9.043  -6.575  -7.110  1.00 26.47 ? 82  ARG A O   1 
ATOM   464  C  CB  . ARG A 1 67  ? -6.922  -7.096  -5.155  1.00 24.02 ? 82  ARG A CB  1 
ATOM   465  C  CG  . ARG A 1 67  ? -5.630  -6.545  -4.544  1.00 25.29 ? 82  ARG A CG  1 
ATOM   466  C  CD  . ARG A 1 67  ? -4.405  -7.548  -4.468  1.00 27.39 ? 82  ARG A CD  1 
ATOM   467  N  NE  . ARG A 1 67  ? -3.533  -7.109  -3.362  1.00 24.99 ? 82  ARG A NE  1 
ATOM   468  C  CZ  . ARG A 1 67  ? -2.525  -6.255  -3.490  1.00 23.40 ? 82  ARG A CZ  1 
ATOM   469  N  NH1 . ARG A 1 67  ? -2.255  -5.744  -4.682  1.00 22.24 ? 82  ARG A NH1 1 
ATOM   470  N  NH2 . ARG A 1 67  ? -1.846  -5.823  -2.429  1.00 25.87 ? 82  ARG A NH2 1 
ATOM   471  N  N   . ASP A 1 68  ? -10.365 -6.971  -5.334  1.00 22.33 ? 83  ASP A N   1 
ATOM   472  C  CA  . ASP A 1 68  ? -11.504 -7.410  -6.128  1.00 24.64 ? 83  ASP A CA  1 
ATOM   473  C  C   . ASP A 1 68  ? -12.660 -6.399  -6.194  1.00 25.11 ? 83  ASP A C   1 
ATOM   474  O  O   . ASP A 1 68  ? -13.759 -6.784  -6.496  1.00 26.16 ? 83  ASP A O   1 
ATOM   475  C  CB  . ASP A 1 68  ? -12.013 -8.804  -5.676  1.00 24.22 ? 83  ASP A CB  1 
ATOM   476  C  CG  . ASP A 1 68  ? -12.554 -8.786  -4.259  1.00 30.68 ? 83  ASP A CG  1 
ATOM   477  O  OD1 . ASP A 1 68  ? -12.064 -7.963  -3.433  1.00 34.11 ? 83  ASP A OD1 1 
ATOM   478  O  OD2 . ASP A 1 68  ? -13.506 -9.552  -3.972  1.00 38.76 ? 83  ASP A OD2 1 
ATOM   479  N  N   . VAL A 1 69  ? -12.388 -5.102  -6.015  1.00 24.16 ? 84  VAL A N   1 
ATOM   480  C  CA  . VAL A 1 69  ? -13.426 -4.038  -6.079  1.00 23.92 ? 84  VAL A CA  1 
ATOM   481  C  C   . VAL A 1 69  ? -13.133 -3.240  -7.346  1.00 24.37 ? 84  VAL A C   1 
ATOM   482  O  O   . VAL A 1 69  ? -12.049 -3.341  -7.840  1.00 23.08 ? 84  VAL A O   1 
ATOM   483  C  CB  . VAL A 1 69  ? -13.344 -3.083  -4.832  1.00 22.72 ? 84  VAL A CB  1 
ATOM   484  C  CG1 . VAL A 1 69  ? -13.607 -3.826  -3.552  1.00 24.56 ? 84  VAL A CG1 1 
ATOM   485  C  CG2 . VAL A 1 69  ? -11.925 -2.390  -4.794  1.00 20.32 ? 84  VAL A CG2 1 
ATOM   486  N  N   . LEU A 1 70  ? -14.101 -2.522  -7.926  1.00 25.41 ? 85  LEU A N   1 
ATOM   487  C  CA  . LEU A 1 70  ? -13.881 -1.769  -9.157  1.00 26.66 ? 85  LEU A CA  1 
ATOM   488  C  C   . LEU A 1 70  ? -12.923 -0.636  -8.794  1.00 28.49 ? 85  LEU A C   1 
ATOM   489  O  O   . LEU A 1 70  ? -13.207 0.149   -7.903  1.00 30.11 ? 85  LEU A O   1 
ATOM   490  C  CB  . LEU A 1 70  ? -15.183 -1.152  -9.687  1.00 26.25 ? 85  LEU A CB  1 
ATOM   491  C  CG  . LEU A 1 70  ? -16.049 -1.956  -10.646 1.00 29.25 ? 85  LEU A CG  1 
ATOM   492  C  CD1 . LEU A 1 70  ? -17.261 -1.155  -11.155 1.00 31.56 ? 85  LEU A CD1 1 
ATOM   493  C  CD2 . LEU A 1 70  ? -15.260 -2.528  -11.833 1.00 27.75 ? 85  LEU A CD2 1 
ATOM   494  N  N   . ASN A 1 71  ? -11.756 -0.594  -9.403  1.00 30.04 ? 86  ASN A N   1 
ATOM   495  C  CA  . ASN A 1 71  ? -10.917 0.549   -9.093  1.00 32.31 ? 86  ASN A CA  1 
ATOM   496  C  C   . ASN A 1 71  ? -10.995 1.591   -10.175 1.00 31.15 ? 86  ASN A C   1 
ATOM   497  O  O   . ASN A 1 71  ? -11.159 1.293   -11.365 1.00 32.25 ? 86  ASN A O   1 
ATOM   498  C  CB  . ASN A 1 71  ? -9.466  0.157   -8.756  1.00 32.68 ? 86  ASN A CB  1 
ATOM   499  C  CG  . ASN A 1 71  ? -9.386  -0.691  -7.486  1.00 35.75 ? 86  ASN A CG  1 
ATOM   500  O  OD1 . ASN A 1 71  ? -9.635  -0.189  -6.355  1.00 35.39 ? 86  ASN A OD1 1 
ATOM   501  N  ND2 . ASN A 1 71  ? -9.123  -1.991  -7.671  1.00 38.25 ? 86  ASN A ND2 1 
ATOM   502  N  N   . GLU A 1 72  ? -10.903 2.825   -9.712  1.00 30.53 ? 87  GLU A N   1 
ATOM   503  C  CA  . GLU A 1 72  ? -10.834 3.981   -10.538 1.00 28.71 ? 87  GLU A CA  1 
ATOM   504  C  C   . GLU A 1 72  ? -9.377  4.169   -11.023 1.00 27.38 ? 87  GLU A C   1 
ATOM   505  O  O   . GLU A 1 72  ? -8.389  3.943   -10.305 1.00 26.34 ? 87  GLU A O   1 
ATOM   506  C  CB  . GLU A 1 72  ? -11.389 5.130   -9.689  1.00 30.33 ? 87  GLU A CB  1 
ATOM   507  C  CG  . GLU A 1 72  ? -10.961 6.541   -10.012 1.00 32.53 ? 87  GLU A CG  1 
ATOM   508  C  CD  . GLU A 1 72  ? -11.340 7.533   -8.866  1.00 38.05 ? 87  GLU A CD  1 
ATOM   509  O  OE1 . GLU A 1 72  ? -10.584 7.675   -7.817  1.00 36.22 ? 87  GLU A OE1 1 
ATOM   510  O  OE2 . GLU A 1 72  ? -12.412 8.149   -9.045  1.00 34.98 ? 87  GLU A OE2 1 
ATOM   511  N  N   . ASP A 1 73  ? -9.248  4.584   -12.271 1.00 24.73 ? 88  ASP A N   1 
ATOM   512  C  CA  . ASP A 1 73  ? -7.933  4.825   -12.876 1.00 25.11 ? 88  ASP A CA  1 
ATOM   513  C  C   . ASP A 1 73  ? -7.277  6.042   -12.206 1.00 23.34 ? 88  ASP A C   1 
ATOM   514  O  O   . ASP A 1 73  ? -7.932  6.706   -11.443 1.00 24.15 ? 88  ASP A O   1 
ATOM   515  C  CB  . ASP A 1 73  ? -8.169  5.148   -14.349 1.00 23.89 ? 88  ASP A CB  1 
ATOM   516  C  CG  . ASP A 1 73  ? -6.956  4.894   -15.219 1.00 28.70 ? 88  ASP A CG  1 
ATOM   517  O  OD1 . ASP A 1 73  ? -5.817  4.728   -14.756 1.00 30.65 ? 88  ASP A OD1 1 
ATOM   518  O  OD2 . ASP A 1 73  ? -7.172  4.848   -16.432 1.00 35.12 ? 88  ASP A OD2 1 
ATOM   519  N  N   . TYR A 1 74  ? -6.019  6.325   -12.528 1.00 21.87 ? 89  TYR A N   1 
ATOM   520  C  CA  . TYR A 1 74  ? -5.366  7.545   -12.102 1.00 21.81 ? 89  TYR A CA  1 
ATOM   521  C  C   . TYR A 1 74  ? -6.293  8.674   -12.537 1.00 22.60 ? 89  TYR A C   1 
ATOM   522  O  O   . TYR A 1 74  ? -6.956  8.581   -13.608 1.00 22.83 ? 89  TYR A O   1 
ATOM   523  C  CB  . TYR A 1 74  ? -4.011  7.681   -12.763 1.00 20.80 ? 89  TYR A CB  1 
ATOM   524  C  CG  . TYR A 1 74  ? -2.984  6.694   -12.269 1.00 19.38 ? 89  TYR A CG  1 
ATOM   525  C  CD1 . TYR A 1 74  ? -2.796  5.452   -12.923 1.00 25.24 ? 89  TYR A CD1 1 
ATOM   526  C  CD2 . TYR A 1 74  ? -2.233  6.954   -11.134 1.00 17.05 ? 89  TYR A CD2 1 
ATOM   527  C  CE1 . TYR A 1 74  ? -1.833  4.532   -12.468 1.00 23.73 ? 89  TYR A CE1 1 
ATOM   528  C  CE2 . TYR A 1 74  ? -1.306  6.003   -10.612 1.00 17.40 ? 89  TYR A CE2 1 
ATOM   529  C  CZ  . TYR A 1 74  ? -1.074  4.831   -11.308 1.00 21.06 ? 89  TYR A CZ  1 
ATOM   530  O  OH  . TYR A 1 74  ? -0.133  3.909   -10.876 1.00 22.78 ? 89  TYR A OH  1 
ATOM   531  N  N   . GLN A 1 75  ? -6.407  9.685   -11.689 1.00 22.10 ? 90  GLN A N   1 
ATOM   532  C  CA  . GLN A 1 75  ? -7.315  10.822  -11.939 1.00 22.14 ? 90  GLN A CA  1 
ATOM   533  C  C   . GLN A 1 75  ? -6.532  12.109  -11.891 1.00 22.04 ? 90  GLN A C   1 
ATOM   534  O  O   . GLN A 1 75  ? -5.718  12.316  -10.987 1.00 21.39 ? 90  GLN A O   1 
ATOM   535  C  CB  . GLN A 1 75  ? -8.365  10.895  -10.850 1.00 22.04 ? 90  GLN A CB  1 
ATOM   536  C  CG  . GLN A 1 75  ? -9.207  9.648   -10.763 1.00 25.71 ? 90  GLN A CG  1 
ATOM   537  C  CD  . GLN A 1 75  ? -10.162 9.579   -11.934 1.00 31.33 ? 90  GLN A CD  1 
ATOM   538  O  OE1 . GLN A 1 75  ? -10.980 10.499  -12.126 1.00 32.94 ? 90  GLN A OE1 1 
ATOM   539  N  NE2 . GLN A 1 75  ? -10.083 8.490   -12.721 1.00 26.53 ? 90  GLN A NE2 1 
ATOM   540  N  N   . ALA A 1 76  ? -6.837  13.034  -12.787 1.00 21.41 ? 91  ALA A N   1 
ATOM   541  C  CA  . ALA A 1 76  ? -6.185  14.359  -12.724 1.00 21.67 ? 91  ALA A CA  1 
ATOM   542  C  C   . ALA A 1 76  ? -6.965  15.262  -11.836 1.00 21.52 ? 91  ALA A C   1 
ATOM   543  O  O   . ALA A 1 76  ? -8.219  15.151  -11.703 1.00 20.46 ? 91  ALA A O   1 
ATOM   544  C  CB  . ALA A 1 76  ? -6.078  14.995  -14.143 1.00 22.43 ? 91  ALA A CB  1 
ATOM   545  N  N   . LEU A 1 77  ? -6.244  16.189  -11.212 1.00 22.12 ? 92  LEU A N   1 
ATOM   546  C  CA  . LEU A 1 77  ? -6.886  17.127  -10.346 1.00 21.86 ? 92  LEU A CA  1 
ATOM   547  C  C   . LEU A 1 77  ? -6.122  18.420  -10.427 1.00 22.17 ? 92  LEU A C   1 
ATOM   548  O  O   . LEU A 1 77  ? -4.883  18.428  -10.329 1.00 21.70 ? 92  LEU A O   1 
ATOM   549  C  CB  . LEU A 1 77  ? -6.941  16.615  -8.912  1.00 21.66 ? 92  LEU A CB  1 
ATOM   550  C  CG  . LEU A 1 77  ? -7.390  17.593  -7.821  1.00 23.58 ? 92  LEU A CG  1 
ATOM   551  C  CD1 . LEU A 1 77  ? -8.907  17.962  -7.912  1.00 27.11 ? 92  LEU A CD1 1 
ATOM   552  C  CD2 . LEU A 1 77  ? -7.084  17.024  -6.384  1.00 20.47 ? 92  LEU A CD2 1 
ATOM   553  N  N   . ARG A 1 78  ? -6.875  19.518  -10.615 1.00 23.10 ? 93  ARG A N   1 
ATOM   554  C  CA  . ARG A 1 78  ? -6.322  20.864  -10.622 1.00 24.20 ? 93  ARG A CA  1 
ATOM   555  C  C   . ARG A 1 78  ? -6.403  21.483  -9.219  1.00 23.06 ? 93  ARG A C   1 
ATOM   556  O  O   . ARG A 1 78  ? -7.484  21.577  -8.629  1.00 22.93 ? 93  ARG A O   1 
ATOM   557  C  CB  . ARG A 1 78  ? -7.092  21.755  -11.592 1.00 25.18 ? 93  ARG A CB  1 
ATOM   558  C  CG  . ARG A 1 78  ? -6.601  23.198  -11.565 1.00 30.71 ? 93  ARG A CG  1 
ATOM   559  C  CD  . ARG A 1 78  ? -5.428  23.339  -12.497 1.00 39.01 ? 93  ARG A CD  1 
ATOM   560  N  NE  . ARG A 1 78  ? -4.984  24.725  -12.627 1.00 43.32 ? 93  ARG A NE  1 
ATOM   561  C  CZ  . ARG A 1 78  ? -3.907  25.104  -13.308 1.00 46.50 ? 93  ARG A CZ  1 
ATOM   562  N  NH1 . ARG A 1 78  ? -3.152  24.214  -13.928 1.00 47.02 ? 93  ARG A NH1 1 
ATOM   563  N  NH2 . ARG A 1 78  ? -3.580  26.383  -13.370 1.00 46.72 ? 93  ARG A NH2 1 
ATOM   564  N  N   . ILE A 1 79  ? -5.273  21.890  -8.660  1.00 22.67 ? 94  ILE A N   1 
ATOM   565  C  CA  . ILE A 1 79  ? -5.282  22.631  -7.374  1.00 21.71 ? 94  ILE A CA  1 
ATOM   566  C  C   . ILE A 1 79  ? -5.004  24.127  -7.708  1.00 23.26 ? 94  ILE A C   1 
ATOM   567  O  O   . ILE A 1 79  ? -3.873  24.466  -8.114  1.00 21.13 ? 94  ILE A O   1 
ATOM   568  C  CB  . ILE A 1 79  ? -4.214  22.069  -6.410  1.00 22.39 ? 94  ILE A CB  1 
ATOM   569  C  CG1 . ILE A 1 79  ? -4.500  20.563  -6.152  1.00 22.63 ? 94  ILE A CG1 1 
ATOM   570  C  CG2 . ILE A 1 79  ? -4.254  22.757  -5.091  1.00 21.37 ? 94  ILE A CG2 1 
ATOM   571  C  CD1 . ILE A 1 79  ? -3.348  19.907  -5.469  1.00 28.67 ? 94  ILE A CD1 1 
ATOM   572  N  N   . PRO A 1 80  ? -6.044  24.984  -7.654  1.00 24.25 ? 95  PRO A N   1 
ATOM   573  C  CA  . PRO A 1 80  ? -5.877  26.460  -7.934  1.00 24.68 ? 95  PRO A CA  1 
ATOM   574  C  C   . PRO A 1 80  ? -5.004  27.129  -6.897  1.00 24.49 ? 95  PRO A C   1 
ATOM   575  O  O   . PRO A 1 80  ? -4.958  26.697  -5.760  1.00 24.81 ? 95  PRO A O   1 
ATOM   576  C  CB  . PRO A 1 80  ? -7.318  27.015  -7.846  1.00 24.73 ? 95  PRO A CB  1 
ATOM   577  C  CG  . PRO A 1 80  ? -8.210  25.834  -8.174  1.00 26.33 ? 95  PRO A CG  1 
ATOM   578  C  CD  . PRO A 1 80  ? -7.473  24.641  -7.500  1.00 25.87 ? 95  PRO A CD  1 
ATOM   579  N  N   . ALA A 1 81  ? -4.261  28.150  -7.307  1.00 23.64 ? 96  ALA A N   1 
ATOM   580  C  CA  . ALA A 1 81  ? -3.466  28.907  -6.368  1.00 24.28 ? 96  ALA A CA  1 
ATOM   581  C  C   . ALA A 1 81  ? -4.204  29.411  -5.080  1.00 24.37 ? 96  ALA A C   1 
ATOM   582  O  O   . ALA A 1 81  ? -5.203  30.092  -5.146  1.00 24.48 ? 96  ALA A O   1 
ATOM   583  C  CB  . ALA A 1 81  ? -2.717  30.087  -7.127  1.00 24.37 ? 96  ALA A CB  1 
ATOM   584  N  N   . GLY A 1 82  ? -3.673  29.059  -3.915  1.00 25.96 ? 97  GLY A N   1 
ATOM   585  C  CA  . GLY A 1 82  ? -4.239  29.464  -2.630  1.00 29.59 ? 97  GLY A CA  1 
ATOM   586  C  C   . GLY A 1 82  ? -5.711  29.229  -2.291  1.00 31.01 ? 97  GLY A C   1 
ATOM   587  O  O   . GLY A 1 82  ? -6.198  29.830  -1.339  1.00 32.23 ? 97  GLY A O   1 
ATOM   588  N  N   . GLN A 1 83  ? -6.413  28.389  -3.068  1.00 31.46 ? 98  GLN A N   1 
ATOM   589  C  CA  . GLN A 1 83  ? -7.818  27.981  -2.821  1.00 31.22 ? 98  GLN A CA  1 
ATOM   590  C  C   . GLN A 1 83  ? -7.758  26.587  -2.142  1.00 30.13 ? 98  GLN A C   1 
ATOM   591  O  O   . GLN A 1 83  ? -7.088  25.696  -2.634  1.00 28.09 ? 98  GLN A O   1 
ATOM   592  C  CB  . GLN A 1 83  ? -8.564  27.753  -4.151  1.00 32.20 ? 98  GLN A CB  1 
ATOM   593  C  CG  . GLN A 1 83  ? -9.431  28.911  -4.792  1.00 40.14 ? 98  GLN A CG  1 
ATOM   594  C  CD  . GLN A 1 83  ? -10.368 28.365  -5.936  1.00 47.11 ? 98  GLN A CD  1 
ATOM   595  O  OE1 . GLN A 1 83  ? -10.963 27.286  -5.789  1.00 48.96 ? 98  GLN A OE1 1 
ATOM   596  N  NE2 . GLN A 1 83  ? -10.477 29.100  -7.061  1.00 45.89 ? 98  GLN A NE2 1 
ATOM   597  N  N   . GLU A 1 84  ? -8.486  26.392  -1.049  1.00 29.15 ? 99  GLU A N   1 
ATOM   598  C  CA  . GLU A 1 84  ? -8.643  25.052  -0.462  1.00 29.17 ? 99  GLU A CA  1 
ATOM   599  C  C   . GLU A 1 84  ? -9.357  24.114  -1.414  1.00 26.71 ? 99  GLU A C   1 
ATOM   600  O  O   . GLU A 1 84  ? -10.345 24.481  -1.983  1.00 27.50 ? 99  GLU A O   1 
ATOM   601  C  CB  . GLU A 1 84  ? -9.382  25.161  0.857   1.00 30.37 ? 99  GLU A CB  1 
ATOM   602  C  CG  . GLU A 1 84  ? -9.606  23.910  1.585   1.00 35.57 ? 99  GLU A CG  1 
ATOM   603  C  CD  . GLU A 1 84  ? -10.325 24.169  2.917   1.00 42.83 ? 99  GLU A CD  1 
ATOM   604  O  OE1 . GLU A 1 84  ? -9.671  24.640  3.892   1.00 45.47 ? 99  GLU A OE1 1 
ATOM   605  O  OE2 . GLU A 1 84  ? -11.544 23.902  2.974   1.00 43.29 ? 99  GLU A OE2 1 
ATOM   606  N  N   . VAL A 1 85  ? -8.824  22.906  -1.631  1.00 25.90 ? 100 VAL A N   1 
ATOM   607  C  CA  . VAL A 1 85  ? -9.459  21.892  -2.526  1.00 23.79 ? 100 VAL A CA  1 
ATOM   608  C  C   . VAL A 1 85  ? -9.815  20.680  -1.624  1.00 23.97 ? 100 VAL A C   1 
ATOM   609  O  O   . VAL A 1 85  ? -8.955  20.177  -0.889  1.00 23.26 ? 100 VAL A O   1 
ATOM   610  C  CB  . VAL A 1 85  ? -8.491  21.458  -3.693  1.00 25.50 ? 100 VAL A CB  1 
ATOM   611  C  CG1 . VAL A 1 85  ? -8.985  20.200  -4.441  1.00 25.93 ? 100 VAL A CG1 1 
ATOM   612  C  CG2 . VAL A 1 85  ? -8.271  22.610  -4.719  1.00 22.70 ? 100 VAL A CG2 1 
ATOM   613  N  N   . ILE A 1 86  ? -11.075 20.237  -1.660  1.00 22.10 ? 101 ILE A N   1 
ATOM   614  C  CA  . ILE A 1 86  ? -11.520 19.161  -0.808  1.00 23.29 ? 101 ILE A CA  1 
ATOM   615  C  C   . ILE A 1 86  ? -11.682 17.918  -1.708  1.00 23.30 ? 101 ILE A C   1 
ATOM   616  O  O   . ILE A 1 86  ? -12.516 17.915  -2.602  1.00 25.22 ? 101 ILE A O   1 
ATOM   617  C  CB  . ILE A 1 86  ? -12.853 19.520  -0.145  1.00 24.94 ? 101 ILE A CB  1 
ATOM   618  C  CG1 . ILE A 1 86  ? -12.724 20.852  0.629   1.00 26.58 ? 101 ILE A CG1 1 
ATOM   619  C  CG2 . ILE A 1 86  ? -13.316 18.398  0.774   1.00 25.45 ? 101 ILE A CG2 1 
ATOM   620  C  CD1 . ILE A 1 86  ? -12.814 20.741  2.207   1.00 33.48 ? 101 ILE A CD1 1 
ATOM   621  N  N   . LEU A 1 87  ? -10.834 16.916  -1.524  1.00 21.61 ? 102 LEU A N   1 
ATOM   622  C  CA  . LEU A 1 87  ? -10.934 15.680  -2.334  1.00 23.13 ? 102 LEU A CA  1 
ATOM   623  C  C   . LEU A 1 87  ? -11.782 14.668  -1.520  1.00 21.57 ? 102 LEU A C   1 
ATOM   624  O  O   . LEU A 1 87  ? -11.393 14.222  -0.410  1.00 20.37 ? 102 LEU A O   1 
ATOM   625  C  CB  . LEU A 1 87  ? -9.524  15.125  -2.690  1.00 22.18 ? 102 LEU A CB  1 
ATOM   626  C  CG  . LEU A 1 87  ? -9.511  13.821  -3.489  1.00 23.57 ? 102 LEU A CG  1 
ATOM   627  C  CD1 . LEU A 1 87  ? -10.238 13.965  -4.817  1.00 25.35 ? 102 LEU A CD1 1 
ATOM   628  C  CD2 . LEU A 1 87  ? -8.089  13.245  -3.661  1.00 25.88 ? 102 LEU A CD2 1 
ATOM   629  N  N   . ARG A 1 88  ? -12.932 14.339  -2.061  1.00 20.21 ? 103 ARG A N   1 
ATOM   630  C  CA  . ARG A 1 88  ? -13.870 13.475  -1.367  1.00 20.93 ? 103 ARG A CA  1 
ATOM   631  C  C   . ARG A 1 88  ? -14.159 12.177  -2.136  1.00 20.12 ? 103 ARG A C   1 
ATOM   632  O  O   . ARG A 1 88  ? -14.526 12.230  -3.313  1.00 19.83 ? 103 ARG A O   1 
ATOM   633  C  CB  . ARG A 1 88  ? -15.148 14.290  -1.105  1.00 22.53 ? 103 ARG A CB  1 
ATOM   634  C  CG  . ARG A 1 88  ? -16.183 13.536  -0.258  1.00 29.96 ? 103 ARG A CG  1 
ATOM   635  C  CD  . ARG A 1 88  ? -17.130 14.505  0.524   1.00 43.03 ? 103 ARG A CD  1 
ATOM   636  N  NE  . ARG A 1 88  ? -18.093 15.204  -0.332  1.00 51.54 ? 103 ARG A NE  1 
ATOM   637  C  CZ  . ARG A 1 88  ? -17.949 16.449  -0.786  1.00 55.23 ? 103 ARG A CZ  1 
ATOM   638  N  NH1 . ARG A 1 88  ? -16.863 17.172  -0.481  1.00 54.17 ? 103 ARG A NH1 1 
ATOM   639  N  NH2 . ARG A 1 88  ? -18.895 16.959  -1.564  1.00 55.97 ? 103 ARG A NH2 1 
ATOM   640  N  N   . LYS A 1 89  ? -13.950 11.007  -1.517  1.00 17.77 ? 104 LYS A N   1 
ATOM   641  C  CA  . LYS A 1 89  ? -14.151 9.752   -2.256  1.00 16.88 ? 104 LYS A CA  1 
ATOM   642  C  C   . LYS A 1 89  ? -14.963 8.798   -1.451  1.00 15.65 ? 104 LYS A C   1 
ATOM   643  O  O   . LYS A 1 89  ? -14.900 8.808   -0.247  1.00 16.11 ? 104 LYS A O   1 
ATOM   644  C  CB  . LYS A 1 89  ? -12.814 9.019   -2.546  1.00 16.70 ? 104 LYS A CB  1 
ATOM   645  C  CG  . LYS A 1 89  ? -11.839 9.832   -3.397  1.00 17.37 ? 104 LYS A CG  1 
ATOM   646  C  CD  . LYS A 1 89  ? -12.399 10.287  -4.673  1.00 24.46 ? 104 LYS A CD  1 
ATOM   647  C  CE  . LYS A 1 89  ? -12.300 9.414   -5.856  1.00 22.92 ? 104 LYS A CE  1 
ATOM   648  N  NZ  . LYS A 1 89  ? -12.360 10.279  -7.143  1.00 21.20 ? 104 LYS A NZ  1 
ATOM   649  N  N   . LEU A 1 90  ? -15.680 7.920   -2.127  1.00 14.20 ? 105 LEU A N   1 
ATOM   650  C  CA  . LEU A 1 90  ? -16.617 7.071   -1.438  1.00 13.90 ? 105 LEU A CA  1 
ATOM   651  C  C   . LEU A 1 90  ? -16.374 5.636   -1.885  1.00 14.69 ? 105 LEU A C   1 
ATOM   652  O  O   . LEU A 1 90  ? -16.352 5.354   -3.080  1.00 13.22 ? 105 LEU A O   1 
ATOM   653  C  CB  . LEU A 1 90  ? -18.024 7.535   -1.853  1.00 12.28 ? 105 LEU A CB  1 
ATOM   654  C  CG  . LEU A 1 90  ? -19.232 6.612   -1.553  1.00 13.07 ? 105 LEU A CG  1 
ATOM   655  C  CD1 . LEU A 1 90  ? -19.378 6.489   -0.087  1.00 12.32 ? 105 LEU A CD1 1 
ATOM   656  C  CD2 . LEU A 1 90  ? -20.483 7.273   -2.133  1.00 12.95 ? 105 LEU A CD2 1 
ATOM   657  N  N   . ALA A 1 91  ? -16.213 4.735   -0.948  1.00 15.09 ? 106 ALA A N   1 
ATOM   658  C  CA  . ALA A 1 91  ? -16.003 3.339   -1.360  1.00 16.24 ? 106 ALA A CA  1 
ATOM   659  C  C   . ALA A 1 91  ? -17.259 2.748   -2.018  1.00 17.59 ? 106 ALA A C   1 
ATOM   660  O  O   . ALA A 1 91  ? -18.368 3.191   -1.722  1.00 15.82 ? 106 ALA A O   1 
ATOM   661  C  CB  . ALA A 1 91  ? -15.659 2.549   -0.167  1.00 14.98 ? 106 ALA A CB  1 
ATOM   662  N  N   . SER A 1 92  ? -17.077 1.705   -2.841  1.00 19.01 ? 107 SER A N   1 
ATOM   663  C  CA  . SER A 1 92  ? -18.183 1.014   -3.533  1.00 20.16 ? 107 SER A CA  1 
ATOM   664  C  C   . SER A 1 92  ? -18.375 -0.365  -2.898  1.00 21.56 ? 107 SER A C   1 
ATOM   665  O  O   . SER A 1 92  ? -19.294 -1.089  -3.249  1.00 20.21 ? 107 SER A O   1 
ATOM   666  C  CB  . SER A 1 92  ? -17.939 0.908   -5.061  1.00 22.88 ? 107 SER A CB  1 
ATOM   667  O  OG  . SER A 1 92  ? -16.733 0.156   -5.275  1.00 25.98 ? 107 SER A OG  1 
ATOM   668  N  N   . ASP A 1 93  ? -17.616 -0.673  -1.838  1.00 20.51 ? 108 ASP A N   1 
ATOM   669  C  CA  . ASP A 1 93  ? -17.707 -1.974  -1.244  1.00 21.24 ? 108 ASP A CA  1 
ATOM   670  C  C   . ASP A 1 93  ? -17.714 -1.766  0.262   1.00 21.19 ? 108 ASP A C   1 
ATOM   671  O  O   . ASP A 1 93  ? -16.883 -1.003  0.771   1.00 19.83 ? 108 ASP A O   1 
ATOM   672  C  CB  . ASP A 1 93  ? -16.512 -2.840  -1.705  1.00 21.71 ? 108 ASP A CB  1 
ATOM   673  C  CG  . ASP A 1 93  ? -16.650 -4.316  -1.308  1.00 24.67 ? 108 ASP A CG  1 
ATOM   674  O  OD1 . ASP A 1 93  ? -16.628 -4.604  -0.124  1.00 25.60 ? 108 ASP A OD1 1 
ATOM   675  O  OD2 . ASP A 1 93  ? -16.819 -5.165  -2.200  1.00 23.27 ? 108 ASP A OD2 1 
ATOM   676  N  N   . THR A 1 94  ? -18.617 -2.461  0.990   1.00 19.43 ? 109 THR A N   1 
ATOM   677  C  CA  . THR A 1 94  ? -18.701 -2.304  2.429   1.00 19.52 ? 109 THR A CA  1 
ATOM   678  C  C   . THR A 1 94  ? -17.499 -2.844  3.229   1.00 19.13 ? 109 THR A C   1 
ATOM   679  O  O   . THR A 1 94  ? -17.311 -2.433  4.326   1.00 17.95 ? 109 THR A O   1 
ATOM   680  C  CB  . THR A 1 94  ? -20.018 -2.910  3.056   1.00 19.94 ? 109 THR A CB  1 
ATOM   681  O  OG1 . THR A 1 94  ? -20.107 -4.267  2.664   1.00 23.38 ? 109 THR A OG1 1 
ATOM   682  C  CG2 . THR A 1 94  ? -21.272 -2.159  2.616   1.00 20.16 ? 109 THR A CG2 1 
ATOM   683  N  N   . ARG A 1 95  ? -16.671 -3.711  2.645   1.00 20.18 ? 110 ARG A N   1 
ATOM   684  C  CA  . ARG A 1 95  ? -15.461 -4.209  3.284   1.00 19.95 ? 110 ARG A CA  1 
ATOM   685  C  C   . ARG A 1 95  ? -14.358 -3.163  3.423   1.00 18.23 ? 110 ARG A C   1 
ATOM   686  O  O   . ARG A 1 95  ? -13.429 -3.339  4.253   1.00 19.86 ? 110 ARG A O   1 
ATOM   687  C  CB  . ARG A 1 95  ? -14.887 -5.383  2.494   1.00 21.61 ? 110 ARG A CB  1 
ATOM   688  C  CG  . ARG A 1 95  ? -15.652 -6.688  2.629   1.00 20.87 ? 110 ARG A CG  1 
ATOM   689  C  CD  . ARG A 1 95  ? -15.094 -7.709  1.660   1.00 20.77 ? 110 ARG A CD  1 
ATOM   690  N  NE  . ARG A 1 95  ? -15.302 -7.257  0.272   1.00 20.81 ? 110 ARG A NE  1 
ATOM   691  C  CZ  . ARG A 1 95  ? -14.556 -7.647  -0.763  1.00 26.12 ? 110 ARG A CZ  1 
ATOM   692  N  NH1 . ARG A 1 95  ? -13.559 -8.532  -0.604  1.00 26.20 ? 110 ARG A NH1 1 
ATOM   693  N  NH2 . ARG A 1 95  ? -14.807 -7.167  -1.969  1.00 32.30 ? 110 ARG A NH2 1 
ATOM   694  N  N   . ALA A 1 96  ? -14.463 -2.034  2.698   1.00 17.43 ? 111 ALA A N   1 
ATOM   695  C  CA  . ALA A 1 96  ? -13.466 -0.938  2.843   1.00 16.43 ? 111 ALA A CA  1 
ATOM   696  C  C   . ALA A 1 96  ? -13.565 -0.300  4.236   1.00 17.27 ? 111 ALA A C   1 
ATOM   697  O  O   . ALA A 1 96  ? -14.653 0.203   4.631   1.00 18.38 ? 111 ALA A O   1 
ATOM   698  C  CB  . ALA A 1 96  ? -13.688 0.103   1.706   1.00 16.40 ? 111 ALA A CB  1 
ATOM   699  N  N   . ASN A 1 97  ? -12.459 -0.278  4.974   1.00 16.83 ? 112 ASN A N   1 
ATOM   700  C  CA  . ASN A 1 97  ? -12.416 0.366   6.317   1.00 19.29 ? 112 ASN A CA  1 
ATOM   701  C  C   . ASN A 1 97  ? -11.303 1.400   6.420   1.00 18.51 ? 112 ASN A C   1 
ATOM   702  O  O   . ASN A 1 97  ? -11.212 2.116   7.398   1.00 17.07 ? 112 ASN A O   1 
ATOM   703  C  CB  . ASN A 1 97  ? -12.200 -0.672  7.449   1.00 19.31 ? 112 ASN A CB  1 
ATOM   704  C  CG  . ASN A 1 97  ? -13.485 -1.562  7.729   1.00 27.54 ? 112 ASN A CG  1 
ATOM   705  O  OD1 . ASN A 1 97  ? -13.346 -2.674  8.280   1.00 32.15 ? 112 ASN A OD1 1 
ATOM   706  N  ND2 . ASN A 1 97  ? -14.687 -1.124  7.266   1.00 28.60 ? 112 ASN A ND2 1 
ATOM   707  N  N   . ASP A 1 98  ? -10.418 1.441   5.424   1.00 17.51 ? 113 ASP A N   1 
ATOM   708  C  CA  . ASP A 1 98  ? -9.389  2.465   5.376   1.00 17.42 ? 113 ASP A CA  1 
ATOM   709  C  C   . ASP A 1 98  ? -9.013  2.680   3.888   1.00 16.32 ? 113 ASP A C   1 
ATOM   710  O  O   . ASP A 1 98  ? -9.602  2.061   2.990   1.00 15.91 ? 113 ASP A O   1 
ATOM   711  C  CB  . ASP A 1 98  ? -8.201  1.994   6.227   1.00 18.69 ? 113 ASP A CB  1 
ATOM   712  C  CG  . ASP A 1 98  ? -7.205  3.160   6.584   1.00 23.52 ? 113 ASP A CG  1 
ATOM   713  O  OD1 . ASP A 1 98  ? -7.487  4.372   6.271   1.00 23.21 ? 113 ASP A OD1 1 
ATOM   714  O  OD2 . ASP A 1 98  ? -6.096  2.808   7.117   1.00 26.24 ? 113 ASP A OD2 1 
ATOM   715  N  N   . PHE A 1 99  ? -8.057  3.546   3.607   1.00 16.68 ? 114 PHE A N   1 
ATOM   716  C  CA  . PHE A 1 99  ? -7.709  3.861   2.204   1.00 16.41 ? 114 PHE A CA  1 
ATOM   717  C  C   . PHE A 1 99  ? -6.222  4.272   2.153   1.00 15.39 ? 114 PHE A C   1 
ATOM   718  O  O   . PHE A 1 99  ? -5.621  4.556   3.163   1.00 15.98 ? 114 PHE A O   1 
ATOM   719  C  CB  . PHE A 1 99  ? -8.578  5.030   1.689   1.00 13.69 ? 114 PHE A CB  1 
ATOM   720  C  CG  . PHE A 1 99  ? -8.210  6.400   2.322   1.00 14.94 ? 114 PHE A CG  1 
ATOM   721  C  CD1 . PHE A 1 99  ? -8.690  6.751   3.578   1.00 15.23 ? 114 PHE A CD1 1 
ATOM   722  C  CD2 . PHE A 1 99  ? -7.397  7.325   1.646   1.00 15.48 ? 114 PHE A CD2 1 
ATOM   723  C  CE1 . PHE A 1 99  ? -8.395  7.990   4.190   1.00 17.39 ? 114 PHE A CE1 1 
ATOM   724  C  CE2 . PHE A 1 99  ? -7.089  8.614   2.239   1.00 16.85 ? 114 PHE A CE2 1 
ATOM   725  C  CZ  . PHE A 1 99  ? -7.568  8.931   3.516   1.00 17.43 ? 114 PHE A CZ  1 
ATOM   726  N  N   . ARG A 1 100 ? -5.667  4.263   0.962   1.00 16.19 ? 115 ARG A N   1 
ATOM   727  C  CA  . ARG A 1 100 ? -4.330  4.812   0.695   1.00 17.44 ? 115 ARG A CA  1 
ATOM   728  C  C   . ARG A 1 100 ? -4.447  5.702   -0.537  1.00 16.41 ? 115 ARG A C   1 
ATOM   729  O  O   . ARG A 1 100 ? -5.096  5.337   -1.492  1.00 16.60 ? 115 ARG A O   1 
ATOM   730  C  CB  . ARG A 1 100 ? -3.350  3.707   0.427   1.00 18.17 ? 115 ARG A CB  1 
ATOM   731  C  CG  . ARG A 1 100 ? -1.896  4.137   0.399   1.00 22.96 ? 115 ARG A CG  1 
ATOM   732  C  CD  . ARG A 1 100 ? -0.926  2.890   0.324   1.00 23.68 ? 115 ARG A CD  1 
ATOM   733  N  NE  . ARG A 1 100 ? -0.809  2.358   1.697   1.00 25.35 ? 115 ARG A NE  1 
ATOM   734  C  CZ  . ARG A 1 100 ? -1.136  1.128   2.090   1.00 23.88 ? 115 ARG A CZ  1 
ATOM   735  N  NH1 . ARG A 1 100 ? -1.515  0.203   1.221   1.00 23.72 ? 115 ARG A NH1 1 
ATOM   736  N  NH2 . ARG A 1 100 ? -1.040  0.832   3.383   1.00 27.78 ? 115 ARG A NH2 1 
ATOM   737  N  N   . LEU A 1 101 ? -3.841  6.888   -0.491  1.00 16.09 ? 116 LEU A N   1 
ATOM   738  C  CA  . LEU A 1 101 ? -3.975  7.848   -1.557  1.00 15.71 ? 116 LEU A CA  1 
ATOM   739  C  C   . LEU A 1 101 ? -2.591  8.220   -2.073  1.00 15.65 ? 116 LEU A C   1 
ATOM   740  O  O   . LEU A 1 101 ? -1.793  8.735   -1.315  1.00 18.67 ? 116 LEU A O   1 
ATOM   741  C  CB  . LEU A 1 101 ? -4.747  9.095   -1.093  1.00 14.37 ? 116 LEU A CB  1 
ATOM   742  C  CG  . LEU A 1 101 ? -4.824  10.275  -2.079  1.00 15.78 ? 116 LEU A CG  1 
ATOM   743  C  CD1 . LEU A 1 101 ? -5.618  9.906   -3.366  1.00 14.77 ? 116 LEU A CD1 1 
ATOM   744  C  CD2 . LEU A 1 101 ? -5.520  11.497  -1.431  1.00 15.68 ? 116 LEU A CD2 1 
ATOM   745  N  N   . GLU A 1 102 ? -2.309  7.956   -3.337  1.00 14.23 ? 117 GLU A N   1 
ATOM   746  C  CA  . GLU A 1 102 ? -1.047  8.446   -3.891  1.00 14.72 ? 117 GLU A CA  1 
ATOM   747  C  C   . GLU A 1 102 ? -1.286  9.759   -4.672  1.00 14.05 ? 117 GLU A C   1 
ATOM   748  O  O   . GLU A 1 102 ? -2.262  9.866   -5.374  1.00 12.87 ? 117 GLU A O   1 
ATOM   749  C  CB  . GLU A 1 102 ? -0.491  7.415   -4.890  1.00 13.61 ? 117 GLU A CB  1 
ATOM   750  C  CG  . GLU A 1 102 ? -0.150  6.111   -4.254  1.00 18.65 ? 117 GLU A CG  1 
ATOM   751  C  CD  . GLU A 1 102 ? 0.282   5.066   -5.306  1.00 19.43 ? 117 GLU A CD  1 
ATOM   752  O  OE1 . GLU A 1 102 ? 0.373   5.420   -6.481  1.00 19.42 ? 117 GLU A OE1 1 
ATOM   753  O  OE2 . GLU A 1 102 ? 0.581   3.916   -4.958  1.00 16.81 ? 117 GLU A OE2 1 
ATOM   754  N  N   . ILE A 1 103 ? -0.407  10.724  -4.539  1.00 14.23 ? 118 ILE A N   1 
ATOM   755  C  CA  . ILE A 1 103 ? -0.484  11.961  -5.288  1.00 13.92 ? 118 ILE A CA  1 
ATOM   756  C  C   . ILE A 1 103 ? 0.880   12.314  -5.870  1.00 14.54 ? 118 ILE A C   1 
ATOM   757  O  O   . ILE A 1 103 ? 1.857   12.309  -5.199  1.00 12.23 ? 118 ILE A O   1 
ATOM   758  C  CB  . ILE A 1 103 ? -0.985  13.167  -4.439  1.00 13.04 ? 118 ILE A CB  1 
ATOM   759  C  CG1 . ILE A 1 103 ? -2.196  12.809  -3.641  1.00 13.39 ? 118 ILE A CG1 1 
ATOM   760  C  CG2 . ILE A 1 103 ? -1.313  14.383  -5.304  1.00 12.57 ? 118 ILE A CG2 1 
ATOM   761  C  CD1 . ILE A 1 103 ? -2.598  13.820  -2.706  1.00 16.52 ? 118 ILE A CD1 1 
ATOM   762  N  N   . LYS A 1 104 ? 0.888   12.591  -7.150  1.00 16.05 ? 119 LYS A N   1 
ATOM   763  C  CA  . LYS A 1 104 ? 2.148   13.010  -7.810  1.00 17.27 ? 119 LYS A CA  1 
ATOM   764  C  C   . LYS A 1 104 ? 1.858   14.217  -8.680  1.00 17.84 ? 119 LYS A C   1 
ATOM   765  O  O   . LYS A 1 104 ? 0.705   14.436  -9.036  1.00 15.87 ? 119 LYS A O   1 
ATOM   766  C  CB  . LYS A 1 104 ? 2.666   11.902  -8.697  1.00 17.85 ? 119 LYS A CB  1 
ATOM   767  C  CG  . LYS A 1 104 ? 1.642   11.394  -9.742  1.00 19.29 ? 119 LYS A CG  1 
ATOM   768  C  CD  . LYS A 1 104 ? 2.289   10.414  -10.748 1.00 25.11 ? 119 LYS A CD  1 
ATOM   769  C  CE  . LYS A 1 104 ? 1.224   9.736   -11.695 1.00 26.54 ? 119 LYS A CE  1 
ATOM   770  N  NZ  . LYS A 1 104 ? 1.718   8.397   -12.211 1.00 30.42 ? 119 LYS A NZ  1 
ATOM   771  N  N   . ALA A 1 105 ? 2.923   14.926  -9.086  1.00 19.39 ? 120 ALA A N   1 
ATOM   772  C  CA  . ALA A 1 105 ? 2.783   16.085  -9.990  1.00 22.01 ? 120 ALA A CA  1 
ATOM   773  C  C   . ALA A 1 105 ? 2.508   15.562  -11.389 1.00 23.42 ? 120 ALA A C   1 
ATOM   774  O  O   . ALA A 1 105 ? 3.050   14.532  -11.769 1.00 22.26 ? 120 ALA A O   1 
ATOM   775  C  CB  . ALA A 1 105 ? 4.084   16.948  -9.957  1.00 21.72 ? 120 ALA A CB  1 
ATOM   776  N  N   . LYS A 1 106 ? 1.636   16.221  -12.139 1.00 25.49 ? 121 LYS A N   1 
ATOM   777  C  CA  . LYS A 1 106 ? 1.292   15.817  -13.528 1.00 29.59 ? 121 LYS A CA  1 
ATOM   778  C  C   . LYS A 1 106 ? 2.554   15.819  -14.375 1.00 30.28 ? 121 LYS A C   1 
ATOM   779  O  O   . LYS A 1 106 ? 3.260   16.830  -14.341 1.00 33.51 ? 121 LYS A O   1 
ATOM   780  C  CB  . LYS A 1 106 ? 0.224   16.775  -14.068 1.00 29.69 ? 121 LYS A CB  1 
ATOM   781  C  CG  . LYS A 1 106 ? 0.086   16.998  -15.636 1.00 34.66 ? 121 LYS A CG  1 
ATOM   782  C  CD  . LYS A 1 106 ? -0.794  15.946  -16.342 1.00 41.04 ? 121 LYS A CD  1 
ATOM   783  C  CE  . LYS A 1 106 ? -2.307  16.067  -16.031 1.00 40.66 ? 121 LYS A CE  1 
ATOM   784  N  NZ  . LYS A 1 106 ? -3.071  14.730  -16.102 1.00 32.23 ? 121 LYS A NZ  1 
ATOM   785  N  N   . GLN B 1 11  ? 6.741   -0.691  10.942  1.00 51.46 ? 26  GLN B N   1 
ATOM   786  C  CA  . GLN B 1 11  ? 6.435   0.281   9.831   1.00 50.68 ? 26  GLN B CA  1 
ATOM   787  C  C   . GLN B 1 11  ? 5.082   -0.096  9.235   1.00 48.91 ? 26  GLN B C   1 
ATOM   788  O  O   . GLN B 1 11  ? 4.152   -0.471  9.967   1.00 49.27 ? 26  GLN B O   1 
ATOM   789  C  CB  . GLN B 1 11  ? 7.534   0.238   8.748   1.00 51.86 ? 26  GLN B CB  1 
ATOM   790  C  CG  . GLN B 1 11  ? 8.939   -0.204  9.289   1.00 55.61 ? 26  GLN B CG  1 
ATOM   791  C  CD  . GLN B 1 11  ? 10.101  0.113   8.335   1.00 58.24 ? 26  GLN B CD  1 
ATOM   792  O  OE1 . GLN B 1 11  ? 9.910   0.351   7.141   1.00 60.57 ? 26  GLN B OE1 1 
ATOM   793  N  NE2 . GLN B 1 11  ? 11.311  0.104   8.870   1.00 59.04 ? 26  GLN B NE2 1 
ATOM   794  N  N   . ASN B 1 12  ? 4.980   -0.004  7.908   1.00 45.79 ? 27  ASN B N   1 
ATOM   795  C  CA  . ASN B 1 12  ? 3.827   -0.503  7.171   1.00 42.08 ? 27  ASN B CA  1 
ATOM   796  C  C   . ASN B 1 12  ? 4.310   -1.416  6.009   1.00 37.46 ? 27  ASN B C   1 
ATOM   797  O  O   . ASN B 1 12  ? 3.597   -1.630  5.044   1.00 36.52 ? 27  ASN B O   1 
ATOM   798  C  CB  . ASN B 1 12  ? 3.024   0.693   6.618   1.00 43.82 ? 27  ASN B CB  1 
ATOM   799  C  CG  . ASN B 1 12  ? 1.557   0.348   6.280   1.00 47.53 ? 27  ASN B CG  1 
ATOM   800  O  OD1 . ASN B 1 12  ? 1.270   -0.471  5.399   1.00 49.59 ? 27  ASN B OD1 1 
ATOM   801  N  ND2 . ASN B 1 12  ? 0.624   1.019   6.966   1.00 51.68 ? 27  ASN B ND2 1 
ATOM   802  N  N   . THR B 1 13  ? 5.528   -1.928  6.084   1.00 32.39 ? 28  THR B N   1 
ATOM   803  C  CA  . THR B 1 13  ? 5.993   -2.739  4.959   1.00 28.13 ? 28  THR B CA  1 
ATOM   804  C  C   . THR B 1 13  ? 5.470   -4.183  4.990   1.00 25.06 ? 28  THR B C   1 
ATOM   805  O  O   . THR B 1 13  ? 5.163   -4.721  3.954   1.00 23.14 ? 28  THR B O   1 
ATOM   806  C  CB  . THR B 1 13  ? 7.497   -2.552  4.634   1.00 28.98 ? 28  THR B CB  1 
ATOM   807  O  OG1 . THR B 1 13  ? 8.119   -3.803  4.197   1.00 27.95 ? 28  THR B OG1 1 
ATOM   808  C  CG2 . THR B 1 13  ? 8.182   -1.981  5.786   1.00 32.25 ? 28  THR B CG2 1 
ATOM   809  N  N   . VAL B 1 14  ? 5.399   -4.794  6.169   1.00 22.17 ? 29  VAL B N   1 
ATOM   810  C  CA  . VAL B 1 14  ? 4.840   -6.162  6.286   1.00 22.76 ? 29  VAL B CA  1 
ATOM   811  C  C   . VAL B 1 14  ? 3.484   -6.079  7.011   1.00 22.23 ? 29  VAL B C   1 
ATOM   812  O  O   . VAL B 1 14  ? 3.400   -5.474  8.059   1.00 20.55 ? 29  VAL B O   1 
ATOM   813  C  CB  . VAL B 1 14  ? 5.840   -7.152  6.926   1.00 23.66 ? 29  VAL B CB  1 
ATOM   814  C  CG1 . VAL B 1 14  ? 5.264   -8.514  6.982   1.00 24.95 ? 29  VAL B CG1 1 
ATOM   815  C  CG2 . VAL B 1 14  ? 7.097   -7.229  6.074   1.00 23.97 ? 29  VAL B CG2 1 
ATOM   816  N  N   . ILE B 1 15  ? 2.432   -6.601  6.386   1.00 19.80 ? 30  ILE B N   1 
ATOM   817  C  CA  . ILE B 1 15  ? 1.082   -6.462  6.897   1.00 19.95 ? 30  ILE B CA  1 
ATOM   818  C  C   . ILE B 1 15  ? 0.515   -7.866  7.209   1.00 20.62 ? 30  ILE B C   1 
ATOM   819  O  O   . ILE B 1 15  ? 0.497   -8.748  6.362   1.00 19.09 ? 30  ILE B O   1 
ATOM   820  C  CB  . ILE B 1 15  ? 0.142   -5.697  5.906   1.00 20.67 ? 30  ILE B CB  1 
ATOM   821  C  CG1 . ILE B 1 15  ? 0.723   -4.312  5.614   1.00 20.72 ? 30  ILE B CG1 1 
ATOM   822  C  CG2 . ILE B 1 15  ? -1.239  -5.462  6.547   1.00 20.11 ? 30  ILE B CG2 1 
ATOM   823  C  CD1 . ILE B 1 15  ? 0.441   -3.789  4.241   1.00 28.35 ? 30  ILE B CD1 1 
ATOM   824  N  N   . LEU B 1 16  ? 0.056   -8.035  8.444   1.00 20.39 ? 31  LEU B N   1 
ATOM   825  C  CA  . LEU B 1 16  ? -0.270  -9.352  8.994   1.00 21.65 ? 31  LEU B CA  1 
ATOM   826  C  C   . LEU B 1 16  ? -1.752  -9.405  9.227   1.00 20.73 ? 31  LEU B C   1 
ATOM   827  O  O   . LEU B 1 16  ? -2.327  -8.480  9.776   1.00 22.24 ? 31  LEU B O   1 
ATOM   828  C  CB  . LEU B 1 16  ? 0.481   -9.474  10.332  1.00 22.25 ? 31  LEU B CB  1 
ATOM   829  C  CG  . LEU B 1 16  ? 1.649   -10.432 10.431  1.00 25.05 ? 31  LEU B CG  1 
ATOM   830  C  CD1 . LEU B 1 16  ? 2.477   -10.629 9.193   1.00 26.61 ? 31  LEU B CD1 1 
ATOM   831  C  CD2 . LEU B 1 16  ? 2.533   -10.130 11.637  1.00 29.52 ? 31  LEU B CD2 1 
ATOM   832  N  N   . GLY B 1 17  ? -2.419  -10.448 8.808   1.00 20.81 ? 32  GLY B N   1 
ATOM   833  C  CA  . GLY B 1 17  ? -3.887  -10.443 9.061   1.00 21.35 ? 32  GLY B CA  1 
ATOM   834  C  C   . GLY B 1 17  ? -4.171  -10.756 10.540  1.00 19.96 ? 32  GLY B C   1 
ATOM   835  O  O   . GLY B 1 17  ? -3.261  -11.165 11.301  1.00 20.12 ? 32  GLY B O   1 
ATOM   836  N  N   . SER B 1 18  ? -5.421  -10.603 10.946  1.00 21.12 ? 33  SER B N   1 
ATOM   837  C  CA  . SER B 1 18  ? -5.806  -10.660 12.406  1.00 21.13 ? 33  SER B CA  1 
ATOM   838  C  C   . SER B 1 18  ? -5.640  -12.073 12.971  1.00 21.77 ? 33  SER B C   1 
ATOM   839  O  O   . SER B 1 18  ? -5.541  -12.244 14.174  1.00 20.99 ? 33  SER B O   1 
ATOM   840  C  CB  . SER B 1 18  ? -7.259  -10.166 12.628  1.00 21.61 ? 33  SER B CB  1 
ATOM   841  O  OG  . SER B 1 18  ? -8.185  -10.858 11.755  1.00 24.60 ? 33  SER B OG  1 
ATOM   842  N  N   . ASN B 1 19  ? -5.519  -13.068 12.101  1.00 20.44 ? 34  ASN B N   1 
ATOM   843  C  CA  . ASN B 1 19  ? -5.476  -14.456 12.582  1.00 21.74 ? 34  ASN B CA  1 
ATOM   844  C  C   . ASN B 1 19  ? -4.066  -15.002 12.621  1.00 21.45 ? 34  ASN B C   1 
ATOM   845  O  O   . ASN B 1 19  ? -3.844  -16.216 12.722  1.00 20.73 ? 34  ASN B O   1 
ATOM   846  C  CB  . ASN B 1 19  ? -6.369  -15.352 11.756  1.00 19.67 ? 34  ASN B CB  1 
ATOM   847  C  CG  . ASN B 1 19  ? -7.819  -15.180 12.140  1.00 23.52 ? 34  ASN B CG  1 
ATOM   848  O  OD1 . ASN B 1 19  ? -8.138  -15.089 13.344  1.00 24.79 ? 34  ASN B OD1 1 
ATOM   849  N  ND2 . ASN B 1 19  ? -8.699  -15.082 11.148  1.00 25.05 ? 34  ASN B ND2 1 
ATOM   850  N  N   . LEU B 1 20  ? -3.126  -14.097 12.499  1.00 22.17 ? 35  LEU B N   1 
ATOM   851  C  CA  . LEU B 1 20  ? -1.712  -14.446 12.659  1.00 22.87 ? 35  LEU B CA  1 
ATOM   852  C  C   . LEU B 1 20  ? -1.080  -13.765 13.865  1.00 23.42 ? 35  LEU B C   1 
ATOM   853  O  O   . LEU B 1 20  ? -1.351  -12.614 14.153  1.00 23.59 ? 35  LEU B O   1 
ATOM   854  C  CB  . LEU B 1 20  ? -0.893  -14.161 11.388  1.00 22.01 ? 35  LEU B CB  1 
ATOM   855  C  CG  . LEU B 1 20  ? -1.224  -14.972 10.105  1.00 24.61 ? 35  LEU B CG  1 
ATOM   856  C  CD1 . LEU B 1 20  ? -0.523  -14.360 8.851   1.00 24.63 ? 35  LEU B CD1 1 
ATOM   857  C  CD2 . LEU B 1 20  ? -0.959  -16.518 10.236  1.00 22.71 ? 35  LEU B CD2 1 
ATOM   858  N  N   . PRO B 1 21  ? -0.210  -14.492 14.574  1.00 24.35 ? 36  PRO B N   1 
ATOM   859  C  CA  . PRO B 1 21  ? 0.528   -13.876 15.655  1.00 24.07 ? 36  PRO B CA  1 
ATOM   860  C  C   . PRO B 1 21  ? 1.578   -12.852 15.139  1.00 24.56 ? 36  PRO B C   1 
ATOM   861  O  O   . PRO B 1 21  ? 2.161   -12.995 14.044  1.00 22.39 ? 36  PRO B O   1 
ATOM   862  C  CB  . PRO B 1 21  ? 1.211   -15.073 16.340  1.00 24.78 ? 36  PRO B CB  1 
ATOM   863  C  CG  . PRO B 1 21  ? 1.393   -16.100 15.267  1.00 25.77 ? 36  PRO B CG  1 
ATOM   864  C  CD  . PRO B 1 21  ? 0.141   -15.914 14.384  1.00 24.16 ? 36  PRO B CD  1 
ATOM   865  N  N   . LYS B 1 22  ? 1.787   -11.836 15.950  1.00 24.10 ? 37  LYS B N   1 
ATOM   866  C  CA  . LYS B 1 22  ? 2.665   -10.747 15.605  1.00 25.75 ? 37  LYS B CA  1 
ATOM   867  C  C   . LYS B 1 22  ? 4.087   -11.234 15.484  1.00 24.54 ? 37  LYS B C   1 
ATOM   868  O  O   . LYS B 1 22  ? 4.830   -10.684 14.694  1.00 24.74 ? 37  LYS B O   1 
ATOM   869  C  CB  . LYS B 1 22  ? 2.536   -9.640  16.663  1.00 27.09 ? 37  LYS B CB  1 
ATOM   870  C  CG  . LYS B 1 22  ? 1.129   -9.027  16.793  1.00 29.60 ? 37  LYS B CG  1 
ATOM   871  C  CD  . LYS B 1 22  ? -0.022  -10.125 16.791  1.00 33.42 ? 37  LYS B CD  1 
ATOM   872  C  CE  . LYS B 1 22  ? -0.425  -10.701 18.189  1.00 28.50 ? 37  LYS B CE  1 
ATOM   873  N  NZ  . LYS B 1 22  ? 0.099   -11.959 18.716  1.00 26.30 ? 37  LYS B NZ  1 
ATOM   874  N  N   . SER B 1 23  ? 4.429   -12.348 16.156  1.00 21.76 ? 38  SER B N   1 
ATOM   875  C  CA  . SER B 1 23  ? 5.752   -12.972 16.072  1.00 21.84 ? 38  SER B CA  1 
ATOM   876  C  C   . SER B 1 23  ? 6.075   -13.674 14.734  1.00 21.76 ? 38  SER B C   1 
ATOM   877  O  O   . SER B 1 23  ? 7.168   -14.193 14.534  1.00 20.78 ? 38  SER B O   1 
ATOM   878  C  CB  . SER B 1 23  ? 5.862   -14.010 17.191  1.00 22.59 ? 38  SER B CB  1 
ATOM   879  O  OG  . SER B 1 23  ? 4.850   -14.974 16.989  1.00 25.65 ? 38  SER B OG  1 
ATOM   880  N  N   . LEU B 1 24  ? 5.096   -13.778 13.836  1.00 21.14 ? 39  LEU B N   1 
ATOM   881  C  CA  . LEU B 1 24  ? 5.276   -14.527 12.593  1.00 21.03 ? 39  LEU B CA  1 
ATOM   882  C  C   . LEU B 1 24  ? 6.477   -14.027 11.815  1.00 20.36 ? 39  LEU B C   1 
ATOM   883  O  O   . LEU B 1 24  ? 7.235   -14.814 11.282  1.00 19.47 ? 39  LEU B O   1 
ATOM   884  C  CB  . LEU B 1 24  ? 4.045   -14.377 11.714  1.00 21.89 ? 39  LEU B CB  1 
ATOM   885  C  CG  . LEU B 1 24  ? 3.732   -15.490 10.709  1.00 25.31 ? 39  LEU B CG  1 
ATOM   886  C  CD1 . LEU B 1 24  ? 3.947   -15.146 9.328   1.00 29.61 ? 39  LEU B CD1 1 
ATOM   887  C  CD2 . LEU B 1 24  ? 4.241   -16.911 11.032  1.00 31.82 ? 39  LEU B CD2 1 
ATOM   888  N  N   . VAL B 1 25  ? 6.669   -12.707 11.820  1.00 20.47 ? 40  VAL B N   1 
ATOM   889  C  CA  . VAL B 1 25  ? 7.786   -12.114 11.099  1.00 22.71 ? 40  VAL B CA  1 
ATOM   890  C  C   . VAL B 1 25  ? 8.857   -11.810 12.105  1.00 23.02 ? 40  VAL B C   1 
ATOM   891  O  O   . VAL B 1 25  ? 8.624   -10.997 12.996  1.00 25.23 ? 40  VAL B O   1 
ATOM   892  C  CB  . VAL B 1 25  ? 7.346   -10.835 10.453  1.00 22.94 ? 40  VAL B CB  1 
ATOM   893  C  CG1 . VAL B 1 25  ? 8.570   -10.079 9.909   1.00 24.81 ? 40  VAL B CG1 1 
ATOM   894  C  CG2 . VAL B 1 25  ? 6.350   -11.187 9.316   1.00 27.24 ? 40  VAL B CG2 1 
ATOM   895  N  N   . LYS B 1 26  ? 10.007  -12.452 11.960  1.00 23.00 ? 41  LYS B N   1 
ATOM   896  C  CA  . LYS B 1 26  ? 11.150  -12.226 12.856  1.00 25.71 ? 41  LYS B CA  1 
ATOM   897  C  C   . LYS B 1 26  ? 11.842  -10.919 12.431  1.00 26.30 ? 41  LYS B C   1 
ATOM   898  O  O   . LYS B 1 26  ? 12.065  -10.039 13.250  1.00 26.03 ? 41  LYS B O   1 
ATOM   899  C  CB  . LYS B 1 26  ? 12.140  -13.412 12.850  1.00 25.03 ? 41  LYS B CB  1 
ATOM   900  C  CG  . LYS B 1 26  ? 13.402  -13.231 13.748  1.00 26.38 ? 41  LYS B CG  1 
ATOM   901  C  CD  . LYS B 1 26  ? 14.319  -14.452 13.603  1.00 29.37 ? 41  LYS B CD  1 
ATOM   902  C  CE  . LYS B 1 26  ? 15.517  -14.395 14.609  1.00 33.53 ? 41  LYS B CE  1 
ATOM   903  N  NZ  . LYS B 1 26  ? 16.631  -15.232 14.031  1.00 39.91 ? 41  LYS B NZ  1 
ATOM   904  N  N   . GLN B 1 27  ? 12.141  -10.800 11.139  1.00 25.88 ? 42  GLN B N   1 
ATOM   905  C  CA  . GLN B 1 27  ? 12.807  -9.603  10.652  1.00 26.29 ? 42  GLN B CA  1 
ATOM   906  C  C   . GLN B 1 27  ? 12.755  -9.682  9.149   1.00 26.58 ? 42  GLN B C   1 
ATOM   907  O  O   . GLN B 1 27  ? 12.522  -10.761 8.570   1.00 25.51 ? 42  GLN B O   1 
ATOM   908  C  CB  . GLN B 1 27  ? 14.290  -9.591  11.092  1.00 26.56 ? 42  GLN B CB  1 
ATOM   909  C  CG  . GLN B 1 27  ? 15.082  -10.691 10.464  1.00 28.52 ? 42  GLN B CG  1 
ATOM   910  C  CD  . GLN B 1 27  ? 16.441  -10.886 11.075  1.00 36.21 ? 42  GLN B CD  1 
ATOM   911  O  OE1 . GLN B 1 27  ? 16.554  -11.092 12.279  1.00 40.85 ? 42  GLN B OE1 1 
ATOM   912  N  NE2 . GLN B 1 27  ? 17.493  -10.857 10.242  1.00 32.48 ? 42  GLN B NE2 1 
ATOM   913  N  N   . PHE B 1 28  ? 13.024  -8.530  8.539   1.00 27.28 ? 43  PHE B N   1 
ATOM   914  C  CA  . PHE B 1 28  ? 13.131  -8.430  7.102   1.00 27.15 ? 43  PHE B CA  1 
ATOM   915  C  C   . PHE B 1 28  ? 14.227  -7.422  6.771   1.00 27.79 ? 43  PHE B C   1 
ATOM   916  O  O   . PHE B 1 28  ? 14.524  -6.482  7.558   1.00 26.86 ? 43  PHE B O   1 
ATOM   917  C  CB  . PHE B 1 28  ? 11.791  -8.021  6.483   1.00 27.03 ? 43  PHE B CB  1 
ATOM   918  C  CG  . PHE B 1 28  ? 11.270  -6.655  6.895   1.00 29.27 ? 43  PHE B CG  1 
ATOM   919  C  CD1 . PHE B 1 28  ? 11.598  -5.512  6.150   1.00 33.28 ? 43  PHE B CD1 1 
ATOM   920  C  CD2 . PHE B 1 28  ? 10.386  -6.522  7.972   1.00 33.59 ? 43  PHE B CD2 1 
ATOM   921  C  CE1 . PHE B 1 28  ? 11.108  -4.268  6.503   1.00 33.48 ? 43  PHE B CE1 1 
ATOM   922  C  CE2 . PHE B 1 28  ? 9.856   -5.247  8.348   1.00 33.46 ? 43  PHE B CE2 1 
ATOM   923  C  CZ  . PHE B 1 28  ? 10.228  -4.128  7.602   1.00 33.18 ? 43  PHE B CZ  1 
ATOM   924  N  N   . GLN B 1 29  ? 14.813  -7.606  5.593   1.00 27.41 ? 44  GLN B N   1 
ATOM   925  C  CA  . GLN B 1 29  ? 15.703  -6.556  5.053   1.00 28.12 ? 44  GLN B CA  1 
ATOM   926  C  C   . GLN B 1 29  ? 15.618  -6.559  3.518   1.00 26.46 ? 44  GLN B C   1 
ATOM   927  O  O   . GLN B 1 29  ? 15.054  -7.490  2.908   1.00 25.16 ? 44  GLN B O   1 
ATOM   928  C  CB  . GLN B 1 29  ? 17.132  -6.824  5.496   1.00 28.33 ? 44  GLN B CB  1 
ATOM   929  C  CG  . GLN B 1 29  ? 17.716  -8.074  4.936   1.00 35.39 ? 44  GLN B CG  1 
ATOM   930  C  CD  . GLN B 1 29  ? 18.772  -8.676  5.870   1.00 45.11 ? 44  GLN B CD  1 
ATOM   931  O  OE1 . GLN B 1 29  ? 18.528  -8.834  7.081   1.00 49.92 ? 44  GLN B OE1 1 
ATOM   932  N  NE2 . GLN B 1 29  ? 19.941  -9.033  5.313   1.00 45.94 ? 44  GLN B NE2 1 
ATOM   933  N  N   . LYS B 1 30  ? 16.201  -5.531  2.908   1.00 23.57 ? 45  LYS B N   1 
ATOM   934  C  CA  . LYS B 1 30  ? 16.122  -5.391  1.475   1.00 21.55 ? 45  LYS B CA  1 
ATOM   935  C  C   . LYS B 1 30  ? 17.410  -4.691  0.959   1.00 21.53 ? 45  LYS B C   1 
ATOM   936  O  O   . LYS B 1 30  ? 18.112  -4.042  1.749   1.00 19.97 ? 45  LYS B O   1 
ATOM   937  C  CB  . LYS B 1 30  ? 14.879  -4.574  1.126   1.00 21.35 ? 45  LYS B CB  1 
ATOM   938  C  CG  . LYS B 1 30  ? 14.929  -3.140  1.586   1.00 24.22 ? 45  LYS B CG  1 
ATOM   939  C  CD  . LYS B 1 30  ? 13.845  -2.364  0.858   1.00 27.86 ? 45  LYS B CD  1 
ATOM   940  C  CE  . LYS B 1 30  ? 14.010  -0.877  0.933   1.00 34.59 ? 45  LYS B CE  1 
ATOM   941  N  NZ  . LYS B 1 30  ? 13.492  -0.416  2.242   1.00 33.51 ? 45  LYS B NZ  1 
ATOM   942  N  N   . ARG B 1 31  ? 17.702  -4.844  -0.326  1.00 19.69 ? 46  ARG B N   1 
ATOM   943  C  CA  . ARG B 1 31  ? 18.815  -4.109  -0.912  1.00 20.63 ? 46  ARG B CA  1 
ATOM   944  C  C   . ARG B 1 31  ? 18.694  -4.073  -2.409  1.00 19.67 ? 46  ARG B C   1 
ATOM   945  O  O   . ARG B 1 31  ? 17.978  -4.893  -3.022  1.00 18.75 ? 46  ARG B O   1 
ATOM   946  C  CB  . ARG B 1 31  ? 20.138  -4.788  -0.519  1.00 20.99 ? 46  ARG B CB  1 
ATOM   947  C  CG  . ARG B 1 31  ? 20.310  -6.197  -1.065  1.00 24.67 ? 46  ARG B CG  1 
ATOM   948  C  CD  . ARG B 1 31  ? 21.356  -6.961  -0.263  1.00 34.55 ? 46  ARG B CD  1 
ATOM   949  N  NE  . ARG B 1 31  ? 21.465  -8.326  -0.731  1.00 38.56 ? 46  ARG B NE  1 
ATOM   950  C  CZ  . ARG B 1 31  ? 22.088  -8.671  -1.865  1.00 42.90 ? 46  ARG B CZ  1 
ATOM   951  N  NH1 . ARG B 1 31  ? 22.669  -7.763  -2.650  1.00 41.64 ? 46  ARG B NH1 1 
ATOM   952  N  NH2 . ARG B 1 31  ? 22.130  -9.941  -2.228  1.00 45.48 ? 46  ARG B NH2 1 
ATOM   953  N  N   . ILE B 1 32  ? 19.453  -3.182  -3.039  1.00 19.00 ? 47  ILE B N   1 
ATOM   954  C  CA  . ILE B 1 32  ? 19.489  -3.220  -4.506  1.00 18.93 ? 47  ILE B CA  1 
ATOM   955  C  C   . ILE B 1 32  ? 20.703  -4.085  -4.805  1.00 19.45 ? 47  ILE B C   1 
ATOM   956  O  O   . ILE B 1 32  ? 21.781  -3.809  -4.295  1.00 18.88 ? 47  ILE B O   1 
ATOM   957  C  CB  . ILE B 1 32  ? 19.684  -1.793  -5.098  1.00 20.14 ? 47  ILE B CB  1 
ATOM   958  C  CG1 . ILE B 1 32  ? 18.540  -0.869  -4.592  1.00 19.62 ? 47  ILE B CG1 1 
ATOM   959  C  CG2 . ILE B 1 32  ? 19.801  -1.908  -6.648  1.00 18.17 ? 47  ILE B CG2 1 
ATOM   960  C  CD1 . ILE B 1 32  ? 17.213  -1.100  -5.191  1.00 20.56 ? 47  ILE B CD1 1 
ATOM   961  N  N   . ASN B 1 33  ? 20.547  -5.114  -5.634  1.00 18.26 ? 48  ASN B N   1 
ATOM   962  C  CA  . ASN B 1 33  ? 21.671  -5.962  -5.900  1.00 18.19 ? 48  ASN B CA  1 
ATOM   963  C  C   . ASN B 1 33  ? 22.583  -5.318  -6.991  1.00 18.70 ? 48  ASN B C   1 
ATOM   964  O  O   . ASN B 1 33  ? 22.295  -4.241  -7.539  1.00 17.43 ? 48  ASN B O   1 
ATOM   965  C  CB  . ASN B 1 33  ? 21.213  -7.384  -6.262  1.00 15.73 ? 48  ASN B CB  1 
ATOM   966  C  CG  . ASN B 1 33  ? 20.484  -7.480  -7.621  1.00 15.17 ? 48  ASN B CG  1 
ATOM   967  O  OD1 . ASN B 1 33  ? 20.643  -6.646  -8.548  1.00 15.51 ? 48  ASN B OD1 1 
ATOM   968  N  ND2 . ASN B 1 33  ? 19.757  -8.603  -7.793  1.00 11.54 ? 48  ASN B ND2 1 
ATOM   969  N  N   . SER B 1 34  ? 23.634  -6.006  -7.334  1.00 17.81 ? 49  SER B N   1 
ATOM   970  C  CA  . SER B 1 34  ? 24.667  -5.372  -8.179  1.00 18.80 ? 49  SER B CA  1 
ATOM   971  C  C   . SER B 1 34  ? 24.181  -5.328  -9.614  1.00 18.10 ? 49  SER B C   1 
ATOM   972  O  O   . SER B 1 34  ? 24.747  -4.635  -10.437 1.00 18.82 ? 49  SER B O   1 
ATOM   973  C  CB  . SER B 1 34  ? 26.005  -6.158  -7.969  1.00 18.08 ? 49  SER B CB  1 
ATOM   974  O  OG  . SER B 1 34  ? 25.862  -7.498  -8.449  1.00 18.22 ? 49  SER B OG  1 
ATOM   975  N  N   . ASN B 1 35  ? 23.106  -6.054  -9.953  1.00 18.18 ? 50  ASN B N   1 
ATOM   976  C  CA  . ASN B 1 35  ? 22.454  -5.836  -11.282 1.00 16.84 ? 50  ASN B CA  1 
ATOM   977  C  C   . ASN B 1 35  ? 21.435  -4.673  -11.328 1.00 18.93 ? 50  ASN B C   1 
ATOM   978  O  O   . ASN B 1 35  ? 20.887  -4.366  -12.396 1.00 18.98 ? 50  ASN B O   1 
ATOM   979  C  CB  . ASN B 1 35  ? 21.830  -7.091  -11.851 1.00 15.79 ? 50  ASN B CB  1 
ATOM   980  C  CG  . ASN B 1 35  ? 22.852  -8.129  -12.184 1.00 18.37 ? 50  ASN B CG  1 
ATOM   981  O  OD1 . ASN B 1 35  ? 24.008  -7.795  -12.464 1.00 19.22 ? 50  ASN B OD1 1 
ATOM   982  N  ND2 . ASN B 1 35  ? 22.453  -9.385  -12.170 1.00 13.59 ? 50  ASN B ND2 1 
ATOM   983  N  N   . GLY B 1 36  ? 21.198  -4.033  -10.203 1.00 16.79 ? 51  GLY B N   1 
ATOM   984  C  CA  . GLY B 1 36  ? 20.250  -2.910  -10.153 1.00 18.99 ? 51  GLY B CA  1 
ATOM   985  C  C   . GLY B 1 36  ? 18.854  -3.286  -9.670  1.00 19.18 ? 51  GLY B C   1 
ATOM   986  O  O   . GLY B 1 36  ? 17.954  -2.441  -9.720  1.00 19.25 ? 51  GLY B O   1 
ATOM   987  N  N   . TYR B 1 37  ? 18.641  -4.540  -9.254  1.00 18.28 ? 52  TYR B N   1 
ATOM   988  C  CA  . TYR B 1 37  ? 17.286  -5.037  -8.891  1.00 17.52 ? 52  TYR B CA  1 
ATOM   989  C  C   . TYR B 1 37  ? 17.060  -5.112  -7.397  1.00 18.40 ? 52  TYR B C   1 
ATOM   990  O  O   . TYR B 1 37  ? 17.986  -5.473  -6.629  1.00 17.56 ? 52  TYR B O   1 
ATOM   991  C  CB  . TYR B 1 37  ? 16.958  -6.373  -9.533  1.00 15.85 ? 52  TYR B CB  1 
ATOM   992  C  CG  . TYR B 1 37  ? 16.845  -6.293  -11.034 1.00 21.78 ? 52  TYR B CG  1 
ATOM   993  C  CD1 . TYR B 1 37  ? 17.972  -6.497  -11.852 1.00 20.27 ? 52  TYR B CD1 1 
ATOM   994  C  CD2 . TYR B 1 37  ? 15.626  -5.987  -11.646 1.00 22.06 ? 52  TYR B CD2 1 
ATOM   995  C  CE1 . TYR B 1 37  ? 17.893  -6.441  -13.240 1.00 22.95 ? 52  TYR B CE1 1 
ATOM   996  C  CE2 . TYR B 1 37  ? 15.526  -5.893  -13.050 1.00 26.46 ? 52  TYR B CE2 1 
ATOM   997  C  CZ  . TYR B 1 37  ? 16.691  -6.135  -13.845 1.00 25.79 ? 52  TYR B CZ  1 
ATOM   998  O  OH  . TYR B 1 37  ? 16.654  -6.026  -15.193 1.00 26.54 ? 52  TYR B OH  1 
ATOM   999  N  N   . LEU B 1 38  ? 15.830  -4.794  -6.941  1.00 16.42 ? 53  LEU B N   1 
ATOM   1000 C  CA  . LEU B 1 38  ? 15.583  -4.852  -5.508  1.00 16.83 ? 53  LEU B CA  1 
ATOM   1001 C  C   . LEU B 1 38  ? 15.415  -6.298  -5.070  1.00 17.07 ? 53  LEU B C   1 
ATOM   1002 O  O   . LEU B 1 38  ? 14.774  -7.070  -5.749  1.00 16.76 ? 53  LEU B O   1 
ATOM   1003 C  CB  . LEU B 1 38  ? 14.277  -4.172  -5.188  1.00 17.74 ? 53  LEU B CB  1 
ATOM   1004 C  CG  . LEU B 1 38  ? 13.692  -4.190  -3.756  1.00 18.04 ? 53  LEU B CG  1 
ATOM   1005 C  CD1 . LEU B 1 38  ? 14.613  -3.560  -2.816  1.00 17.97 ? 53  LEU B CD1 1 
ATOM   1006 C  CD2 . LEU B 1 38  ? 12.329  -3.492  -3.712  1.00 18.36 ? 53  LEU B CD2 1 
ATOM   1007 N  N   . GLU B 1 39  ? 15.937  -6.668  -3.914  1.00 16.98 ? 54  GLU B N   1 
ATOM   1008 C  CA  . GLU B 1 39  ? 15.612  -8.012  -3.381  1.00 18.58 ? 54  GLU B CA  1 
ATOM   1009 C  C   . GLU B 1 39  ? 15.333  -7.854  -1.925  1.00 18.52 ? 54  GLU B C   1 
ATOM   1010 O  O   . GLU B 1 39  ? 15.862  -6.935  -1.296  1.00 17.97 ? 54  GLU B O   1 
ATOM   1011 C  CB  . GLU B 1 39  ? 16.692  -9.104  -3.660  1.00 20.68 ? 54  GLU B CB  1 
ATOM   1012 C  CG  . GLU B 1 39  ? 18.142  -8.655  -3.634  1.00 27.41 ? 54  GLU B CG  1 
ATOM   1013 C  CD  . GLU B 1 39  ? 19.241  -9.782  -4.046  1.00 38.13 ? 54  GLU B CD  1 
ATOM   1014 O  OE1 . GLU B 1 39  ? 19.508  -10.082 -5.276  1.00 37.94 ? 54  GLU B OE1 1 
ATOM   1015 O  OE2 . GLU B 1 39  ? 19.876  -10.323 -3.092  1.00 43.10 ? 54  GLU B OE2 1 
ATOM   1016 N  N   . PHE B 1 40  ? 14.477  -8.724  -1.379  1.00 17.53 ? 55  PHE B N   1 
ATOM   1017 C  CA  . PHE B 1 40  ? 14.179  -8.646  0.019   1.00 18.08 ? 55  PHE B CA  1 
ATOM   1018 C  C   . PHE B 1 40  ? 14.181  -10.026 0.629   1.00 19.74 ? 55  PHE B C   1 
ATOM   1019 O  O   . PHE B 1 40  ? 13.965  -11.008 -0.044  1.00 20.55 ? 55  PHE B O   1 
ATOM   1020 C  CB  . PHE B 1 40  ? 12.914  -7.837  0.321   1.00 18.59 ? 55  PHE B CB  1 
ATOM   1021 C  CG  . PHE B 1 40  ? 11.605  -8.462  -0.101  1.00 18.47 ? 55  PHE B CG  1 
ATOM   1022 C  CD1 . PHE B 1 40  ? 11.001  -9.485  0.665   1.00 20.72 ? 55  PHE B CD1 1 
ATOM   1023 C  CD2 . PHE B 1 40  ? 10.938  -7.984  -1.226  1.00 18.65 ? 55  PHE B CD2 1 
ATOM   1024 C  CE1 . PHE B 1 40  ? 9.774   -10.026 0.337   1.00 16.91 ? 55  PHE B CE1 1 
ATOM   1025 C  CE2 . PHE B 1 40  ? 9.692   -8.495  -1.598  1.00 22.34 ? 55  PHE B CE2 1 
ATOM   1026 C  CZ  . PHE B 1 40  ? 9.094   -9.553  -0.803  1.00 21.12 ? 55  PHE B CZ  1 
ATOM   1027 N  N   . GLU B 1 41  ? 14.402  -10.072 1.931   1.00 22.88 ? 56  GLU B N   1 
ATOM   1028 C  CA  . GLU B 1 41  ? 14.365  -11.308 2.683   1.00 24.89 ? 56  GLU B CA  1 
ATOM   1029 C  C   . GLU B 1 41  ? 13.523  -11.083 3.887   1.00 24.38 ? 56  GLU B C   1 
ATOM   1030 O  O   . GLU B 1 41  ? 13.718  -10.086 4.597   1.00 24.43 ? 56  GLU B O   1 
ATOM   1031 C  CB  . GLU B 1 41  ? 15.736  -11.721 3.147   1.00 26.40 ? 56  GLU B CB  1 
ATOM   1032 C  CG  . GLU B 1 41  ? 16.441  -12.576 2.077   1.00 32.88 ? 56  GLU B CG  1 
ATOM   1033 C  CD  . GLU B 1 41  ? 17.834  -13.042 2.561   1.00 42.97 ? 56  GLU B CD  1 
ATOM   1034 O  OE1 . GLU B 1 41  ? 18.538  -13.738 1.768   1.00 47.35 ? 56  GLU B OE1 1 
ATOM   1035 O  OE2 . GLU B 1 41  ? 18.209  -12.694 3.725   1.00 44.00 ? 56  GLU B OE2 1 
ATOM   1036 N  N   . VAL B 1 42  ? 12.592  -12.013 4.113   1.00 24.17 ? 57  VAL B N   1 
ATOM   1037 C  CA  . VAL B 1 42  ? 11.787  -11.983 5.334   1.00 22.99 ? 57  VAL B CA  1 
ATOM   1038 C  C   . VAL B 1 42  ? 11.944  -13.348 6.041   1.00 22.99 ? 57  VAL B C   1 
ATOM   1039 O  O   . VAL B 1 42  ? 11.824  -14.386 5.397   1.00 22.02 ? 57  VAL B O   1 
ATOM   1040 C  CB  . VAL B 1 42  ? 10.263  -11.694 5.048   1.00 24.36 ? 57  VAL B CB  1 
ATOM   1041 C  CG1 . VAL B 1 42  ? 9.454   -11.679 6.442   1.00 21.51 ? 57  VAL B CG1 1 
ATOM   1042 C  CG2 . VAL B 1 42  ? 10.053  -10.374 4.292   1.00 23.44 ? 57  VAL B CG2 1 
ATOM   1043 N  N   . ILE B 1 43  ? 12.266  -13.305 7.330   1.00 22.28 ? 58  ILE B N   1 
ATOM   1044 C  CA  . ILE B 1 43  ? 12.384  -14.471 8.157   1.00 24.30 ? 58  ILE B CA  1 
ATOM   1045 C  C   . ILE B 1 43  ? 11.049  -14.692 8.875   1.00 22.76 ? 58  ILE B C   1 
ATOM   1046 O  O   . ILE B 1 43  ? 10.588  -13.826 9.634   1.00 21.38 ? 58  ILE B O   1 
ATOM   1047 C  CB  . ILE B 1 43  ? 13.516  -14.345 9.190   1.00 24.93 ? 58  ILE B CB  1 
ATOM   1048 C  CG1 . ILE B 1 43  ? 14.827  -14.069 8.475   1.00 26.64 ? 58  ILE B CG1 1 
ATOM   1049 C  CG2 . ILE B 1 43  ? 13.632  -15.708 9.935   1.00 25.34 ? 58  ILE B CG2 1 
ATOM   1050 C  CD1 . ILE B 1 43  ? 16.028  -13.821 9.443   1.00 31.13 ? 58  ILE B CD1 1 
ATOM   1051 N  N   . LEU B 1 44  ? 10.419  -15.833 8.566   1.00 23.18 ? 59  LEU B N   1 
ATOM   1052 C  CA  . LEU B 1 44  ? 9.139   -16.216 9.182   1.00 23.29 ? 59  LEU B CA  1 
ATOM   1053 C  C   . LEU B 1 44  ? 9.348   -17.381 10.143  1.00 23.68 ? 59  LEU B C   1 
ATOM   1054 O  O   . LEU B 1 44  ? 10.231  -18.242 9.916   1.00 23.79 ? 59  LEU B O   1 
ATOM   1055 C  CB  . LEU B 1 44  ? 8.081   -16.571 8.157   1.00 22.15 ? 59  LEU B CB  1 
ATOM   1056 C  CG  . LEU B 1 44  ? 7.931   -15.501 7.075   1.00 24.68 ? 59  LEU B CG  1 
ATOM   1057 C  CD1 . LEU B 1 44  ? 7.136   -16.058 5.927   1.00 27.24 ? 59  LEU B CD1 1 
ATOM   1058 C  CD2 . LEU B 1 44  ? 7.285   -14.273 7.587   1.00 22.96 ? 59  LEU B CD2 1 
ATOM   1059 N  N   . ARG B 1 45  ? 8.561   -17.382 11.212  1.00 23.76 ? 60  ARG B N   1 
ATOM   1060 C  CA  . ARG B 1 45  ? 8.677   -18.459 12.224  1.00 25.75 ? 60  ARG B CA  1 
ATOM   1061 C  C   . ARG B 1 45  ? 7.369   -18.713 12.949  1.00 24.87 ? 60  ARG B C   1 
ATOM   1062 O  O   . ARG B 1 45  ? 6.632   -17.794 13.214  1.00 24.66 ? 60  ARG B O   1 
ATOM   1063 C  CB  . ARG B 1 45  ? 9.788   -18.132 13.242  1.00 25.64 ? 60  ARG B CB  1 
ATOM   1064 C  CG  . ARG B 1 45  ? 9.370   -17.104 14.228  1.00 29.89 ? 60  ARG B CG  1 
ATOM   1065 C  CD  . ARG B 1 45  ? 10.314  -16.004 14.283  1.00 32.01 ? 60  ARG B CD  1 
ATOM   1066 N  NE  . ARG B 1 45  ? 9.798   -14.805 14.967  1.00 28.35 ? 60  ARG B NE  1 
ATOM   1067 C  CZ  . ARG B 1 45  ? 10.431  -14.223 15.973  1.00 25.19 ? 60  ARG B CZ  1 
ATOM   1068 N  NH1 . ARG B 1 45  ? 11.604  -14.716 16.370  1.00 25.69 ? 60  ARG B NH1 1 
ATOM   1069 N  NH2 . ARG B 1 45  ? 9.942   -13.132 16.556  1.00 27.15 ? 60  ARG B NH2 1 
ATOM   1070 N  N   . SER B 1 46  ? 7.117   -19.959 13.335  1.00 26.41 ? 61  SER B N   1 
ATOM   1071 C  CA  . SER B 1 46  ? 5.870   -20.261 14.017  1.00 27.02 ? 61  SER B CA  1 
ATOM   1072 C  C   . SER B 1 46  ? 6.115   -21.427 14.972  1.00 27.92 ? 61  SER B C   1 
ATOM   1073 O  O   . SER B 1 46  ? 6.718   -22.446 14.577  1.00 27.99 ? 61  SER B O   1 
ATOM   1074 C  CB  . SER B 1 46  ? 4.833   -20.681 12.986  1.00 26.09 ? 61  SER B CB  1 
ATOM   1075 O  OG  . SER B 1 46  ? 3.541   -20.843 13.580  1.00 28.82 ? 61  SER B OG  1 
ATOM   1076 N  N   . THR B 1 47  ? 5.618   -21.332 16.196  1.00 29.32 ? 62  THR B N   1 
ATOM   1077 C  CA  . THR B 1 47  ? 5.725   -22.525 17.067  1.00 30.98 ? 62  THR B CA  1 
ATOM   1078 C  C   . THR B 1 47  ? 4.925   -23.718 16.497  1.00 30.89 ? 62  THR B C   1 
ATOM   1079 O  O   . THR B 1 47  ? 5.446   -24.819 16.407  1.00 31.11 ? 62  THR B O   1 
ATOM   1080 C  CB  . THR B 1 47  ? 5.525   -22.207 18.558  1.00 31.83 ? 62  THR B CB  1 
ATOM   1081 O  OG1 . THR B 1 47  ? 4.154   -21.935 18.829  1.00 36.73 ? 62  THR B OG1 1 
ATOM   1082 C  CG2 . THR B 1 47  ? 6.295   -20.970 18.948  1.00 31.63 ? 62  THR B CG2 1 
ATOM   1083 N  N   . PHE B 1 48  ? 3.726   -23.477 15.965  1.00 29.22 ? 63  PHE B N   1 
ATOM   1084 C  CA  . PHE B 1 48  ? 2.943   -24.535 15.329  1.00 29.48 ? 63  PHE B CA  1 
ATOM   1085 C  C   . PHE B 1 48  ? 3.072   -24.436 13.824  1.00 29.33 ? 63  PHE B C   1 
ATOM   1086 O  O   . PHE B 1 48  ? 3.122   -23.330 13.305  1.00 28.13 ? 63  PHE B O   1 
ATOM   1087 C  CB  . PHE B 1 48  ? 1.451   -24.368 15.702  1.00 29.41 ? 63  PHE B CB  1 
ATOM   1088 C  CG  . PHE B 1 48  ? 1.191   -24.299 17.199  1.00 29.58 ? 63  PHE B CG  1 
ATOM   1089 C  CD1 . PHE B 1 48  ? 1.826   -25.188 18.059  1.00 30.65 ? 63  PHE B CD1 1 
ATOM   1090 C  CD2 . PHE B 1 48  ? 0.293   -23.361 17.738  1.00 30.13 ? 63  PHE B CD2 1 
ATOM   1091 C  CE1 . PHE B 1 48  ? 1.591   -25.157 19.448  1.00 31.06 ? 63  PHE B CE1 1 
ATOM   1092 C  CE2 . PHE B 1 48  ? 0.025   -23.329 19.114  1.00 31.90 ? 63  PHE B CE2 1 
ATOM   1093 C  CZ  . PHE B 1 48  ? 0.676   -24.240 19.982  1.00 31.48 ? 63  PHE B CZ  1 
ATOM   1094 N  N   . ALA B 1 49  ? 3.076   -25.567 13.117  1.00 28.37 ? 64  ALA B N   1 
ATOM   1095 C  CA  . ALA B 1 49  ? 3.016   -25.546 11.653  1.00 29.48 ? 64  ALA B CA  1 
ATOM   1096 C  C   . ALA B 1 49  ? 1.812   -24.721 11.206  1.00 29.88 ? 64  ALA B C   1 
ATOM   1097 O  O   . ALA B 1 49  ? 0.715   -24.824 11.794  1.00 29.19 ? 64  ALA B O   1 
ATOM   1098 C  CB  . ALA B 1 49  ? 2.974   -26.979 11.031  1.00 31.21 ? 64  ALA B CB  1 
ATOM   1099 N  N   . LYS B 1 50  ? 2.020   -23.866 10.200  1.00 29.27 ? 65  LYS B N   1 
ATOM   1100 C  CA  . LYS B 1 50  ? 0.998   -22.897 9.768   1.00 30.04 ? 65  LYS B CA  1 
ATOM   1101 C  C   . LYS B 1 50  ? 1.081   -22.689 8.278   1.00 29.57 ? 65  LYS B C   1 
ATOM   1102 O  O   . LYS B 1 50  ? 2.188   -22.564 7.720   1.00 30.09 ? 65  LYS B O   1 
ATOM   1103 C  CB  . LYS B 1 50  ? 1.242   -21.534 10.422  1.00 30.73 ? 65  LYS B CB  1 
ATOM   1104 C  CG  . LYS B 1 50  ? 0.169   -20.517 10.113  1.00 36.02 ? 65  LYS B CG  1 
ATOM   1105 C  CD  . LYS B 1 50  ? -1.191  -20.880 10.795  1.00 41.39 ? 65  LYS B CD  1 
ATOM   1106 C  CE  . LYS B 1 50  ? -1.339  -20.230 12.202  1.00 47.14 ? 65  LYS B CE  1 
ATOM   1107 N  NZ  . LYS B 1 50  ? -0.089  -20.232 13.100  1.00 46.58 ? 65  LYS B NZ  1 
ATOM   1108 N  N   . ASP B 1 51  ? -0.089  -22.683 7.651   1.00 28.70 ? 66  ASP B N   1 
ATOM   1109 C  CA  . ASP B 1 51  ? -0.214  -22.467 6.244   1.00 29.52 ? 66  ASP B CA  1 
ATOM   1110 C  C   . ASP B 1 51  ? -0.626  -21.026 6.072   1.00 27.17 ? 66  ASP B C   1 
ATOM   1111 O  O   . ASP B 1 51  ? -1.664  -20.582 6.605   1.00 27.76 ? 66  ASP B O   1 
ATOM   1112 C  CB  . ASP B 1 51  ? -1.299  -23.354 5.648   1.00 30.57 ? 66  ASP B CB  1 
ATOM   1113 C  CG  . ASP B 1 51  ? -0.750  -24.640 5.077   1.00 36.32 ? 66  ASP B CG  1 
ATOM   1114 O  OD1 . ASP B 1 51  ? 0.423   -24.665 4.621   1.00 40.65 ? 66  ASP B OD1 1 
ATOM   1115 O  OD2 . ASP B 1 51  ? -1.508  -25.637 5.060   1.00 43.61 ? 66  ASP B OD2 1 
ATOM   1116 N  N   . VAL B 1 52  ? 0.198   -20.290 5.346   1.00 25.08 ? 67  VAL B N   1 
ATOM   1117 C  CA  . VAL B 1 52  ? -0.125  -18.869 5.043   1.00 22.99 ? 67  VAL B CA  1 
ATOM   1118 C  C   . VAL B 1 52  ? -0.197  -18.557 3.546   1.00 21.91 ? 67  VAL B C   1 
ATOM   1119 O  O   . VAL B 1 52  ? 0.247   -19.342 2.719   1.00 20.22 ? 67  VAL B O   1 
ATOM   1120 C  CB  . VAL B 1 52  ? 0.821   -17.875 5.773   1.00 21.73 ? 67  VAL B CB  1 
ATOM   1121 C  CG1 . VAL B 1 52  ? 0.881   -18.184 7.294   1.00 20.57 ? 67  VAL B CG1 1 
ATOM   1122 C  CG2 . VAL B 1 52  ? 2.196   -17.877 5.141   1.00 23.03 ? 67  VAL B CG2 1 
ATOM   1123 N  N   . ILE B 1 53  ? -0.768  -17.382 3.229   1.00 21.43 ? 68  ILE B N   1 
ATOM   1124 C  CA  . ILE B 1 53  ? -0.848  -16.893 1.844   1.00 21.81 ? 68  ILE B CA  1 
ATOM   1125 C  C   . ILE B 1 53  ? -0.269  -15.449 1.824   1.00 21.03 ? 68  ILE B C   1 
ATOM   1126 O  O   . ILE B 1 53  ? -0.617  -14.660 2.705   1.00 18.99 ? 68  ILE B O   1 
ATOM   1127 C  CB  . ILE B 1 53  ? -2.286  -16.822 1.401   1.00 22.88 ? 68  ILE B CB  1 
ATOM   1128 C  CG1 . ILE B 1 53  ? -2.858  -18.261 1.267   1.00 27.24 ? 68  ILE B CG1 1 
ATOM   1129 C  CG2 . ILE B 1 53  ? -2.379  -16.191 0.056   1.00 26.83 ? 68  ILE B CG2 1 
ATOM   1130 C  CD1 . ILE B 1 53  ? -4.377  -18.260 1.530   1.00 35.21 ? 68  ILE B CD1 1 
ATOM   1131 N  N   . TYR B 1 54  ? 0.638   -15.160 0.895   1.00 19.16 ? 69  TYR B N   1 
ATOM   1132 C  CA  . TYR B 1 54  ? 1.247   -13.843 0.894   1.00 19.73 ? 69  TYR B CA  1 
ATOM   1133 C  C   . TYR B 1 54  ? 1.073   -13.171 -0.467  1.00 19.88 ? 69  TYR B C   1 
ATOM   1134 O  O   . TYR B 1 54  ? 0.899   -13.845 -1.510  1.00 20.59 ? 69  TYR B O   1 
ATOM   1135 C  CB  . TYR B 1 54  ? 2.727   -13.947 1.275   1.00 18.63 ? 69  TYR B CB  1 
ATOM   1136 C  CG  . TYR B 1 54  ? 3.637   -14.607 0.249   1.00 21.82 ? 69  TYR B CG  1 
ATOM   1137 C  CD1 . TYR B 1 54  ? 4.105   -13.896 -0.865  1.00 22.70 ? 69  TYR B CD1 1 
ATOM   1138 C  CD2 . TYR B 1 54  ? 4.036   -15.934 0.409   1.00 23.27 ? 69  TYR B CD2 1 
ATOM   1139 C  CE1 . TYR B 1 54  ? 4.959   -14.512 -1.779  1.00 25.53 ? 69  TYR B CE1 1 
ATOM   1140 C  CE2 . TYR B 1 54  ? 4.895   -16.545 -0.497  1.00 27.41 ? 69  TYR B CE2 1 
ATOM   1141 C  CZ  . TYR B 1 54  ? 5.349   -15.832 -1.562  1.00 27.25 ? 69  TYR B CZ  1 
ATOM   1142 O  OH  . TYR B 1 54  ? 6.175   -16.457 -2.433  1.00 31.48 ? 69  TYR B OH  1 
ATOM   1143 N  N   . LYS B 1 55  ? 1.151   -11.846 -0.462  1.00 19.88 ? 70  LYS B N   1 
ATOM   1144 C  CA  . LYS B 1 55  ? 1.059   -11.088 -1.706  1.00 20.00 ? 70  LYS B CA  1 
ATOM   1145 C  C   . LYS B 1 55  ? 2.087   -9.965  -1.631  1.00 18.84 ? 70  LYS B C   1 
ATOM   1146 O  O   . LYS B 1 55  ? 2.150   -9.278  -0.616  1.00 19.09 ? 70  LYS B O   1 
ATOM   1147 C  CB  . LYS B 1 55  ? -0.318  -10.455 -1.804  1.00 20.84 ? 70  LYS B CB  1 
ATOM   1148 C  CG  . LYS B 1 55  ? -0.522  -9.560  -3.124  1.00 23.87 ? 70  LYS B CG  1 
ATOM   1149 C  CD  . LYS B 1 55  ? -0.921  -10.439 -4.323  1.00 27.87 ? 70  LYS B CD  1 
ATOM   1150 C  CE  . LYS B 1 55  ? -1.471  -9.606  -5.482  1.00 32.46 ? 70  LYS B CE  1 
ATOM   1151 N  NZ  . LYS B 1 55  ? -0.338  -9.163  -6.323  1.00 32.61 ? 70  LYS B NZ  1 
ATOM   1152 N  N   . VAL B 1 56  ? 2.812   -9.735  -2.731  1.00 19.81 ? 71  VAL B N   1 
ATOM   1153 C  CA  . VAL B 1 56  ? 3.859   -8.674  -2.814  1.00 19.49 ? 71  VAL B CA  1 
ATOM   1154 C  C   . VAL B 1 56  ? 3.394   -7.548  -3.749  1.00 19.02 ? 71  VAL B C   1 
ATOM   1155 O  O   . VAL B 1 56  ? 2.908   -7.824  -4.856  1.00 18.53 ? 71  VAL B O   1 
ATOM   1156 C  CB  . VAL B 1 56  ? 5.225   -9.256  -3.341  1.00 20.92 ? 71  VAL B CB  1 
ATOM   1157 C  CG1 . VAL B 1 56  ? 6.274   -8.124  -3.489  1.00 21.55 ? 71  VAL B CG1 1 
ATOM   1158 C  CG2 . VAL B 1 56  ? 5.756   -10.315 -2.363  1.00 19.64 ? 71  VAL B CG2 1 
ATOM   1159 N  N   . ASP B 1 57  ? 3.462   -6.319  -3.272  1.00 19.38 ? 72  ASP B N   1 
ATOM   1160 C  CA  . ASP B 1 57  ? 3.405   -5.130  -4.113  1.00 19.85 ? 72  ASP B CA  1 
ATOM   1161 C  C   . ASP B 1 57  ? 4.804   -4.537  -4.182  1.00 19.69 ? 72  ASP B C   1 
ATOM   1162 O  O   . ASP B 1 57  ? 5.452   -4.249  -3.148  1.00 19.94 ? 72  ASP B O   1 
ATOM   1163 C  CB  . ASP B 1 57  ? 2.479   -4.039  -3.511  1.00 22.72 ? 72  ASP B CB  1 
ATOM   1164 C  CG  . ASP B 1 57  ? 0.977   -4.378  -3.651  1.00 27.81 ? 72  ASP B CG  1 
ATOM   1165 O  OD1 . ASP B 1 57  ? 0.551   -5.028  -4.667  1.00 30.64 ? 72  ASP B OD1 1 
ATOM   1166 O  OD2 . ASP B 1 57  ? 0.242   -3.977  -2.705  1.00 37.37 ? 72  ASP B OD2 1 
ATOM   1167 N  N   . TRP B 1 58  ? 5.262   -4.305  -5.397  1.00 18.15 ? 73  TRP B N   1 
ATOM   1168 C  CA  . TRP B 1 58  ? 6.494   -3.539  -5.578  1.00 17.05 ? 73  TRP B CA  1 
ATOM   1169 C  C   . TRP B 1 58  ? 6.250   -2.018  -5.575  1.00 17.19 ? 73  TRP B C   1 
ATOM   1170 O  O   . TRP B 1 58  ? 5.343   -1.545  -6.243  1.00 16.63 ? 73  TRP B O   1 
ATOM   1171 C  CB  . TRP B 1 58  ? 7.128   -3.952  -6.902  1.00 16.21 ? 73  TRP B CB  1 
ATOM   1172 C  CG  . TRP B 1 58  ? 7.504   -5.460  -6.904  1.00 16.96 ? 73  TRP B CG  1 
ATOM   1173 C  CD1 . TRP B 1 58  ? 6.923   -6.488  -7.637  1.00 19.72 ? 73  TRP B CD1 1 
ATOM   1174 C  CD2 . TRP B 1 58  ? 8.588   -6.062  -6.152  1.00 15.81 ? 73  TRP B CD2 1 
ATOM   1175 N  NE1 . TRP B 1 58  ? 7.582   -7.694  -7.363  1.00 17.32 ? 73  TRP B NE1 1 
ATOM   1176 C  CE2 . TRP B 1 58  ? 8.578   -7.462  -6.438  1.00 20.44 ? 73  TRP B CE2 1 
ATOM   1177 C  CE3 . TRP B 1 58  ? 9.543   -5.559  -5.267  1.00 14.69 ? 73  TRP B CE3 1 
ATOM   1178 C  CZ2 . TRP B 1 58  ? 9.533   -8.333  -5.894  1.00 19.09 ? 73  TRP B CZ2 1 
ATOM   1179 C  CZ3 . TRP B 1 58  ? 10.435  -6.405  -4.679  1.00 15.84 ? 73  TRP B CZ3 1 
ATOM   1180 C  CH2 . TRP B 1 58  ? 10.441  -7.793  -4.994  1.00 18.27 ? 73  TRP B CH2 1 
ATOM   1181 N  N   . LEU B 1 59  ? 7.119   -1.287  -4.927  1.00 15.14 ? 74  LEU B N   1 
ATOM   1182 C  CA  . LEU B 1 59  ? 6.983   0.178   -4.841  1.00 16.33 ? 74  LEU B CA  1 
ATOM   1183 C  C   . LEU B 1 59  ? 8.174   0.838   -5.516  1.00 18.02 ? 74  LEU B C   1 
ATOM   1184 O  O   . LEU B 1 59  ? 9.295   0.337   -5.453  1.00 19.40 ? 74  LEU B O   1 
ATOM   1185 C  CB  . LEU B 1 59  ? 6.944   0.636   -3.397  1.00 15.99 ? 74  LEU B CB  1 
ATOM   1186 C  CG  . LEU B 1 59  ? 5.933   -0.128  -2.499  1.00 17.25 ? 74  LEU B CG  1 
ATOM   1187 C  CD1 . LEU B 1 59  ? 6.087   0.460   -1.090  1.00 17.74 ? 74  LEU B CD1 1 
ATOM   1188 C  CD2 . LEU B 1 59  ? 4.506   -0.009  -2.969  1.00 12.93 ? 74  LEU B CD2 1 
ATOM   1189 N  N   . ASP B 1 60  ? 7.900   1.961   -6.157  1.00 18.50 ? 75  ASP B N   1 
ATOM   1190 C  CA  . ASP B 1 60  ? 8.937   2.731   -6.835  1.00 18.92 ? 75  ASP B CA  1 
ATOM   1191 C  C   . ASP B 1 60  ? 9.590   3.711   -5.859  1.00 19.96 ? 75  ASP B C   1 
ATOM   1192 O  O   . ASP B 1 60  ? 9.329   3.650   -4.662  1.00 19.21 ? 75  ASP B O   1 
ATOM   1193 C  CB  . ASP B 1 60  ? 8.331   3.423   -8.065  1.00 20.06 ? 75  ASP B CB  1 
ATOM   1194 C  CG  . ASP B 1 60  ? 7.410   4.649   -7.710  1.00 21.10 ? 75  ASP B CG  1 
ATOM   1195 O  OD1 . ASP B 1 60  ? 7.302   5.146   -6.538  1.00 21.51 ? 75  ASP B OD1 1 
ATOM   1196 O  OD2 . ASP B 1 60  ? 6.762   5.122   -8.678  1.00 22.25 ? 75  ASP B OD2 1 
ATOM   1197 N  N   . LYS B 1 61  ? 10.490  4.586   -6.347  1.00 21.37 ? 76  LYS B N   1 
ATOM   1198 C  CA  . LYS B 1 61  ? 11.221  5.553   -5.510  1.00 22.66 ? 76  LYS B CA  1 
ATOM   1199 C  C   . LYS B 1 61  ? 10.386  6.547   -4.705  1.00 23.75 ? 76  LYS B C   1 
ATOM   1200 O  O   . LYS B 1 61  ? 10.893  7.074   -3.739  1.00 25.49 ? 76  LYS B O   1 
ATOM   1201 C  CB  . LYS B 1 61  ? 12.198  6.350   -6.385  1.00 25.11 ? 76  LYS B CB  1 
ATOM   1202 C  CG  . LYS B 1 61  ? 11.463  7.189   -7.451  1.00 25.43 ? 76  LYS B CG  1 
ATOM   1203 C  CD  . LYS B 1 61  ? 12.367  8.300   -7.952  1.00 39.53 ? 76  LYS B CD  1 
ATOM   1204 C  CE  . LYS B 1 61  ? 11.566  9.337   -8.772  1.00 41.50 ? 76  LYS B CE  1 
ATOM   1205 N  NZ  . LYS B 1 61  ? 10.925  10.385  -7.875  1.00 43.05 ? 76  LYS B NZ  1 
ATOM   1206 N  N   . ASP B 1 62  ? 9.125   6.801   -5.086  1.00 23.18 ? 77  ASP B N   1 
ATOM   1207 C  CA  . ASP B 1 62  ? 8.274   7.693   -4.356  1.00 22.91 ? 77  ASP B CA  1 
ATOM   1208 C  C   . ASP B 1 62  ? 7.367   6.918   -3.381  1.00 21.87 ? 77  ASP B C   1 
ATOM   1209 O  O   . ASP B 1 62  ? 6.644   7.537   -2.570  1.00 21.78 ? 77  ASP B O   1 
ATOM   1210 C  CB  . ASP B 1 62  ? 7.353   8.468   -5.331  1.00 24.20 ? 77  ASP B CB  1 
ATOM   1211 C  CG  . ASP B 1 62  ? 8.121   9.491   -6.183  1.00 26.55 ? 77  ASP B CG  1 
ATOM   1212 O  OD1 . ASP B 1 62  ? 8.892   10.245  -5.566  1.00 25.89 ? 77  ASP B OD1 1 
ATOM   1213 O  OD2 . ASP B 1 62  ? 7.980   9.464   -7.431  1.00 27.18 ? 77  ASP B OD2 1 
ATOM   1214 N  N   . GLY B 1 63  ? 7.403   5.583   -3.466  1.00 21.07 ? 78  GLY B N   1 
ATOM   1215 C  CA  . GLY B 1 63  ? 6.628   4.717   -2.572  1.00 19.37 ? 78  GLY B CA  1 
ATOM   1216 C  C   . GLY B 1 63  ? 5.283   4.407   -3.245  1.00 17.72 ? 78  GLY B C   1 
ATOM   1217 O  O   . GLY B 1 63  ? 4.345   3.904   -2.590  1.00 16.24 ? 78  GLY B O   1 
ATOM   1218 N  N   . PHE B 1 64  ? 5.198   4.645   -4.554  1.00 15.94 ? 79  PHE B N   1 
ATOM   1219 C  CA  . PHE B 1 64  ? 3.974   4.366   -5.306  1.00 16.31 ? 79  PHE B CA  1 
ATOM   1220 C  C   . PHE B 1 64  ? 3.957   2.890   -5.812  1.00 16.10 ? 79  PHE B C   1 
ATOM   1221 O  O   . PHE B 1 64  ? 5.011   2.356   -6.200  1.00 14.93 ? 79  PHE B O   1 
ATOM   1222 C  CB  . PHE B 1 64  ? 3.817   5.272   -6.547  1.00 16.37 ? 79  PHE B CB  1 
ATOM   1223 C  CG  . PHE B 1 64  ? 3.800   6.782   -6.240  1.00 16.17 ? 79  PHE B CG  1 
ATOM   1224 C  CD1 . PHE B 1 64  ? 3.246   7.259   -5.095  1.00 15.35 ? 79  PHE B CD1 1 
ATOM   1225 C  CD2 . PHE B 1 64  ? 4.263   7.675   -7.168  1.00 21.37 ? 79  PHE B CD2 1 
ATOM   1226 C  CE1 . PHE B 1 64  ? 3.168   8.624   -4.808  1.00 20.85 ? 79  PHE B CE1 1 
ATOM   1227 C  CE2 . PHE B 1 64  ? 4.236   9.054   -6.901  1.00 21.11 ? 79  PHE B CE2 1 
ATOM   1228 C  CZ  . PHE B 1 64  ? 3.646   9.514   -5.714  1.00 20.02 ? 79  PHE B CZ  1 
ATOM   1229 N  N   . VAL B 1 65  ? 2.777   2.257   -5.832  1.00 15.09 ? 80  VAL B N   1 
ATOM   1230 C  CA  . VAL B 1 65  ? 2.720   0.876   -6.311  1.00 15.61 ? 80  VAL B CA  1 
ATOM   1231 C  C   . VAL B 1 65  ? 3.016   0.868   -7.807  1.00 16.24 ? 80  VAL B C   1 
ATOM   1232 O  O   . VAL B 1 65  ? 2.523   1.757   -8.547  1.00 17.16 ? 80  VAL B O   1 
ATOM   1233 C  CB  . VAL B 1 65  ? 1.338   0.220   -5.995  1.00 15.52 ? 80  VAL B CB  1 
ATOM   1234 C  CG1 . VAL B 1 65  ? 1.263   -1.119  -6.575  1.00 14.89 ? 80  VAL B CG1 1 
ATOM   1235 C  CG2 . VAL B 1 65  ? 1.137   0.193   -4.460  1.00 17.31 ? 80  VAL B CG2 1 
ATOM   1236 N  N   . LEU B 1 66  ? 3.846   -0.082  -8.245  1.00 16.43 ? 81  LEU B N   1 
ATOM   1237 C  CA  . LEU B 1 66  ? 4.051   -0.338  -9.669  1.00 17.36 ? 81  LEU B CA  1 
ATOM   1238 C  C   . LEU B 1 66  ? 2.892   -1.210  -10.172 1.00 19.88 ? 81  LEU B C   1 
ATOM   1239 O  O   . LEU B 1 66  ? 2.789   -2.409  -9.849  1.00 21.31 ? 81  LEU B O   1 
ATOM   1240 C  CB  . LEU B 1 66  ? 5.407   -1.018  -9.914  1.00 18.06 ? 81  LEU B CB  1 
ATOM   1241 C  CG  . LEU B 1 66  ? 6.668   -0.208  -9.689  1.00 21.42 ? 81  LEU B CG  1 
ATOM   1242 C  CD1 . LEU B 1 66  ? 7.779   -1.207  -9.902  1.00 26.49 ? 81  LEU B CD1 1 
ATOM   1243 C  CD2 . LEU B 1 66  ? 6.777   0.918   -10.753 1.00 22.47 ? 81  LEU B CD2 1 
ATOM   1244 N  N   . ARG B 1 67  ? 1.992   -0.613  -10.940 1.00 19.05 ? 82  ARG B N   1 
ATOM   1245 C  CA  . ARG B 1 67  ? 0.751   -1.276  -11.226 1.00 22.48 ? 82  ARG B CA  1 
ATOM   1246 C  C   . ARG B 1 67  ? 0.758   -1.942  -12.598 1.00 25.38 ? 82  ARG B C   1 
ATOM   1247 O  O   . ARG B 1 67  ? -0.130  -2.769  -12.869 1.00 28.38 ? 82  ARG B O   1 
ATOM   1248 C  CB  . ARG B 1 67  ? -0.435  -0.280  -11.136 1.00 22.98 ? 82  ARG B CB  1 
ATOM   1249 C  CG  . ARG B 1 67  ? -0.615  0.279   -9.710  1.00 20.15 ? 82  ARG B CG  1 
ATOM   1250 C  CD  . ARG B 1 67  ? -1.741  1.258   -9.569  1.00 19.42 ? 82  ARG B CD  1 
ATOM   1251 N  NE  . ARG B 1 67  ? -1.593  1.934   -8.272  1.00 23.37 ? 82  ARG B NE  1 
ATOM   1252 C  CZ  . ARG B 1 67  ? -2.179  1.549   -7.133  1.00 19.96 ? 82  ARG B CZ  1 
ATOM   1253 N  NH1 . ARG B 1 67  ? -3.046  0.569   -7.178  1.00 18.78 ? 82  ARG B NH1 1 
ATOM   1254 N  NH2 . ARG B 1 67  ? -1.950  2.209   -5.973  1.00 17.37 ? 82  ARG B NH2 1 
ATOM   1255 N  N   . ASP B 1 68  ? 1.761   -1.644  -13.431 1.00 25.69 ? 83  ASP B N   1 
ATOM   1256 C  CA  . ASP B 1 68  ? 1.802   -2.091  -14.861 1.00 28.05 ? 83  ASP B CA  1 
ATOM   1257 C  C   . ASP B 1 68  ? 2.787   -3.228  -15.074 1.00 29.26 ? 83  ASP B C   1 
ATOM   1258 O  O   . ASP B 1 68  ? 3.211   -3.491  -16.186 1.00 30.53 ? 83  ASP B O   1 
ATOM   1259 C  CB  . ASP B 1 68  ? 2.231   -0.921  -15.762 1.00 27.96 ? 83  ASP B CB  1 
ATOM   1260 C  CG  . ASP B 1 68  ? 3.481   -0.116  -15.175 1.00 30.66 ? 83  ASP B CG  1 
ATOM   1261 O  OD1 . ASP B 1 68  ? 4.057   -0.508  -14.130 1.00 27.40 ? 83  ASP B OD1 1 
ATOM   1262 O  OD2 . ASP B 1 68  ? 3.897   0.925   -15.772 1.00 30.56 ? 83  ASP B OD2 1 
ATOM   1263 N  N   . VAL B 1 69  ? 3.262   -3.822  -13.995 1.00 30.42 ? 84  VAL B N   1 
ATOM   1264 C  CA  . VAL B 1 69  ? 4.116   -5.012  -14.114 1.00 31.39 ? 84  VAL B CA  1 
ATOM   1265 C  C   . VAL B 1 69  ? 3.258   -6.260  -14.062 1.00 32.53 ? 84  VAL B C   1 
ATOM   1266 O  O   . VAL B 1 69  ? 2.035   -6.167  -13.778 1.00 30.50 ? 84  VAL B O   1 
ATOM   1267 C  CB  . VAL B 1 69  ? 5.136   -5.054  -13.017 1.00 31.05 ? 84  VAL B CB  1 
ATOM   1268 C  CG1 . VAL B 1 69  ? 6.182   -3.924  -13.213 1.00 29.98 ? 84  VAL B CG1 1 
ATOM   1269 C  CG2 . VAL B 1 69  ? 4.438   -4.952  -11.656 1.00 31.60 ? 84  VAL B CG2 1 
ATOM   1270 N  N   . LEU B 1 70  ? 3.875   -7.420  -14.334 1.00 35.75 ? 85  LEU B N   1 
ATOM   1271 C  CA  . LEU B 1 70  ? 3.142   -8.706  -14.278 1.00 39.11 ? 85  LEU B CA  1 
ATOM   1272 C  C   . LEU B 1 70  ? 2.667   -8.984  -12.855 1.00 41.05 ? 85  LEU B C   1 
ATOM   1273 O  O   . LEU B 1 70  ? 3.411   -8.773  -11.871 1.00 40.92 ? 85  LEU B O   1 
ATOM   1274 C  CB  . LEU B 1 70  ? 3.986   -9.886  -14.781 1.00 39.41 ? 85  LEU B CB  1 
ATOM   1275 C  CG  . LEU B 1 70  ? 3.075   -11.054 -15.219 1.00 41.49 ? 85  LEU B CG  1 
ATOM   1276 C  CD1 . LEU B 1 70  ? 2.803   -11.019 -16.747 1.00 42.42 ? 85  LEU B CD1 1 
ATOM   1277 C  CD2 . LEU B 1 70  ? 3.663   -12.405 -14.820 1.00 42.86 ? 85  LEU B CD2 1 
ATOM   1278 N  N   . ASN B 1 71  ? 1.417   -9.421  -12.744 1.00 42.86 ? 86  ASN B N   1 
ATOM   1279 C  CA  . ASN B 1 71  ? 0.822   -9.673  -11.427 1.00 45.69 ? 86  ASN B CA  1 
ATOM   1280 C  C   . ASN B 1 71  ? 1.231   -11.081 -10.912 1.00 45.20 ? 86  ASN B C   1 
ATOM   1281 O  O   . ASN B 1 71  ? 0.943   -12.083 -11.563 1.00 46.00 ? 86  ASN B O   1 
ATOM   1282 C  CB  . ASN B 1 71  ? -0.710  -9.512  -11.513 1.00 46.59 ? 86  ASN B CB  1 
ATOM   1283 C  CG  . ASN B 1 71  ? -1.409  -9.826  -10.186 1.00 52.05 ? 86  ASN B CG  1 
ATOM   1284 O  OD1 . ASN B 1 71  ? -1.370  -9.031  -9.231  1.00 56.02 ? 86  ASN B OD1 1 
ATOM   1285 N  ND2 . ASN B 1 71  ? -2.053  -10.998 -10.124 1.00 57.25 ? 86  ASN B ND2 1 
ATOM   1286 N  N   . GLU B 1 72  ? 1.986   -11.151 -9.813  1.00 45.54 ? 87  GLU B N   1 
ATOM   1287 C  CA  . GLU B 1 72  ? 2.168   -12.422 -9.103  1.00 44.47 ? 87  GLU B CA  1 
ATOM   1288 C  C   . GLU B 1 72  ? 0.896   -12.605 -8.267  1.00 42.99 ? 87  GLU B C   1 
ATOM   1289 O  O   . GLU B 1 72  ? 0.557   -11.732 -7.452  1.00 43.13 ? 87  GLU B O   1 
ATOM   1290 C  CB  . GLU B 1 72  ? 3.433   -12.394 -8.226  1.00 45.09 ? 87  GLU B CB  1 
ATOM   1291 C  CG  . GLU B 1 72  ? 3.775   -13.793 -7.590  1.00 49.46 ? 87  GLU B CG  1 
ATOM   1292 C  CD  . GLU B 1 72  ? 5.100   -13.862 -6.768  1.00 52.74 ? 87  GLU B CD  1 
ATOM   1293 O  OE1 . GLU B 1 72  ? 5.910   -14.779 -7.074  1.00 52.11 ? 87  GLU B OE1 1 
ATOM   1294 O  OE2 . GLU B 1 72  ? 5.315   -13.038 -5.824  1.00 51.15 ? 87  GLU B OE2 1 
ATOM   1295 N  N   . ASP B 1 73  ? 0.178   -13.708 -8.456  1.00 40.81 ? 88  ASP B N   1 
ATOM   1296 C  CA  . ASP B 1 73  ? -0.999  -13.984 -7.623  1.00 39.18 ? 88  ASP B CA  1 
ATOM   1297 C  C   . ASP B 1 73  ? -0.623  -14.225 -6.134  1.00 36.61 ? 88  ASP B C   1 
ATOM   1298 O  O   . ASP B 1 73  ? 0.560   -14.422 -5.788  1.00 34.91 ? 88  ASP B O   1 
ATOM   1299 C  CB  . ASP B 1 73  ? -1.737  -15.223 -8.151  1.00 40.73 ? 88  ASP B CB  1 
ATOM   1300 C  CG  . ASP B 1 73  ? -3.282  -15.084 -8.061  1.00 44.61 ? 88  ASP B CG  1 
ATOM   1301 O  OD1 . ASP B 1 73  ? -3.800  -14.234 -7.262  1.00 48.76 ? 88  ASP B OD1 1 
ATOM   1302 O  OD2 . ASP B 1 73  ? -3.980  -15.819 -8.823  1.00 46.72 ? 88  ASP B OD2 1 
ATOM   1303 N  N   . TYR B 1 74  ? -1.620  -14.166 -5.262  1.00 33.50 ? 89  TYR B N   1 
ATOM   1304 C  CA  . TYR B 1 74  ? -1.491  -14.684 -3.906  1.00 31.78 ? 89  TYR B CA  1 
ATOM   1305 C  C   . TYR B 1 74  ? -0.764  -16.038 -3.948  1.00 31.11 ? 89  TYR B C   1 
ATOM   1306 O  O   . TYR B 1 74  ? -1.117  -16.886 -4.772  1.00 29.78 ? 89  TYR B O   1 
ATOM   1307 C  CB  . TYR B 1 74  ? -2.863  -14.894 -3.336  1.00 31.22 ? 89  TYR B CB  1 
ATOM   1308 C  CG  . TYR B 1 74  ? -3.608  -13.609 -3.086  1.00 34.84 ? 89  TYR B CG  1 
ATOM   1309 C  CD1 . TYR B 1 74  ? -4.571  -13.112 -4.038  1.00 36.28 ? 89  TYR B CD1 1 
ATOM   1310 C  CD2 . TYR B 1 74  ? -3.371  -12.883 -1.915  1.00 29.88 ? 89  TYR B CD2 1 
ATOM   1311 C  CE1 . TYR B 1 74  ? -5.292  -11.901 -3.779  1.00 35.85 ? 89  TYR B CE1 1 
ATOM   1312 C  CE2 . TYR B 1 74  ? -4.055  -11.687 -1.654  1.00 34.01 ? 89  TYR B CE2 1 
ATOM   1313 C  CZ  . TYR B 1 74  ? -4.997  -11.202 -2.565  1.00 32.67 ? 89  TYR B CZ  1 
ATOM   1314 O  OH  . TYR B 1 74  ? -5.627  -10.039 -2.245  1.00 30.76 ? 89  TYR B OH  1 
ATOM   1315 N  N   . GLN B 1 75  ? 0.239   -16.237 -3.086  1.00 29.65 ? 90  GLN B N   1 
ATOM   1316 C  CA  . GLN B 1 75  ? 1.108   -17.448 -3.118  1.00 29.97 ? 90  GLN B CA  1 
ATOM   1317 C  C   . GLN B 1 75  ? 1.025   -18.208 -1.786  1.00 29.02 ? 90  GLN B C   1 
ATOM   1318 O  O   . GLN B 1 75  ? 1.108   -17.598 -0.733  1.00 27.08 ? 90  GLN B O   1 
ATOM   1319 C  CB  . GLN B 1 75  ? 2.569   -17.027 -3.241  1.00 31.05 ? 90  GLN B CB  1 
ATOM   1320 C  CG  . GLN B 1 75  ? 2.904   -16.200 -4.490  1.00 36.70 ? 90  GLN B CG  1 
ATOM   1321 C  CD  . GLN B 1 75  ? 3.268   -17.116 -5.622  1.00 43.43 ? 90  GLN B CD  1 
ATOM   1322 O  OE1 . GLN B 1 75  ? 4.023   -18.086 -5.425  1.00 43.69 ? 90  GLN B OE1 1 
ATOM   1323 N  NE2 . GLN B 1 75  ? 2.703   -16.851 -6.819  1.00 45.74 ? 90  GLN B NE2 1 
ATOM   1324 N  N   . ALA B 1 76  ? 0.904   -19.523 -1.832  1.00 28.58 ? 91  ALA B N   1 
ATOM   1325 C  CA  . ALA B 1 76  ? 0.793   -20.340 -0.599  1.00 29.28 ? 91  ALA B CA  1 
ATOM   1326 C  C   . ALA B 1 76  ? 2.157   -20.654 -0.030  1.00 28.95 ? 91  ALA B C   1 
ATOM   1327 O  O   . ALA B 1 76  ? 3.121   -20.753 -0.761  1.00 28.29 ? 91  ALA B O   1 
ATOM   1328 C  CB  . ALA B 1 76  ? 0.024   -21.618 -0.875  1.00 29.16 ? 91  ALA B CB  1 
ATOM   1329 N  N   . LEU B 1 77  ? 2.244   -20.771 1.295   1.00 28.80 ? 92  LEU B N   1 
ATOM   1330 C  CA  . LEU B 1 77  ? 3.525   -21.019 1.895   1.00 28.33 ? 92  LEU B CA  1 
ATOM   1331 C  C   . LEU B 1 77  ? 3.305   -21.703 3.234   1.00 27.97 ? 92  LEU B C   1 
ATOM   1332 O  O   . LEU B 1 77  ? 2.530   -21.230 4.060   1.00 27.88 ? 92  LEU B O   1 
ATOM   1333 C  CB  . LEU B 1 77  ? 4.271   -19.700 2.070   1.00 28.08 ? 92  LEU B CB  1 
ATOM   1334 C  CG  . LEU B 1 77  ? 5.634   -19.815 2.762   1.00 31.89 ? 92  LEU B CG  1 
ATOM   1335 C  CD1 . LEU B 1 77  ? 6.618   -20.626 1.886   1.00 35.99 ? 92  LEU B CD1 1 
ATOM   1336 C  CD2 . LEU B 1 77  ? 6.227   -18.432 3.100   1.00 33.35 ? 92  LEU B CD2 1 
ATOM   1337 N  N   . ARG B 1 78  ? 4.026   -22.794 3.439   1.00 28.18 ? 93  ARG B N   1 
ATOM   1338 C  CA  . ARG B 1 78  ? 3.949   -23.618 4.648   1.00 28.27 ? 93  ARG B CA  1 
ATOM   1339 C  C   . ARG B 1 78  ? 5.096   -23.236 5.589   1.00 27.12 ? 93  ARG B C   1 
ATOM   1340 O  O   . ARG B 1 78  ? 6.237   -23.196 5.182   1.00 27.36 ? 93  ARG B O   1 
ATOM   1341 C  CB  . ARG B 1 78  ? 4.105   -25.119 4.257   1.00 29.85 ? 93  ARG B CB  1 
ATOM   1342 C  CG  . ARG B 1 78  ? 4.157   -26.080 5.429   1.00 36.59 ? 93  ARG B CG  1 
ATOM   1343 C  CD  . ARG B 1 78  ? 2.769   -26.303 5.937   1.00 46.01 ? 93  ARG B CD  1 
ATOM   1344 N  NE  . ARG B 1 78  ? 2.691   -27.350 6.940   1.00 52.39 ? 93  ARG B NE  1 
ATOM   1345 C  CZ  . ARG B 1 78  ? 1.539   -27.841 7.384   1.00 55.45 ? 93  ARG B CZ  1 
ATOM   1346 N  NH1 . ARG B 1 78  ? 0.391   -27.375 6.903   1.00 55.37 ? 93  ARG B NH1 1 
ATOM   1347 N  NH2 . ARG B 1 78  ? 1.538   -28.786 8.313   1.00 57.95 ? 93  ARG B NH2 1 
ATOM   1348 N  N   . ILE B 1 79  ? 4.788   -22.901 6.834   1.00 25.84 ? 94  ILE B N   1 
ATOM   1349 C  CA  . ILE B 1 79  ? 5.829   -22.586 7.838   1.00 26.02 ? 94  ILE B CA  1 
ATOM   1350 C  C   . ILE B 1 79  ? 5.818   -23.775 8.830   1.00 27.69 ? 94  ILE B C   1 
ATOM   1351 O  O   . ILE B 1 79  ? 4.915   -23.867 9.683   1.00 27.41 ? 94  ILE B O   1 
ATOM   1352 C  CB  . ILE B 1 79  ? 5.518   -21.319 8.583   1.00 24.76 ? 94  ILE B CB  1 
ATOM   1353 C  CG1 . ILE B 1 79  ? 5.600   -20.090 7.665   1.00 27.56 ? 94  ILE B CG1 1 
ATOM   1354 C  CG2 . ILE B 1 79  ? 6.536   -21.062 9.737   1.00 25.83 ? 94  ILE B CG2 1 
ATOM   1355 C  CD1 . ILE B 1 79  ? 4.680   -18.952 8.150   1.00 25.24 ? 94  ILE B CD1 1 
ATOM   1356 N  N   . PRO B 1 80  ? 6.790   -24.689 8.705   1.00 29.13 ? 95  PRO B N   1 
ATOM   1357 C  CA  . PRO B 1 80  ? 6.839   -25.876 9.603   1.00 30.34 ? 95  PRO B CA  1 
ATOM   1358 C  C   . PRO B 1 80  ? 7.020   -25.442 11.019  1.00 30.50 ? 95  PRO B C   1 
ATOM   1359 O  O   . PRO B 1 80  ? 7.645   -24.401 11.260  1.00 31.53 ? 95  PRO B O   1 
ATOM   1360 C  CB  . PRO B 1 80  ? 8.097   -26.631 9.155   1.00 29.61 ? 95  PRO B CB  1 
ATOM   1361 C  CG  . PRO B 1 80  ? 8.386   -26.071 7.724   1.00 32.96 ? 95  PRO B CG  1 
ATOM   1362 C  CD  . PRO B 1 80  ? 7.969   -24.617 7.819   1.00 29.91 ? 95  PRO B CD  1 
ATOM   1363 N  N   . ALA B 1 81  ? 6.490   -26.246 11.950  1.00 31.46 ? 96  ALA B N   1 
ATOM   1364 C  CA  . ALA B 1 81  ? 6.621   -26.049 13.393  1.00 31.69 ? 96  ALA B CA  1 
ATOM   1365 C  C   . ALA B 1 81  ? 8.073   -25.924 13.810  1.00 31.85 ? 96  ALA B C   1 
ATOM   1366 O  O   . ALA B 1 81  ? 8.875   -26.768 13.424  1.00 31.18 ? 96  ALA B O   1 
ATOM   1367 C  CB  . ALA B 1 81  ? 5.958   -27.286 14.131  1.00 32.86 ? 96  ALA B CB  1 
ATOM   1368 N  N   . GLY B 1 82  ? 8.416   -24.850 14.525  1.00 31.58 ? 97  GLY B N   1 
ATOM   1369 C  CA  . GLY B 1 82  ? 9.747   -24.653 15.103  1.00 34.53 ? 97  GLY B CA  1 
ATOM   1370 C  C   . GLY B 1 82  ? 10.983  -24.451 14.209  1.00 36.88 ? 97  GLY B C   1 
ATOM   1371 O  O   . GLY B 1 82  ? 12.112  -24.564 14.673  1.00 37.09 ? 97  GLY B O   1 
ATOM   1372 N  N   . GLN B 1 83  ? 10.775  -24.151 12.930  1.00 37.62 ? 98  GLN B N   1 
ATOM   1373 C  CA  . GLN B 1 83  ? 11.858  -23.955 11.968  1.00 39.21 ? 98  GLN B CA  1 
ATOM   1374 C  C   . GLN B 1 83  ? 11.599  -22.637 11.222  1.00 39.11 ? 98  GLN B C   1 
ATOM   1375 O  O   . GLN B 1 83  ? 10.558  -22.494 10.557  1.00 39.49 ? 98  GLN B O   1 
ATOM   1376 C  CB  . GLN B 1 83  ? 11.821  -25.074 10.925  1.00 40.31 ? 98  GLN B CB  1 
ATOM   1377 C  CG  . GLN B 1 83  ? 12.087  -26.455 11.452  1.00 44.88 ? 98  GLN B CG  1 
ATOM   1378 C  CD  . GLN B 1 83  ? 12.241  -27.466 10.323  1.00 54.30 ? 98  GLN B CD  1 
ATOM   1379 O  OE1 . GLN B 1 83  ? 12.256  -27.102 9.128   1.00 56.01 ? 98  GLN B OE1 1 
ATOM   1380 N  NE2 . GLN B 1 83  ? 12.355  -28.748 10.690  1.00 55.95 ? 98  GLN B NE2 1 
ATOM   1381 N  N   . GLU B 1 84  ? 12.530  -21.698 11.321  1.00 37.92 ? 99  GLU B N   1 
ATOM   1382 C  CA  . GLU B 1 84  ? 12.552  -20.493 10.484  1.00 37.01 ? 99  GLU B CA  1 
ATOM   1383 C  C   . GLU B 1 84  ? 12.493  -20.756 8.964   1.00 36.48 ? 99  GLU B C   1 
ATOM   1384 O  O   . GLU B 1 84  ? 13.229  -21.615 8.433   1.00 36.74 ? 99  GLU B O   1 
ATOM   1385 C  CB  . GLU B 1 84  ? 13.791  -19.704 10.806  1.00 35.92 ? 99  GLU B CB  1 
ATOM   1386 C  CG  . GLU B 1 84  ? 13.665  -19.097 12.185  1.00 39.40 ? 99  GLU B CG  1 
ATOM   1387 C  CD  . GLU B 1 84  ? 14.840  -18.239 12.549  1.00 43.86 ? 99  GLU B CD  1 
ATOM   1388 O  OE1 . GLU B 1 84  ? 14.889  -17.754 13.717  1.00 45.99 ? 99  GLU B OE1 1 
ATOM   1389 O  OE2 . GLU B 1 84  ? 15.708  -18.055 11.668  1.00 45.27 ? 99  GLU B OE2 1 
ATOM   1390 N  N   . VAL B 1 85  ? 11.606  -20.058 8.262   1.00 33.72 ? 100 VAL B N   1 
ATOM   1391 C  CA  . VAL B 1 85  ? 11.746  -20.068 6.824   1.00 33.21 ? 100 VAL B CA  1 
ATOM   1392 C  C   . VAL B 1 85  ? 12.052  -18.667 6.337   1.00 32.18 ? 100 VAL B C   1 
ATOM   1393 O  O   . VAL B 1 85  ? 11.668  -17.674 6.982   1.00 31.51 ? 100 VAL B O   1 
ATOM   1394 C  CB  . VAL B 1 85  ? 10.641  -20.830 6.056   1.00 34.70 ? 100 VAL B CB  1 
ATOM   1395 C  CG1 . VAL B 1 85  ? 9.896   -21.807 6.980   1.00 35.58 ? 100 VAL B CG1 1 
ATOM   1396 C  CG2 . VAL B 1 85  ? 9.691   -19.921 5.298   1.00 34.37 ? 100 VAL B CG2 1 
ATOM   1397 N  N   . ILE B 1 86  ? 12.844  -18.595 5.273   1.00 30.30 ? 101 ILE B N   1 
ATOM   1398 C  CA  . ILE B 1 86  ? 13.281  -17.301 4.759   1.00 29.86 ? 101 ILE B CA  1 
ATOM   1399 C  C   . ILE B 1 86  ? 12.545  -17.146 3.437   1.00 28.28 ? 101 ILE B C   1 
ATOM   1400 O  O   . ILE B 1 86  ? 12.696  -17.987 2.539   1.00 29.61 ? 101 ILE B O   1 
ATOM   1401 C  CB  . ILE B 1 86  ? 14.804  -17.234 4.482   1.00 31.26 ? 101 ILE B CB  1 
ATOM   1402 C  CG1 . ILE B 1 86  ? 15.600  -17.362 5.793   1.00 32.95 ? 101 ILE B CG1 1 
ATOM   1403 C  CG2 . ILE B 1 86  ? 15.142  -15.903 3.732   1.00 29.31 ? 101 ILE B CG2 1 
ATOM   1404 C  CD1 . ILE B 1 86  ? 17.111  -17.492 5.566   1.00 40.91 ? 101 ILE B CD1 1 
ATOM   1405 N  N   . LEU B 1 87  ? 11.702  -16.139 3.329   1.00 24.55 ? 102 LEU B N   1 
ATOM   1406 C  CA  . LEU B 1 87  ? 11.028  -15.891 2.092   1.00 23.42 ? 102 LEU B CA  1 
ATOM   1407 C  C   . LEU B 1 87  ? 11.903  -14.831 1.389   1.00 23.11 ? 102 LEU B C   1 
ATOM   1408 O  O   . LEU B 1 87  ? 12.166  -13.788 1.957   1.00 24.64 ? 102 LEU B O   1 
ATOM   1409 C  CB  . LEU B 1 87  ? 9.608   -15.402 2.366   1.00 22.14 ? 102 LEU B CB  1 
ATOM   1410 C  CG  . LEU B 1 87  ? 8.803   -14.952 1.166   1.00 23.26 ? 102 LEU B CG  1 
ATOM   1411 C  CD1 . LEU B 1 87  ? 8.587   -16.121 0.172   1.00 27.94 ? 102 LEU B CD1 1 
ATOM   1412 C  CD2 . LEU B 1 87  ? 7.514   -14.328 1.613   1.00 25.19 ? 102 LEU B CD2 1 
ATOM   1413 N  N   . ARG B 1 88  ? 12.352  -15.135 0.177   1.00 23.24 ? 103 ARG B N   1 
ATOM   1414 C  CA  . ARG B 1 88  ? 13.278  -14.293 -0.596  1.00 23.50 ? 103 ARG B CA  1 
ATOM   1415 C  C   . ARG B 1 88  ? 12.678  -13.941 -1.922  1.00 22.42 ? 103 ARG B C   1 
ATOM   1416 O  O   . ARG B 1 88  ? 12.338  -14.847 -2.675  1.00 23.39 ? 103 ARG B O   1 
ATOM   1417 C  CB  . ARG B 1 88  ? 14.548  -15.055 -0.838  1.00 23.73 ? 103 ARG B CB  1 
ATOM   1418 C  CG  . ARG B 1 88  ? 15.706  -14.196 -1.289  1.00 30.20 ? 103 ARG B CG  1 
ATOM   1419 C  CD  . ARG B 1 88  ? 17.018  -14.989 -1.277  1.00 40.30 ? 103 ARG B CD  1 
ATOM   1420 N  NE  . ARG B 1 88  ? 16.779  -16.317 -1.854  1.00 47.85 ? 103 ARG B NE  1 
ATOM   1421 C  CZ  . ARG B 1 88  ? 17.366  -17.425 -1.431  1.00 50.49 ? 103 ARG B CZ  1 
ATOM   1422 N  NH1 . ARG B 1 88  ? 18.230  -17.345 -0.419  1.00 51.03 ? 103 ARG B NH1 1 
ATOM   1423 N  NH2 . ARG B 1 88  ? 17.076  -18.602 -2.008  1.00 51.00 ? 103 ARG B NH2 1 
ATOM   1424 N  N   . LYS B 1 89  ? 12.524  -12.650 -2.223  1.00 21.28 ? 104 LYS B N   1 
ATOM   1425 C  CA  . LYS B 1 89  ? 11.914  -12.259 -3.480  1.00 19.89 ? 104 LYS B CA  1 
ATOM   1426 C  C   . LYS B 1 89  ? 12.829  -11.257 -4.203  1.00 18.57 ? 104 LYS B C   1 
ATOM   1427 O  O   . LYS B 1 89  ? 13.464  -10.442 -3.575  1.00 19.72 ? 104 LYS B O   1 
ATOM   1428 C  CB  . LYS B 1 89  ? 10.532  -11.597 -3.300  1.00 21.14 ? 104 LYS B CB  1 
ATOM   1429 C  CG  . LYS B 1 89  ? 9.528   -12.426 -2.452  1.00 26.26 ? 104 LYS B CG  1 
ATOM   1430 C  CD  . LYS B 1 89  ? 9.242   -13.750 -3.126  1.00 32.41 ? 104 LYS B CD  1 
ATOM   1431 C  CE  . LYS B 1 89  ? 8.070   -13.663 -4.058  1.00 32.69 ? 104 LYS B CE  1 
ATOM   1432 N  NZ  . LYS B 1 89  ? 7.725   -15.084 -4.414  1.00 32.87 ? 104 LYS B NZ  1 
ATOM   1433 N  N   . LEU B 1 90  ? 12.837  -11.342 -5.520  1.00 15.68 ? 105 LEU B N   1 
ATOM   1434 C  CA  . LEU B 1 90  ? 13.741  -10.511 -6.285  1.00 16.16 ? 105 LEU B CA  1 
ATOM   1435 C  C   . LEU B 1 90  ? 12.905  -9.845  -7.339  1.00 16.16 ? 105 LEU B C   1 
ATOM   1436 O  O   . LEU B 1 90  ? 12.220  -10.532 -8.135  1.00 14.97 ? 105 LEU B O   1 
ATOM   1437 C  CB  . LEU B 1 90  ? 14.809  -11.400 -6.975  1.00 13.58 ? 105 LEU B CB  1 
ATOM   1438 C  CG  . LEU B 1 90  ? 15.663  -10.804 -8.097  1.00 15.63 ? 105 LEU B CG  1 
ATOM   1439 C  CD1 . LEU B 1 90  ? 16.529  -9.645  -7.578  1.00 12.70 ? 105 LEU B CD1 1 
ATOM   1440 C  CD2 . LEU B 1 90  ? 16.527  -11.992 -8.557  1.00 13.90 ? 105 LEU B CD2 1 
ATOM   1441 N  N   . ALA B 1 91  ? 13.026  -8.521  -7.427  1.00 17.58 ? 106 ALA B N   1 
ATOM   1442 C  CA  . ALA B 1 91  ? 12.239  -7.736  -8.404  1.00 17.25 ? 106 ALA B CA  1 
ATOM   1443 C  C   . ALA B 1 91  ? 12.727  -7.995  -9.811  1.00 19.48 ? 106 ALA B C   1 
ATOM   1444 O  O   . ALA B 1 91  ? 13.928  -8.217  -10.016 1.00 20.56 ? 106 ALA B O   1 
ATOM   1445 C  CB  . ALA B 1 91  ? 12.331  -6.251  -8.072  1.00 16.81 ? 106 ALA B CB  1 
ATOM   1446 N  N   . SER B 1 92  ? 11.809  -7.987  -10.777 1.00 19.32 ? 107 SER B N   1 
ATOM   1447 C  CA  . SER B 1 92  ? 12.205  -8.168  -12.153 1.00 22.53 ? 107 SER B CA  1 
ATOM   1448 C  C   . SER B 1 92  ? 12.074  -6.827  -12.878 1.00 23.25 ? 107 SER B C   1 
ATOM   1449 O  O   . SER B 1 92  ? 12.279  -6.741  -14.092 1.00 25.68 ? 107 SER B O   1 
ATOM   1450 C  CB  . SER B 1 92  ? 11.355  -9.312  -12.806 1.00 22.58 ? 107 SER B CB  1 
ATOM   1451 O  OG  . SER B 1 92  ? 9.981   -8.917  -12.812 1.00 25.84 ? 107 SER B OG  1 
ATOM   1452 N  N   . ASP B 1 93  ? 11.773  -5.775  -12.127 1.00 23.91 ? 108 ASP B N   1 
ATOM   1453 C  CA  . ASP B 1 93  ? 11.703  -4.423  -12.693 1.00 23.58 ? 108 ASP B CA  1 
ATOM   1454 C  C   . ASP B 1 93  ? 12.643  -3.503  -11.952 1.00 22.27 ? 108 ASP B C   1 
ATOM   1455 O  O   . ASP B 1 93  ? 12.607  -3.404  -10.716 1.00 21.26 ? 108 ASP B O   1 
ATOM   1456 C  CB  . ASP B 1 93  ? 10.233  -3.922  -12.591 1.00 25.75 ? 108 ASP B CB  1 
ATOM   1457 C  CG  . ASP B 1 93  ? 9.912   -2.751  -13.565 1.00 28.48 ? 108 ASP B CG  1 
ATOM   1458 O  OD1 . ASP B 1 93  ? 10.539  -1.700  -13.459 1.00 24.58 ? 108 ASP B OD1 1 
ATOM   1459 O  OD2 . ASP B 1 93  ? 9.025   -2.920  -14.446 1.00 35.44 ? 108 ASP B OD2 1 
ATOM   1460 N  N   . THR B 1 94  ? 13.509  -2.781  -12.668 1.00 21.78 ? 109 THR B N   1 
ATOM   1461 C  CA  . THR B 1 94  ? 14.422  -1.888  -11.973 1.00 22.34 ? 109 THR B CA  1 
ATOM   1462 C  C   . THR B 1 94  ? 13.757  -0.658  -11.343 1.00 22.00 ? 109 THR B C   1 
ATOM   1463 O  O   . THR B 1 94  ? 14.379  0.055   -10.556 1.00 20.41 ? 109 THR B O   1 
ATOM   1464 C  CB  . THR B 1 94  ? 15.550  -1.383  -12.930 1.00 25.05 ? 109 THR B CB  1 
ATOM   1465 O  OG1 . THR B 1 94  ? 14.937  -0.711  -14.018 1.00 24.83 ? 109 THR B OG1 1 
ATOM   1466 C  CG2 . THR B 1 94  ? 16.329  -2.553  -13.500 1.00 25.60 ? 109 THR B CG2 1 
ATOM   1467 N  N   . ARG B 1 95  ? 12.488  -0.365  -11.668 1.00 21.16 ? 110 ARG B N   1 
ATOM   1468 C  CA  . ARG B 1 95  ? 11.888  0.805   -11.003 1.00 20.57 ? 110 ARG B CA  1 
ATOM   1469 C  C   . ARG B 1 95  ? 11.520  0.476   -9.569  1.00 20.45 ? 110 ARG B C   1 
ATOM   1470 O  O   . ARG B 1 95  ? 11.293  1.398   -8.762  1.00 20.91 ? 110 ARG B O   1 
ATOM   1471 C  CB  . ARG B 1 95  ? 10.646  1.387   -11.761 1.00 21.46 ? 110 ARG B CB  1 
ATOM   1472 C  CG  . ARG B 1 95  ? 10.869  1.789   -13.242 1.00 24.79 ? 110 ARG B CG  1 
ATOM   1473 C  CD  . ARG B 1 95  ? 9.537   1.839   -14.034 1.00 23.81 ? 110 ARG B CD  1 
ATOM   1474 N  NE  . ARG B 1 95  ? 8.883   0.546   -14.141 1.00 25.01 ? 110 ARG B NE  1 
ATOM   1475 C  CZ  . ARG B 1 95  ? 7.578   0.379   -14.401 1.00 29.24 ? 110 ARG B CZ  1 
ATOM   1476 N  NH1 . ARG B 1 95  ? 6.789   1.431   -14.590 1.00 29.56 ? 110 ARG B NH1 1 
ATOM   1477 N  NH2 . ARG B 1 95  ? 7.045   -0.836  -14.492 1.00 28.89 ? 110 ARG B NH2 1 
ATOM   1478 N  N   . ALA B 1 96  ? 11.473  -0.814  -9.217  1.00 18.50 ? 111 ALA B N   1 
ATOM   1479 C  CA  . ALA B 1 96  ? 11.154  -1.189  -7.822  1.00 18.42 ? 111 ALA B CA  1 
ATOM   1480 C  C   . ALA B 1 96  ? 12.232  -0.728  -6.866  1.00 16.86 ? 111 ALA B C   1 
ATOM   1481 O  O   . ALA B 1 96  ? 13.395  -1.029  -7.102  1.00 19.02 ? 111 ALA B O   1 
ATOM   1482 C  CB  . ALA B 1 96  ? 10.975  -2.698  -7.730  1.00 17.98 ? 111 ALA B CB  1 
ATOM   1483 N  N   . ASN B 1 97  ? 11.892  0.037   -5.831  1.00 18.08 ? 112 ASN B N   1 
ATOM   1484 C  CA  . ASN B 1 97  ? 12.892  0.490   -4.801  1.00 19.93 ? 112 ASN B CA  1 
ATOM   1485 C  C   . ASN B 1 97  ? 12.420  0.109   -3.415  1.00 20.25 ? 112 ASN B C   1 
ATOM   1486 O  O   . ASN B 1 97  ? 13.154  0.265   -2.435  1.00 19.61 ? 112 ASN B O   1 
ATOM   1487 C  CB  . ASN B 1 97  ? 13.155  2.022   -4.771  1.00 20.96 ? 112 ASN B CB  1 
ATOM   1488 C  CG  . ASN B 1 97  ? 14.137  2.506   -5.893  1.00 27.60 ? 112 ASN B CG  1 
ATOM   1489 O  OD1 . ASN B 1 97  ? 14.439  3.724   -5.988  1.00 29.96 ? 112 ASN B OD1 1 
ATOM   1490 N  ND2 . ASN B 1 97  ? 14.583  1.580   -6.768  1.00 28.31 ? 112 ASN B ND2 1 
ATOM   1491 N  N   . ASP B 1 98  ? 11.170  -0.334  -3.314  1.00 19.58 ? 113 ASP B N   1 
ATOM   1492 C  CA  . ASP B 1 98  ? 10.690  -0.799  -2.004  1.00 20.04 ? 113 ASP B CA  1 
ATOM   1493 C  C   . ASP B 1 98  ? 9.620   -1.831  -2.277  1.00 18.52 ? 113 ASP B C   1 
ATOM   1494 O  O   . ASP B 1 98  ? 9.324   -2.152  -3.417  1.00 17.07 ? 113 ASP B O   1 
ATOM   1495 C  CB  . ASP B 1 98  ? 10.141  0.362   -1.149  1.00 19.28 ? 113 ASP B CB  1 
ATOM   1496 C  CG  . ASP B 1 98  ? 10.114  0.054   0.388   1.00 24.33 ? 113 ASP B CG  1 
ATOM   1497 O  OD1 . ASP B 1 98  ? 10.496  -1.070  0.907   1.00 24.36 ? 113 ASP B OD1 1 
ATOM   1498 O  OD2 . ASP B 1 98  ? 9.620   0.972   1.117   1.00 25.40 ? 113 ASP B OD2 1 
ATOM   1499 N  N   . PHE B 1 99  ? 9.025   -2.362  -1.216  1.00 18.84 ? 114 PHE B N   1 
ATOM   1500 C  CA  . PHE B 1 99  ? 7.990   -3.399  -1.410  1.00 18.98 ? 114 PHE B CA  1 
ATOM   1501 C  C   . PHE B 1 99  ? 6.968   -3.343  -0.272  1.00 17.85 ? 114 PHE B C   1 
ATOM   1502 O  O   . PHE B 1 99  ? 7.238   -2.804  0.762   1.00 17.08 ? 114 PHE B O   1 
ATOM   1503 C  CB  . PHE B 1 99  ? 8.628   -4.781  -1.425  1.00 18.65 ? 114 PHE B CB  1 
ATOM   1504 C  CG  . PHE B 1 99  ? 9.155   -5.203  -0.091  1.00 20.49 ? 114 PHE B CG  1 
ATOM   1505 C  CD1 . PHE B 1 99  ? 10.398  -4.735  0.387   1.00 17.52 ? 114 PHE B CD1 1 
ATOM   1506 C  CD2 . PHE B 1 99  ? 8.396   -6.107  0.711   1.00 20.16 ? 114 PHE B CD2 1 
ATOM   1507 C  CE1 . PHE B 1 99  ? 10.864  -5.137  1.675   1.00 20.56 ? 114 PHE B CE1 1 
ATOM   1508 C  CE2 . PHE B 1 99  ? 8.836   -6.498  1.971   1.00 20.19 ? 114 PHE B CE2 1 
ATOM   1509 C  CZ  . PHE B 1 99  ? 10.085  -6.034  2.470   1.00 20.62 ? 114 PHE B CZ  1 
ATOM   1510 N  N   . ARG B 1 100 ? 5.820   -3.956  -0.483  1.00 17.99 ? 115 ARG B N   1 
ATOM   1511 C  CA  . ARG B 1 100 ? 4.848   -4.160  0.615   1.00 19.22 ? 115 ARG B CA  1 
ATOM   1512 C  C   . ARG B 1 100 ? 4.494   -5.669  0.565   1.00 18.18 ? 115 ARG B C   1 
ATOM   1513 O  O   . ARG B 1 100 ? 4.352   -6.247  -0.519  1.00 18.29 ? 115 ARG B O   1 
ATOM   1514 C  CB  . ARG B 1 100 ? 3.581   -3.294  0.400   1.00 19.49 ? 115 ARG B CB  1 
ATOM   1515 C  CG  . ARG B 1 100 ? 2.610   -3.277  1.566   1.00 25.05 ? 115 ARG B CG  1 
ATOM   1516 C  CD  . ARG B 1 100 ? 1.598   -2.073  1.527   1.00 25.04 ? 115 ARG B CD  1 
ATOM   1517 N  NE  . ARG B 1 100 ? 2.226   -0.765  1.774   1.00 27.74 ? 115 ARG B NE  1 
ATOM   1518 C  CZ  . ARG B 1 100 ? 2.305   0.246   0.889   1.00 25.56 ? 115 ARG B CZ  1 
ATOM   1519 N  NH1 . ARG B 1 100 ? 2.929   1.368   1.244   1.00 24.73 ? 115 ARG B NH1 1 
ATOM   1520 N  NH2 . ARG B 1 100 ? 1.786   0.155   -0.331  1.00 25.93 ? 115 ARG B NH2 1 
ATOM   1521 N  N   . LEU B 1 101 ? 4.477   -6.309  1.724   1.00 16.40 ? 116 LEU B N   1 
ATOM   1522 C  CA  . LEU B 1 101 ? 4.196   -7.782  1.781   1.00 17.73 ? 116 LEU B CA  1 
ATOM   1523 C  C   . LEU B 1 101 ? 2.976   -8.003  2.646   1.00 17.78 ? 116 LEU B C   1 
ATOM   1524 O  O   . LEU B 1 101 ? 2.988   -7.553  3.796   1.00 18.25 ? 116 LEU B O   1 
ATOM   1525 C  CB  . LEU B 1 101 ? 5.387   -8.507  2.399   1.00 17.53 ? 116 LEU B CB  1 
ATOM   1526 C  CG  . LEU B 1 101 ? 5.210   -10.036 2.534   1.00 21.05 ? 116 LEU B CG  1 
ATOM   1527 C  CD1 . LEU B 1 101 ? 4.917   -10.692 1.179   1.00 19.28 ? 116 LEU B CD1 1 
ATOM   1528 C  CD2 . LEU B 1 101 ? 6.446   -10.670 3.224   1.00 20.86 ? 116 LEU B CD2 1 
ATOM   1529 N  N   . GLU B 1 102 ? 1.924   -8.610  2.088   1.00 16.28 ? 117 GLU B N   1 
ATOM   1530 C  CA  . GLU B 1 102 ? 0.758   -8.929  2.883   1.00 16.80 ? 117 GLU B CA  1 
ATOM   1531 C  C   . GLU B 1 102 ? 0.777   -10.422 3.188   1.00 16.46 ? 117 GLU B C   1 
ATOM   1532 O  O   . GLU B 1 102 ? 1.092   -11.219 2.306   1.00 16.78 ? 117 GLU B O   1 
ATOM   1533 C  CB  . GLU B 1 102 ? -0.518  -8.637  2.113   1.00 16.79 ? 117 GLU B CB  1 
ATOM   1534 C  CG  . GLU B 1 102 ? -0.737  -7.155  1.785   1.00 18.29 ? 117 GLU B CG  1 
ATOM   1535 C  CD  . GLU B 1 102 ? -2.034  -6.906  0.987   1.00 22.76 ? 117 GLU B CD  1 
ATOM   1536 O  OE1 . GLU B 1 102 ? -2.790  -7.882  0.676   1.00 23.00 ? 117 GLU B OE1 1 
ATOM   1537 O  OE2 . GLU B 1 102 ? -2.274  -5.696  0.647   1.00 22.13 ? 117 GLU B OE2 1 
ATOM   1538 N  N   . ILE B 1 103 ? 0.405   -10.776 4.419   1.00 16.65 ? 118 ILE B N   1 
ATOM   1539 C  CA  . ILE B 1 103 ? 0.432   -12.216 4.826   1.00 17.14 ? 118 ILE B CA  1 
ATOM   1540 C  C   . ILE B 1 103 ? -0.835  -12.512 5.622   1.00 17.19 ? 118 ILE B C   1 
ATOM   1541 O  O   . ILE B 1 103 ? -1.156  -11.811 6.575   1.00 18.69 ? 118 ILE B O   1 
ATOM   1542 C  CB  . ILE B 1 103 ? 1.644   -12.583 5.741   1.00 17.81 ? 118 ILE B CB  1 
ATOM   1543 C  CG1 . ILE B 1 103 ? 2.977   -12.167 5.138   1.00 16.57 ? 118 ILE B CG1 1 
ATOM   1544 C  CG2 . ILE B 1 103 ? 1.665   -14.112 5.929   1.00 17.18 ? 118 ILE B CG2 1 
ATOM   1545 C  CD1 . ILE B 1 103 ? 4.223   -12.500 6.002   1.00 19.62 ? 118 ILE B CD1 1 
ATOM   1546 N  N   . LYS B 1 104 ? -1.519  -13.574 5.251   1.00 19.50 ? 119 LYS B N   1 
ATOM   1547 C  CA  . LYS B 1 104 ? -2.731  -13.994 5.973   1.00 20.64 ? 119 LYS B CA  1 
ATOM   1548 C  C   . LYS B 1 104 ? -2.726  -15.508 6.160   1.00 20.92 ? 119 LYS B C   1 
ATOM   1549 O  O   . LYS B 1 104 ? -2.017  -16.216 5.468   1.00 19.20 ? 119 LYS B O   1 
ATOM   1550 C  CB  . LYS B 1 104 ? -3.992  -13.533 5.235   1.00 20.82 ? 119 LYS B CB  1 
ATOM   1551 C  CG  . LYS B 1 104 ? -4.184  -13.991 3.806   1.00 23.19 ? 119 LYS B CG  1 
ATOM   1552 C  CD  . LYS B 1 104 ? -5.444  -13.367 3.185   1.00 27.94 ? 119 LYS B CD  1 
ATOM   1553 C  CE  . LYS B 1 104 ? -5.584  -13.863 1.723   1.00 33.62 ? 119 LYS B CE  1 
ATOM   1554 N  NZ  . LYS B 1 104 ? -6.826  -13.383 1.075   1.00 38.48 ? 119 LYS B NZ  1 
ATOM   1555 N  N   . ALA B 1 105 ? -3.517  -15.957 7.121   1.00 22.92 ? 120 ALA B N   1 
ATOM   1556 C  CA  . ALA B 1 105 ? -3.726  -17.359 7.395   1.00 24.56 ? 120 ALA B CA  1 
ATOM   1557 C  C   . ALA B 1 105 ? -4.437  -18.026 6.181   1.00 28.17 ? 120 ALA B C   1 
ATOM   1558 O  O   . ALA B 1 105 ? -5.301  -17.400 5.546   1.00 27.84 ? 120 ALA B O   1 
ATOM   1559 C  CB  . ALA B 1 105 ? -4.542  -17.491 8.616   1.00 24.19 ? 120 ALA B CB  1 
ATOM   1560 N  N   . LYS B 1 106 ? -4.096  -19.274 5.851   1.00 30.34 ? 121 LYS B N   1 
ATOM   1561 C  CA  . LYS B 1 106 ? -4.705  -19.928 4.674   1.00 33.36 ? 121 LYS B CA  1 
ATOM   1562 C  C   . LYS B 1 106 ? -6.139  -20.319 4.924   1.00 34.37 ? 121 LYS B C   1 
ATOM   1563 O  O   . LYS B 1 106 ? -6.438  -20.764 6.025   1.00 36.55 ? 121 LYS B O   1 
ATOM   1564 C  CB  . LYS B 1 106 ? -3.970  -21.204 4.260   1.00 33.30 ? 121 LYS B CB  1 
ATOM   1565 C  CG  . LYS B 1 106 ? -4.744  -21.991 3.159   1.00 37.19 ? 121 LYS B CG  1 
ATOM   1566 C  CD  . LYS B 1 106 ? -3.952  -23.219 2.655   1.00 43.83 ? 121 LYS B CD  1 
ATOM   1567 C  CE  . LYS B 1 106 ? -4.006  -23.342 1.108   1.00 46.70 ? 121 LYS B CE  1 
ATOM   1568 N  NZ  . LYS B 1 106 ? -3.450  -22.068 0.389   1.00 46.24 ? 121 LYS B NZ  1 
HETATM 1569 BR BR  . BR  C 2 .   ? 5.803   13.903  -7.880  1.00 30.63 ? 201 BR  A BR  1 
HETATM 1570 BR BR  . BR  D 2 .   ? 19.398  -9.905  -10.919 1.00 21.23 ? 201 BR  B BR  1 
HETATM 1571 BR BR  . BR  E 2 .   ? -5.353  -13.719 8.747   1.00 32.42 ? 202 BR  B BR  1 
HETATM 1572 O  O   . HOH F 3 .   ? -24.069 9.712   5.868   1.00 18.54 ? 301 HOH A O   1 
HETATM 1573 O  O   . HOH F 3 .   ? -7.782  -1.034  8.034   1.00 23.36 ? 302 HOH A O   1 
HETATM 1574 O  O   . HOH F 3 .   ? -2.992  -5.680  9.917   1.00 17.38 ? 303 HOH A O   1 
HETATM 1575 O  O   . HOH F 3 .   ? -9.852  28.562  0.479   1.00 32.40 ? 304 HOH A O   1 
HETATM 1576 O  O   . HOH F 3 .   ? -4.483  25.670  -3.195  1.00 20.12 ? 305 HOH A O   1 
HETATM 1577 O  O   . HOH F 3 .   ? -0.436  3.125   -2.675  1.00 28.75 ? 306 HOH A O   1 
HETATM 1578 O  O   . HOH F 3 .   ? -4.211  4.100   5.599   1.00 20.39 ? 307 HOH A O   1 
HETATM 1579 O  O   . HOH F 3 .   ? 1.180   7.611   -8.268  1.00 19.61 ? 308 HOH A O   1 
HETATM 1580 O  O   . HOH F 3 .   ? -8.044  6.307   -8.081  1.00 26.07 ? 309 HOH A O   1 
HETATM 1581 O  O   . HOH F 3 .   ? 7.359   14.584  -0.593  1.00 38.35 ? 310 HOH A O   1 
HETATM 1582 O  O   . HOH F 3 .   ? -16.900 0.773   2.852   1.00 15.60 ? 311 HOH A O   1 
HETATM 1583 O  O   . HOH F 3 .   ? -11.460 5.314   -13.468 1.00 33.36 ? 312 HOH A O   1 
HETATM 1584 O  O   . HOH F 3 .   ? -11.741 3.730   -6.453  1.00 21.61 ? 313 HOH A O   1 
HETATM 1585 O  O   . HOH F 3 .   ? -10.779 15.608  -10.774 1.00 38.73 ? 314 HOH A O   1 
HETATM 1586 O  O   . HOH F 3 .   ? -8.658  12.261  -15.123 1.00 28.97 ? 315 HOH A O   1 
HETATM 1587 O  O   . HOH F 3 .   ? 0.540   3.662   -8.402  1.00 19.38 ? 316 HOH A O   1 
HETATM 1588 O  O   . HOH F 3 .   ? -3.421  16.534  -13.610 1.00 29.03 ? 317 HOH A O   1 
HETATM 1589 O  O   . HOH F 3 .   ? -14.309 0.580   -2.732  1.00 21.26 ? 318 HOH A O   1 
HETATM 1590 O  O   . HOH F 3 .   ? -3.533  -5.906  -7.528  1.00 39.07 ? 319 HOH A O   1 
HETATM 1591 O  O   . HOH F 3 .   ? -8.691  -0.946  -3.843  1.00 15.05 ? 320 HOH A O   1 
HETATM 1592 O  O   . HOH F 3 .   ? 2.405   6.601   -10.367 1.00 21.31 ? 321 HOH A O   1 
HETATM 1593 O  O   . HOH F 3 .   ? 4.619   11.138  1.420   1.00 24.88 ? 322 HOH A O   1 
HETATM 1594 O  O   . HOH F 3 .   ? -8.661  -8.619  -2.229  1.00 33.09 ? 323 HOH A O   1 
HETATM 1595 O  O   . HOH F 3 .   ? -8.099  8.868   8.398   1.00 25.53 ? 324 HOH A O   1 
HETATM 1596 O  O   . HOH F 3 .   ? -12.962 -5.383  5.845   1.00 24.21 ? 325 HOH A O   1 
HETATM 1597 O  O   . HOH F 3 .   ? -1.059  9.187   -8.597  1.00 23.26 ? 326 HOH A O   1 
HETATM 1598 O  O   . HOH F 3 .   ? 5.583   24.090  -5.164  1.00 30.96 ? 327 HOH A O   1 
HETATM 1599 O  O   . HOH F 3 .   ? -23.018 10.918  3.625   1.00 30.68 ? 328 HOH A O   1 
HETATM 1600 O  O   . HOH F 3 .   ? -7.951  -8.135  0.721   1.00 36.42 ? 329 HOH A O   1 
HETATM 1601 O  O   . HOH F 3 .   ? 1.351   23.471  -0.164  1.00 25.82 ? 330 HOH A O   1 
HETATM 1602 O  O   . HOH F 3 .   ? 5.527   20.695  -7.853  1.00 34.50 ? 331 HOH A O   1 
HETATM 1603 O  O   . HOH F 3 .   ? -20.567 13.226  2.143   1.00 34.25 ? 332 HOH A O   1 
HETATM 1604 O  O   . HOH F 3 .   ? -20.410 -3.971  -0.615  1.00 25.18 ? 333 HOH A O   1 
HETATM 1605 O  O   . HOH F 3 .   ? -13.020 21.562  -3.476  1.00 36.82 ? 334 HOH A O   1 
HETATM 1606 O  O   . HOH F 3 .   ? -6.518  6.353   7.591   1.00 31.15 ? 335 HOH A O   1 
HETATM 1607 O  O   . HOH F 3 .   ? 12.168  15.196  -7.614  1.00 30.02 ? 336 HOH A O   1 
HETATM 1608 O  O   . HOH F 3 .   ? -1.763  -2.445  2.453   1.00 27.06 ? 337 HOH A O   1 
HETATM 1609 O  O   . HOH F 3 .   ? -5.283  0.437   7.487   1.00 29.53 ? 338 HOH A O   1 
HETATM 1610 O  O   . HOH F 3 .   ? 5.180   22.573  1.882   1.00 30.30 ? 339 HOH A O   1 
HETATM 1611 O  O   . HOH F 3 .   ? -8.985  -9.379  5.339   1.00 33.68 ? 340 HOH A O   1 
HETATM 1612 O  O   . HOH F 3 .   ? -21.250 -1.384  6.547   1.00 34.38 ? 341 HOH A O   1 
HETATM 1613 O  O   . HOH F 3 .   ? -14.763 -3.659  10.460  1.00 38.99 ? 342 HOH A O   1 
HETATM 1614 O  O   . HOH F 3 .   ? -13.043 -8.028  4.545   1.00 27.76 ? 343 HOH A O   1 
HETATM 1615 O  O   . HOH F 3 .   ? -11.756 6.222   -5.770  1.00 30.06 ? 344 HOH A O   1 
HETATM 1616 O  O   . HOH F 3 .   ? -1.442  0.500   -1.793  1.00 32.50 ? 345 HOH A O   1 
HETATM 1617 O  O   . HOH F 3 .   ? -17.231 6.101   11.279  1.00 28.66 ? 346 HOH A O   1 
HETATM 1618 O  O   . HOH F 3 .   ? -14.044 5.251   10.220  1.00 18.44 ? 347 HOH A O   1 
HETATM 1619 O  O   . HOH F 3 .   ? -10.624 9.899   10.579  1.00 23.72 ? 348 HOH A O   1 
HETATM 1620 O  O   . HOH F 3 .   ? -5.105  14.729  9.277   1.00 32.66 ? 349 HOH A O   1 
HETATM 1621 O  O   . HOH F 3 .   ? -15.271 11.909  5.366   1.00 19.18 ? 350 HOH A O   1 
HETATM 1622 O  O   . HOH F 3 .   ? -13.779 15.277  -4.758  1.00 28.38 ? 351 HOH A O   1 
HETATM 1623 O  O   . HOH F 3 .   ? -9.959  19.172  -11.482 1.00 26.07 ? 352 HOH A O   1 
HETATM 1624 O  O   . HOH F 3 .   ? -6.769  27.184  -11.548 1.00 22.16 ? 353 HOH A O   1 
HETATM 1625 O  O   . HOH F 3 .   ? -5.194  29.124  -10.103 1.00 25.04 ? 354 HOH A O   1 
HETATM 1626 O  O   . HOH F 3 .   ? -9.675  2.662   -6.970  1.00 36.86 ? 355 HOH A O   1 
HETATM 1627 O  O   . HOH F 3 .   ? -18.497 -5.880  5.033   1.00 27.27 ? 356 HOH A O   1 
HETATM 1628 O  O   . HOH F 3 .   ? -16.506 -8.951  -4.235  1.00 40.24 ? 357 HOH A O   1 
HETATM 1629 O  O   . HOH F 3 .   ? 11.449  14.242  -11.235 1.00 36.70 ? 358 HOH A O   1 
HETATM 1630 O  O   . HOH F 3 .   ? -28.163 9.868   6.479   1.00 28.13 ? 359 HOH A O   1 
HETATM 1631 O  O   . HOH F 3 .   ? -21.058 9.395   1.945   1.00 26.97 ? 360 HOH A O   1 
HETATM 1632 O  O   . HOH F 3 .   ? -6.141  12.988  10.468  1.00 44.45 ? 361 HOH A O   1 
HETATM 1633 O  O   . HOH F 3 .   ? -8.183  15.306  11.121  1.00 43.21 ? 362 HOH A O   1 
HETATM 1634 O  O   . HOH F 3 .   ? -29.350 2.225   4.110   1.00 38.48 ? 363 HOH A O   1 
HETATM 1635 O  O   . HOH F 3 .   ? 2.428   25.422  -1.129  1.00 32.56 ? 364 HOH A O   1 
HETATM 1636 O  O   . HOH F 3 .   ? -11.399 14.453  -8.723  1.00 35.06 ? 365 HOH A O   1 
HETATM 1637 O  O   . HOH F 3 .   ? -2.337  -3.104  9.541   1.00 41.26 ? 366 HOH A O   1 
HETATM 1638 O  O   . HOH F 3 .   ? -25.979 0.004   -1.000  1.00 35.59 ? 367 HOH A O   1 
HETATM 1639 O  O   . HOH F 3 .   ? -6.397  -0.973  -5.735  1.00 24.29 ? 368 HOH A O   1 
HETATM 1640 O  O   . HOH F 3 .   ? -16.665 -2.270  -6.369  1.00 17.63 ? 369 HOH A O   1 
HETATM 1641 O  O   . HOH F 3 .   ? -14.495 6.500   -5.839  1.00 31.75 ? 370 HOH A O   1 
HETATM 1642 O  O   . HOH F 3 .   ? -4.981  -3.557  -6.864  1.00 36.49 ? 371 HOH A O   1 
HETATM 1643 O  O   . HOH G 3 .   ? 14.325  -3.178  -8.720  1.00 19.22 ? 301 HOH B O   1 
HETATM 1644 O  O   . HOH G 3 .   ? 24.486  -8.307  -5.305  1.00 11.96 ? 302 HOH B O   1 
HETATM 1645 O  O   . HOH G 3 .   ? 11.869  -17.724 -0.882  1.00 36.88 ? 303 HOH B O   1 
HETATM 1646 O  O   . HOH G 3 .   ? 6.850   9.529   -0.963  1.00 17.85 ? 304 HOH B O   1 
HETATM 1647 O  O   . HOH G 3 .   ? -3.596  -10.271 1.657   1.00 30.60 ? 305 HOH B O   1 
HETATM 1648 O  O   . HOH G 3 .   ? -6.655  -15.469 -1.450  1.00 42.65 ? 306 HOH B O   1 
HETATM 1649 O  O   . HOH G 3 .   ? 14.104  -21.305 4.248   1.00 33.89 ? 307 HOH B O   1 
HETATM 1650 O  O   . HOH G 3 .   ? -1.297  -28.531 10.255  1.00 39.91 ? 308 HOH B O   1 
HETATM 1651 O  O   . HOH G 3 .   ? 3.518   -4.335  -7.825  1.00 20.47 ? 309 HOH B O   1 
HETATM 1652 O  O   . HOH G 3 .   ? 1.239   -6.117  -0.676  1.00 34.12 ? 310 HOH B O   1 
HETATM 1653 O  O   . HOH G 3 .   ? 8.207   -6.517  -14.607 1.00 37.05 ? 311 HOH B O   1 
HETATM 1654 O  O   . HOH G 3 .   ? 6.935   -11.389 -6.327  1.00 45.86 ? 312 HOH B O   1 
HETATM 1655 O  O   . HOH G 3 .   ? 12.630  -11.930 -10.388 1.00 20.80 ? 313 HOH B O   1 
HETATM 1656 O  O   . HOH G 3 .   ? 11.050  -1.336  3.390   1.00 34.45 ? 314 HOH B O   1 
HETATM 1657 O  O   . HOH G 3 .   ? 13.767  -4.068  8.943   1.00 42.22 ? 315 HOH B O   1 
HETATM 1658 O  O   . HOH G 3 .   ? 4.699   -17.061 14.958  1.00 21.17 ? 316 HOH B O   1 
HETATM 1659 O  O   . HOH G 3 .   ? 2.669   -11.747 -4.963  1.00 29.06 ? 317 HOH B O   1 
HETATM 1660 O  O   . HOH G 3 .   ? -2.535  -23.732 8.980   1.00 41.32 ? 318 HOH B O   1 
HETATM 1661 O  O   . HOH G 3 .   ? 10.496  3.674   -2.259  1.00 22.02 ? 319 HOH B O   1 
HETATM 1662 O  O   . HOH G 3 .   ? 11.529  4.044   -9.030  1.00 22.84 ? 320 HOH B O   1 
HETATM 1663 O  O   . HOH G 3 .   ? -4.725  -7.901  -0.982  1.00 26.15 ? 321 HOH B O   1 
HETATM 1664 O  O   . HOH G 3 .   ? 28.016  -8.886  -7.241  1.00 20.49 ? 322 HOH B O   1 
HETATM 1665 O  O   . HOH G 3 .   ? -0.426  -3.977  0.765   1.00 28.16 ? 323 HOH B O   1 
HETATM 1666 O  O   . HOH G 3 .   ? 26.349  -8.170  -10.990 1.00 17.31 ? 324 HOH B O   1 
HETATM 1667 O  O   . HOH G 3 .   ? 7.187   -0.330  2.502   1.00 20.63 ? 325 HOH B O   1 
HETATM 1668 O  O   . HOH G 3 .   ? 15.620  5.328   -7.748  1.00 37.71 ? 326 HOH B O   1 
HETATM 1669 O  O   . HOH G 3 .   ? 5.933   -29.090 10.800  1.00 34.33 ? 327 HOH B O   1 
HETATM 1670 O  O   . HOH G 3 .   ? 10.404  5.011   -11.091 1.00 30.11 ? 328 HOH B O   1 
HETATM 1671 O  O   . HOH G 3 .   ? 3.866   -16.444 19.230  1.00 36.44 ? 329 HOH B O   1 
HETATM 1672 O  O   . HOH G 3 .   ? 3.953   -19.025 16.684  1.00 25.52 ? 330 HOH B O   1 
HETATM 1673 O  O   . HOH G 3 .   ? -1.945  -2.113  -4.570  1.00 34.04 ? 331 HOH B O   1 
HETATM 1674 O  O   . HOH G 3 .   ? 19.870  -8.308  2.155   1.00 40.57 ? 332 HOH B O   1 
HETATM 1675 O  O   . HOH G 3 .   ? -4.293  -1.057  -9.406  1.00 30.86 ? 333 HOH B O   1 
HETATM 1676 O  O   . HOH G 3 .   ? 13.950  4.628   -10.262 1.00 46.52 ? 334 HOH B O   1 
HETATM 1677 O  O   . HOH G 3 .   ? 2.223   2.052   -12.367 1.00 40.89 ? 335 HOH B O   1 
HETATM 1678 O  O   . HOH G 3 .   ? 12.958  -5.895  10.622  1.00 34.95 ? 336 HOH B O   1 
HETATM 1679 O  O   . HOH G 3 .   ? 5.316   -28.867 7.985   1.00 26.62 ? 337 HOH B O   1 
HETATM 1680 O  O   . HOH G 3 .   ? 0.554   -5.988  10.872  1.00 30.05 ? 338 HOH B O   1 
HETATM 1681 O  O   . HOH G 3 .   ? 1.982   2.707   -1.795  1.00 24.93 ? 339 HOH B O   1 
HETATM 1682 O  O   . HOH G 3 .   ? 0.105   -1.803  -1.577  1.00 30.60 ? 340 HOH B O   1 
HETATM 1683 O  O   . HOH G 3 .   ? 1.021   -5.254  -7.035  1.00 33.71 ? 341 HOH B O   1 
HETATM 1684 O  O   . HOH G 3 .   ? 16.615  -3.178  4.934   1.00 28.67 ? 342 HOH B O   1 
HETATM 1685 O  O   . HOH G 3 .   ? 8.796   -21.940 12.434  1.00 29.21 ? 343 HOH B O   1 
HETATM 1686 O  O   . HOH G 3 .   ? 7.518   7.898   -9.097  1.00 29.67 ? 344 HOH B O   1 
HETATM 1687 O  O   . HOH G 3 .   ? 20.720  -0.949  -0.950  1.00 23.30 ? 345 HOH B O   1 
HETATM 1688 O  O   . HOH G 3 .   ? 17.738  -0.536  -0.301  1.00 21.09 ? 346 HOH B O   1 
HETATM 1689 O  O   . HOH G 3 .   ? 17.808  -8.549  1.174   1.00 26.26 ? 347 HOH B O   1 
HETATM 1690 O  O   . HOH G 3 .   ? 3.921   3.762   -9.936  1.00 27.98 ? 348 HOH B O   1 
HETATM 1691 O  O   . HOH G 3 .   ? -9.237  -12.590 14.065  1.00 32.61 ? 349 HOH B O   1 
HETATM 1692 O  O   . HOH G 3 .   ? 13.247  -2.967  4.622   1.00 42.03 ? 350 HOH B O   1 
HETATM 1693 O  O   . HOH G 3 .   ? 13.317  -3.362  -15.828 1.00 24.94 ? 351 HOH B O   1 
HETATM 1694 O  O   . HOH G 3 .   ? -2.229  -12.534 1.083   1.00 29.27 ? 352 HOH B O   1 
HETATM 1695 O  O   . HOH G 3 .   ? 14.629  2.236   -13.314 1.00 34.90 ? 353 HOH B O   1 
HETATM 1696 O  O   . HOH G 3 .   ? -1.453  -4.480  -11.439 1.00 36.64 ? 354 HOH B O   1 
HETATM 1697 O  O   . HOH G 3 .   ? 5.662   -24.078 0.916   1.00 26.25 ? 355 HOH B O   1 
HETATM 1698 O  O   . HOH G 3 .   ? 15.176  -22.977 12.478  1.00 33.79 ? 356 HOH B O   1 
HETATM 1699 O  O   . HOH G 3 .   ? 28.464  -6.413  -11.685 1.00 36.74 ? 357 HOH B O   1 
HETATM 1700 O  O   . HOH G 3 .   ? -1.768  -9.492  13.070  1.00 34.63 ? 358 HOH B O   1 
HETATM 1701 O  O   . HOH G 3 .   ? 12.885  -17.703 15.757  1.00 31.79 ? 359 HOH B O   1 
HETATM 1702 O  O   . HOH G 3 .   ? 6.505   -3.210  8.781   1.00 21.91 ? 360 HOH B O   1 
HETATM 1703 O  O   . HOH G 3 .   ? 22.754  -10.455 -4.880  1.00 29.96 ? 361 HOH B O   1 
HETATM 1704 O  O   . HOH G 3 .   ? 9.355   -6.518  -10.079 1.00 29.14 ? 362 HOH B O   1 
# 
